data_8HX9
#
_entry.id   8HX9
#
_cell.length_a   99.289
_cell.length_b   170.784
_cell.length_c   162.079
_cell.angle_alpha   90.00
_cell.angle_beta   90.00
_cell.angle_gamma   90.00
#
_symmetry.space_group_name_H-M   'C 2 2 21'
#
loop_
_entity.id
_entity.type
_entity.pdbx_description
1 polymer '4-amino-4-deoxychorismate synthase'
2 non-polymer TRYPTOPHAN
3 non-polymer '(3R,4R)-3-[(1-carboxyethenyl)oxy]-4-hydroxycyclohexa-1,5-diene-1-carboxylic acid'
4 non-polymer GLYCEROL
5 non-polymer 'MAGNESIUM ION'
6 non-polymer 'FORMIC ACID'
7 water water
#
_entity_poly.entity_id   1
_entity_poly.type   'polypeptide(L)'
_entity_poly.pdbx_seq_one_letter_code
;MNHKVHHHHHHIEGRHMRTLLIDNYDSFTHNLFQYIGEATGQPPVVVPNDADWSRLPVEDFDAIVVSPGPGSPDRERDFG
ISRRAITDSGLPVLGV(OCS)LGHQGIAQLFGGTVGLAPEPMHGRVSEVRHTGEDVFRGLPSPFTAVRYHSLAATDLPDE
LEPLAWSDDGVVMGLRHREKPLWGVQFHPESIGSDFGREIMANFRDLALAHHRARRHGADSPYELHVRRVDVLPDAEEVR
RGCLPGEGTTFWLDSSSVLEGASRFSFLGDDRGPLAEYLTYRVADGVVSVRGSDGTTTRTRRPFFNYLEEQLERRRVPVA
PELPFEFNLGYVGYLGYELKAETTGDPAHRSPHPDAAFLFADRAIALDHQEGCCYLLALDRRGHDDGARAWLRETAETLT
GLAVRAPAEPTPAMVFGIPEAAAGFGPLARARHDKDAYLKRIDECLKEIRNGESYEICLTNMVTAPTEATALPLYSALRA
ISPVPYGALLEFPELSVLSASPERFLTIGADGGVESKPIKGTRPRGGTAEEDERLRADLAGREKDRAENLMIVDLVRNDL
NSVCAIGSVHVPRLFEVETYAPVHQLVSTIRGRLRPGTSTAACVRAAFPGGSMTGAPKKRTMEIIDRLEEGPRGVYSGAL
GWFALSGAADLSIVIRTIVLADGQAEFGVGGAIVSLSDQEEEFTETVVKARAMVTALDGSAVAGAR
;
_entity_poly.pdbx_strand_id   A,B
#
# COMPACT_ATOMS: atom_id res chain seq x y z
N ARG A 15 -5.27 -5.50 -17.42
CA ARG A 15 -6.20 -5.91 -16.33
C ARG A 15 -5.40 -6.07 -15.05
N HIS A 16 -5.79 -7.00 -14.17
CA HIS A 16 -5.05 -7.29 -12.96
C HIS A 16 -4.99 -8.79 -12.73
N MET A 17 -4.12 -9.18 -11.80
CA MET A 17 -3.86 -10.57 -11.44
C MET A 17 -5.00 -11.06 -10.53
N ARG A 18 -5.26 -12.37 -10.54
CA ARG A 18 -6.29 -12.97 -9.69
C ARG A 18 -5.65 -14.04 -8.83
N THR A 19 -5.54 -13.77 -7.51
CA THR A 19 -4.83 -14.64 -6.59
C THR A 19 -5.80 -15.46 -5.76
N LEU A 20 -5.40 -16.70 -5.45
CA LEU A 20 -6.19 -17.63 -4.67
C LEU A 20 -5.47 -17.92 -3.36
N LEU A 21 -6.20 -17.80 -2.23
CA LEU A 21 -5.65 -18.08 -0.92
C LEU A 21 -6.39 -19.26 -0.30
N ILE A 22 -5.66 -20.33 -0.02
CA ILE A 22 -6.23 -21.54 0.55
C ILE A 22 -6.20 -21.42 2.07
N ASP A 23 -7.40 -21.40 2.67
CA ASP A 23 -7.57 -21.42 4.12
C ASP A 23 -7.41 -22.87 4.60
N ASN A 24 -6.36 -23.12 5.39
CA ASN A 24 -6.13 -24.41 6.01
C ASN A 24 -6.52 -24.34 7.49
N TYR A 25 -7.41 -23.40 7.83
CA TYR A 25 -8.10 -23.36 9.12
C TYR A 25 -7.11 -23.11 10.26
N ASP A 26 -6.22 -22.13 10.08
CA ASP A 26 -5.32 -21.69 11.14
C ASP A 26 -5.52 -20.19 11.38
N SER A 27 -4.75 -19.63 12.31
CA SER A 27 -4.92 -18.26 12.75
C SER A 27 -4.04 -17.31 11.93
N PHE A 28 -4.05 -17.47 10.60
CA PHE A 28 -3.12 -16.75 9.73
C PHE A 28 -3.78 -16.29 8.43
N THR A 29 -4.85 -16.97 7.99
CA THR A 29 -5.43 -16.73 6.68
C THR A 29 -5.75 -15.25 6.48
N HIS A 30 -6.37 -14.61 7.49
CA HIS A 30 -6.89 -13.26 7.34
C HIS A 30 -5.76 -12.23 7.41
N ASN A 31 -4.65 -12.58 8.07
CA ASN A 31 -3.46 -11.74 8.10
C ASN A 31 -2.81 -11.72 6.72
N LEU A 32 -2.60 -12.93 6.15
CA LEU A 32 -2.12 -13.09 4.79
C LEU A 32 -3.02 -12.30 3.83
N PHE A 33 -4.33 -12.34 4.09
CA PHE A 33 -5.30 -11.64 3.27
C PHE A 33 -4.99 -10.15 3.25
N GLN A 34 -4.62 -9.58 4.42
CA GLN A 34 -4.28 -8.17 4.50
C GLN A 34 -3.02 -7.88 3.69
N TYR A 35 -1.99 -8.73 3.88
CA TYR A 35 -0.67 -8.48 3.31
C TYR A 35 -0.72 -8.59 1.79
N ILE A 36 -1.51 -9.54 1.26
CA ILE A 36 -1.66 -9.70 -0.18
C ILE A 36 -2.40 -8.49 -0.74
N GLY A 37 -3.45 -8.05 -0.05
CA GLY A 37 -4.24 -6.90 -0.46
C GLY A 37 -3.40 -5.63 -0.62
N GLU A 38 -2.52 -5.39 0.37
CA GLU A 38 -1.73 -4.18 0.40
C GLU A 38 -0.57 -4.27 -0.60
N ALA A 39 0.02 -5.46 -0.73
CA ALA A 39 1.20 -5.67 -1.57
C ALA A 39 0.84 -5.58 -3.05
N THR A 40 -0.37 -6.02 -3.40
CA THR A 40 -0.76 -6.18 -4.80
C THR A 40 -1.88 -5.22 -5.20
N GLY A 41 -2.59 -4.66 -4.22
CA GLY A 41 -3.69 -3.75 -4.49
C GLY A 41 -4.96 -4.49 -4.92
N GLN A 42 -5.01 -5.80 -4.64
CA GLN A 42 -6.13 -6.67 -4.98
C GLN A 42 -6.29 -7.71 -3.88
N PRO A 43 -7.49 -7.87 -3.28
CA PRO A 43 -7.69 -8.90 -2.26
C PRO A 43 -7.71 -10.28 -2.91
N PRO A 44 -7.11 -11.31 -2.27
CA PRO A 44 -7.22 -12.68 -2.78
C PRO A 44 -8.62 -13.26 -2.55
N VAL A 45 -9.03 -14.17 -3.44
CA VAL A 45 -10.25 -14.94 -3.25
C VAL A 45 -9.93 -16.09 -2.29
N VAL A 46 -10.54 -16.04 -1.10
CA VAL A 46 -10.29 -17.04 -0.07
C VAL A 46 -11.15 -18.27 -0.35
N VAL A 47 -10.52 -19.46 -0.29
CA VAL A 47 -11.20 -20.72 -0.51
C VAL A 47 -10.80 -21.67 0.62
N PRO A 48 -11.76 -22.43 1.22
CA PRO A 48 -11.41 -23.42 2.23
C PRO A 48 -10.76 -24.64 1.59
N ASN A 49 -10.05 -25.43 2.40
CA ASN A 49 -9.30 -26.57 1.90
C ASN A 49 -10.25 -27.71 1.56
N ASP A 50 -11.33 -27.85 2.35
CA ASP A 50 -12.25 -28.98 2.22
C ASP A 50 -13.15 -28.80 0.99
N ALA A 51 -13.23 -27.57 0.45
CA ALA A 51 -13.95 -27.32 -0.78
C ALA A 51 -13.36 -28.17 -1.91
N ASP A 52 -14.23 -28.65 -2.80
CA ASP A 52 -13.84 -29.60 -3.83
C ASP A 52 -13.15 -28.87 -4.97
N TRP A 53 -12.01 -29.42 -5.42
CA TRP A 53 -11.23 -28.83 -6.50
C TRP A 53 -11.87 -29.14 -7.85
N SER A 54 -12.75 -30.15 -7.88
CA SER A 54 -13.51 -30.48 -9.08
C SER A 54 -14.32 -29.28 -9.56
N ARG A 55 -14.91 -28.56 -8.60
CA ARG A 55 -15.79 -27.43 -8.92
C ARG A 55 -14.96 -26.16 -9.15
N LEU A 56 -13.81 -26.04 -8.48
CA LEU A 56 -13.03 -24.81 -8.47
C LEU A 56 -12.67 -24.38 -9.89
N PRO A 57 -12.76 -23.08 -10.22
CA PRO A 57 -12.33 -22.56 -11.51
C PRO A 57 -10.86 -22.15 -11.46
N VAL A 58 -9.98 -23.16 -11.49
CA VAL A 58 -8.54 -22.96 -11.43
C VAL A 58 -8.09 -22.07 -12.58
N GLU A 59 -8.76 -22.18 -13.73
CA GLU A 59 -8.46 -21.39 -14.92
C GLU A 59 -8.57 -19.89 -14.62
N ASP A 60 -9.60 -19.51 -13.85
CA ASP A 60 -9.92 -18.11 -13.59
C ASP A 60 -8.87 -17.46 -12.69
N PHE A 61 -7.96 -18.24 -12.11
CA PHE A 61 -6.98 -17.74 -11.16
C PHE A 61 -5.57 -17.83 -11.73
N ASP A 62 -4.65 -17.06 -11.14
CA ASP A 62 -3.31 -16.86 -11.70
C ASP A 62 -2.21 -17.19 -10.68
N ALA A 63 -2.57 -17.38 -9.40
CA ALA A 63 -1.57 -17.66 -8.37
C ALA A 63 -2.24 -18.24 -7.13
N ILE A 64 -1.49 -19.08 -6.40
CA ILE A 64 -2.02 -19.78 -5.23
C ILE A 64 -1.08 -19.52 -4.05
N VAL A 65 -1.67 -19.23 -2.89
CA VAL A 65 -0.94 -19.12 -1.63
C VAL A 65 -1.51 -20.15 -0.67
N VAL A 66 -0.63 -20.87 0.04
CA VAL A 66 -1.02 -21.96 0.92
C VAL A 66 -0.57 -21.64 2.34
N SER A 67 -1.51 -21.72 3.29
CA SER A 67 -1.26 -21.39 4.68
C SER A 67 -0.94 -22.66 5.47
N PRO A 68 -0.39 -22.56 6.71
CA PRO A 68 -0.07 -23.74 7.51
C PRO A 68 -1.30 -24.65 7.77
N ARG A 84 -3.35 -31.40 -3.25
CA ARG A 84 -2.88 -32.33 -4.31
C ARG A 84 -2.90 -31.60 -5.65
N ALA A 85 -4.11 -31.14 -6.05
CA ALA A 85 -4.30 -30.37 -7.26
C ALA A 85 -3.57 -29.03 -7.15
N ILE A 86 -3.22 -28.66 -5.91
CA ILE A 86 -2.51 -27.44 -5.60
C ILE A 86 -1.25 -27.35 -6.45
N THR A 87 -0.36 -28.34 -6.28
CA THR A 87 0.97 -28.31 -6.90
C THR A 87 0.89 -28.63 -8.39
N ASP A 88 -0.02 -29.54 -8.77
CA ASP A 88 -0.16 -29.95 -10.15
C ASP A 88 -1.38 -29.26 -10.77
N SER A 89 -1.36 -27.92 -10.75
CA SER A 89 -2.38 -27.09 -11.38
C SER A 89 -1.78 -26.25 -12.50
N GLY A 90 -0.44 -26.24 -12.61
CA GLY A 90 0.25 -25.40 -13.58
C GLY A 90 0.52 -23.99 -13.05
N LEU A 91 -0.14 -23.63 -11.94
CA LEU A 91 -0.11 -22.27 -11.44
C LEU A 91 1.05 -22.09 -10.46
N PRO A 92 1.60 -20.87 -10.31
CA PRO A 92 2.56 -20.56 -9.25
C PRO A 92 1.96 -20.74 -7.85
N VAL A 93 2.77 -21.27 -6.92
CA VAL A 93 2.31 -21.61 -5.59
C VAL A 93 3.34 -21.12 -4.56
N LEU A 94 2.85 -20.63 -3.41
CA LEU A 94 3.67 -20.25 -2.28
C LEU A 94 3.18 -20.97 -1.03
N GLY A 95 4.05 -21.78 -0.42
CA GLY A 95 3.74 -22.49 0.79
C GLY A 95 4.31 -21.77 2.02
N VAL A 96 3.41 -21.36 2.93
CA VAL A 96 3.80 -20.52 4.06
C VAL A 96 3.89 -21.38 5.32
N LEU A 98 4.79 -24.68 6.32
CA LEU A 98 4.04 -25.92 6.36
C LEU A 98 5.00 -27.11 6.16
N MET A 118 11.67 -22.55 19.50
CA MET A 118 11.15 -23.38 18.37
C MET A 118 9.87 -22.75 17.83
N HIS A 119 8.88 -22.57 18.73
CA HIS A 119 7.58 -22.03 18.37
C HIS A 119 7.49 -20.58 18.83
N GLY A 120 6.97 -19.71 17.95
CA GLY A 120 6.91 -18.28 18.21
C GLY A 120 8.31 -17.64 18.23
N ARG A 121 9.29 -18.36 17.66
CA ARG A 121 10.70 -18.01 17.78
C ARG A 121 11.06 -17.01 16.68
N VAL A 122 11.81 -15.96 17.07
CA VAL A 122 12.33 -14.97 16.15
C VAL A 122 13.71 -15.41 15.68
N SER A 123 13.94 -15.37 14.36
CA SER A 123 15.20 -15.80 13.77
C SER A 123 15.67 -14.79 12.73
N GLU A 124 16.99 -14.61 12.64
CA GLU A 124 17.62 -13.87 11.56
C GLU A 124 17.79 -14.80 10.36
N VAL A 125 17.35 -14.33 9.19
CA VAL A 125 17.26 -15.15 7.99
C VAL A 125 18.22 -14.60 6.94
N ARG A 126 19.19 -15.42 6.53
CA ARG A 126 20.15 -15.05 5.50
C ARG A 126 19.83 -15.78 4.20
N HIS A 127 20.04 -15.09 3.08
CA HIS A 127 19.48 -15.51 1.80
C HIS A 127 20.31 -14.96 0.65
N THR A 128 19.96 -15.40 -0.57
CA THR A 128 20.72 -15.13 -1.78
C THR A 128 20.07 -14.01 -2.60
N GLY A 129 18.87 -13.58 -2.18
CA GLY A 129 18.19 -12.45 -2.80
C GLY A 129 17.45 -12.85 -4.07
N GLU A 130 17.11 -14.14 -4.19
CA GLU A 130 16.48 -14.68 -5.38
C GLU A 130 14.99 -14.89 -5.10
N ASP A 131 14.17 -14.57 -6.11
CA ASP A 131 12.75 -14.89 -6.14
C ASP A 131 12.03 -14.13 -5.02
N VAL A 132 11.55 -14.84 -3.98
CA VAL A 132 10.70 -14.23 -2.97
C VAL A 132 11.52 -13.32 -2.05
N PHE A 133 12.85 -13.51 -2.03
CA PHE A 133 13.74 -12.74 -1.18
C PHE A 133 14.35 -11.57 -1.96
N ARG A 134 13.72 -11.19 -3.09
CA ARG A 134 14.25 -10.17 -3.98
C ARG A 134 14.33 -8.82 -3.28
N GLY A 135 15.55 -8.30 -3.14
CA GLY A 135 15.76 -6.93 -2.66
C GLY A 135 15.71 -6.81 -1.14
N LEU A 136 15.47 -7.92 -0.44
CA LEU A 136 15.45 -7.94 1.02
C LEU A 136 16.89 -7.88 1.53
N PRO A 137 17.17 -7.19 2.64
CA PRO A 137 18.48 -7.25 3.27
C PRO A 137 18.74 -8.66 3.83
N SER A 138 20.02 -9.01 3.97
CA SER A 138 20.44 -10.27 4.54
C SER A 138 21.50 -9.99 5.60
N PRO A 139 21.24 -10.25 6.91
CA PRO A 139 20.00 -10.88 7.37
C PRO A 139 18.76 -9.99 7.45
N PHE A 140 17.61 -10.64 7.67
CA PHE A 140 16.37 -9.96 8.04
C PHE A 140 15.63 -10.86 9.04
N THR A 141 14.70 -10.26 9.79
CA THR A 141 14.07 -10.92 10.93
C THR A 141 12.75 -11.57 10.50
N ALA A 142 12.53 -12.80 10.96
CA ALA A 142 11.31 -13.54 10.64
C ALA A 142 10.89 -14.41 11.82
N VAL A 143 9.57 -14.44 12.09
CA VAL A 143 8.99 -15.30 13.10
C VAL A 143 8.61 -16.63 12.45
N ARG A 144 8.92 -17.73 13.14
CA ARG A 144 8.66 -19.06 12.62
C ARG A 144 7.93 -19.85 13.70
N TYR A 145 6.88 -20.58 13.28
CA TYR A 145 5.99 -21.25 14.21
C TYR A 145 6.39 -22.72 14.35
N HIS A 146 6.53 -23.43 13.21
CA HIS A 146 6.93 -24.83 13.24
C HIS A 146 8.40 -24.94 13.65
N ASP A 155 16.28 -32.57 0.29
CA ASP A 155 15.67 -33.47 -0.72
C ASP A 155 16.20 -33.07 -2.10
N GLU A 156 15.31 -32.93 -3.09
CA GLU A 156 15.72 -32.61 -4.45
C GLU A 156 15.63 -31.10 -4.70
N LEU A 157 14.79 -30.39 -3.92
CA LEU A 157 14.49 -28.99 -4.16
C LEU A 157 15.71 -28.12 -3.82
N GLU A 158 15.65 -26.85 -4.22
CA GLU A 158 16.76 -25.92 -4.07
C GLU A 158 16.52 -24.98 -2.89
N PRO A 159 17.32 -25.06 -1.80
CA PRO A 159 17.18 -24.13 -0.68
C PRO A 159 17.65 -22.72 -1.05
N LEU A 160 16.97 -21.70 -0.50
CA LEU A 160 17.20 -20.31 -0.85
C LEU A 160 17.60 -19.48 0.38
N ALA A 161 17.20 -19.91 1.58
CA ALA A 161 17.43 -19.13 2.79
C ALA A 161 17.67 -20.05 3.98
N TRP A 162 18.39 -19.54 4.99
CA TRP A 162 18.70 -20.29 6.20
C TRP A 162 18.58 -19.39 7.42
N SER A 163 18.06 -19.95 8.52
CA SER A 163 17.98 -19.24 9.79
C SER A 163 19.33 -19.32 10.50
N ASP A 164 19.50 -18.48 11.51
CA ASP A 164 20.67 -18.51 12.37
C ASP A 164 20.74 -19.84 13.13
N ASP A 165 19.64 -20.60 13.11
CA ASP A 165 19.61 -21.95 13.67
C ASP A 165 20.30 -22.95 12.75
N GLY A 166 20.38 -22.62 11.46
CA GLY A 166 20.88 -23.55 10.45
C GLY A 166 19.74 -24.36 9.83
N VAL A 167 18.51 -23.84 9.90
CA VAL A 167 17.35 -24.47 9.31
C VAL A 167 17.01 -23.74 8.01
N VAL A 168 16.51 -24.51 7.02
CA VAL A 168 16.10 -23.95 5.75
C VAL A 168 14.87 -23.07 5.95
N MET A 169 14.99 -21.80 5.56
CA MET A 169 13.91 -20.82 5.73
C MET A 169 13.23 -20.56 4.38
N GLY A 170 13.85 -21.02 3.28
CA GLY A 170 13.29 -20.81 1.95
C GLY A 170 13.73 -21.92 1.00
N LEU A 171 12.80 -22.34 0.13
CA LEU A 171 13.08 -23.41 -0.84
C LEU A 171 12.32 -23.13 -2.13
N ARG A 172 12.70 -23.86 -3.19
CA ARG A 172 12.24 -23.64 -4.54
C ARG A 172 12.20 -24.96 -5.28
N HIS A 173 11.14 -25.19 -6.08
CA HIS A 173 11.14 -26.31 -7.01
C HIS A 173 11.89 -25.87 -8.27
N ARG A 174 12.75 -26.75 -8.77
CA ARG A 174 13.76 -26.38 -9.75
C ARG A 174 13.12 -26.19 -11.11
N GLU A 175 12.02 -26.92 -11.37
CA GLU A 175 11.28 -26.82 -12.61
C GLU A 175 9.94 -26.11 -12.36
N LYS A 176 9.15 -26.66 -11.42
CA LYS A 176 7.80 -26.16 -11.15
C LYS A 176 7.87 -24.77 -10.52
N PRO A 177 6.83 -23.93 -10.69
CA PRO A 177 6.79 -22.60 -10.05
C PRO A 177 6.29 -22.70 -8.61
N LEU A 178 7.10 -23.34 -7.77
CA LEU A 178 6.73 -23.68 -6.40
C LEU A 178 7.78 -23.15 -5.44
N TRP A 179 7.34 -22.30 -4.50
CA TRP A 179 8.22 -21.70 -3.51
C TRP A 179 7.69 -22.00 -2.11
N GLY A 180 8.62 -22.08 -1.15
CA GLY A 180 8.27 -22.30 0.25
C GLY A 180 9.02 -21.33 1.15
N VAL A 181 8.33 -20.81 2.18
CA VAL A 181 8.94 -20.02 3.22
C VAL A 181 8.59 -20.65 4.56
N GLN A 182 9.62 -21.09 5.31
CA GLN A 182 9.42 -21.76 6.58
C GLN A 182 9.43 -20.73 7.70
N PHE A 183 8.77 -19.60 7.45
CA PHE A 183 8.48 -18.60 8.47
C PHE A 183 7.13 -17.97 8.13
N HIS A 184 6.65 -17.07 8.99
CA HIS A 184 5.43 -16.33 8.75
C HIS A 184 5.78 -14.90 8.31
N PRO A 185 5.69 -14.58 7.00
CA PRO A 185 5.95 -13.23 6.52
C PRO A 185 4.98 -12.20 7.10
N GLU A 186 3.76 -12.66 7.42
CA GLU A 186 2.68 -11.78 7.83
C GLU A 186 2.66 -11.58 9.35
N SER A 187 3.54 -12.30 10.07
CA SER A 187 3.62 -12.16 11.52
C SER A 187 4.07 -10.76 11.90
N ILE A 188 3.64 -10.29 13.08
CA ILE A 188 3.92 -8.94 13.53
C ILE A 188 5.41 -8.81 13.86
N GLY A 189 6.05 -9.93 14.22
CA GLY A 189 7.47 -9.92 14.56
C GLY A 189 8.38 -10.07 13.33
N SER A 190 7.78 -10.16 12.14
CA SER A 190 8.54 -10.31 10.90
C SER A 190 8.73 -8.94 10.23
N ASP A 191 9.72 -8.88 9.33
CA ASP A 191 10.00 -7.70 8.52
C ASP A 191 9.86 -8.07 7.04
N PHE A 192 9.53 -7.06 6.23
CA PHE A 192 9.52 -7.16 4.78
C PHE A 192 8.50 -8.21 4.33
N GLY A 193 7.41 -8.35 5.09
CA GLY A 193 6.37 -9.31 4.78
C GLY A 193 5.65 -8.97 3.48
N ARG A 194 5.30 -7.69 3.30
CA ARG A 194 4.57 -7.23 2.12
C ARG A 194 5.46 -7.35 0.88
N GLU A 195 6.77 -7.15 1.06
CA GLU A 195 7.72 -7.24 -0.04
C GLU A 195 7.79 -8.67 -0.57
N ILE A 196 7.79 -9.65 0.35
CA ILE A 196 7.83 -11.06 -0.01
C ILE A 196 6.59 -11.42 -0.84
N MET A 197 5.43 -10.90 -0.42
CA MET A 197 4.17 -11.19 -1.08
C MET A 197 4.12 -10.49 -2.44
N ALA A 198 4.72 -9.31 -2.53
CA ALA A 198 4.80 -8.56 -3.79
C ALA A 198 5.70 -9.29 -4.78
N ASN A 199 6.83 -9.81 -4.28
CA ASN A 199 7.77 -10.59 -5.08
C ASN A 199 7.07 -11.80 -5.69
N PHE A 200 6.24 -12.50 -4.90
CA PHE A 200 5.56 -13.69 -5.37
C PHE A 200 4.61 -13.35 -6.52
N ARG A 201 3.91 -12.21 -6.40
CA ARG A 201 3.02 -11.72 -7.44
C ARG A 201 3.82 -11.47 -8.72
N ASP A 202 5.00 -10.86 -8.58
CA ASP A 202 5.89 -10.56 -9.69
C ASP A 202 6.35 -11.84 -10.37
N LEU A 203 6.70 -12.86 -9.56
CA LEU A 203 7.12 -14.15 -10.06
C LEU A 203 5.98 -14.78 -10.86
N ALA A 204 4.73 -14.57 -10.41
CA ALA A 204 3.56 -15.13 -11.07
C ALA A 204 3.25 -14.37 -12.35
N LEU A 205 3.47 -13.04 -12.35
CA LEU A 205 3.31 -12.25 -13.57
C LEU A 205 4.22 -12.79 -14.67
N ALA A 206 5.51 -12.96 -14.33
CA ALA A 206 6.53 -13.41 -15.26
C ALA A 206 6.18 -14.80 -15.79
N HIS A 207 5.79 -15.70 -14.88
CA HIS A 207 5.49 -17.08 -15.23
C HIS A 207 4.42 -17.14 -16.33
N HIS A 208 3.43 -16.23 -16.24
CA HIS A 208 2.33 -16.20 -17.19
C HIS A 208 2.76 -15.53 -18.50
N ARG A 209 3.69 -14.56 -18.43
CA ARG A 209 4.23 -13.93 -19.62
C ARG A 209 5.02 -14.95 -20.45
N ALA A 210 5.64 -15.92 -19.77
CA ALA A 210 6.45 -16.94 -20.42
C ALA A 210 5.57 -18.00 -21.08
N ARG A 211 4.26 -17.74 -21.18
CA ARG A 211 3.32 -18.58 -21.89
C ARG A 211 2.70 -17.77 -23.05
N ASP A 216 5.48 -23.14 -32.71
CA ASP A 216 4.49 -22.06 -32.97
C ASP A 216 5.18 -20.86 -33.63
N SER A 217 6.46 -20.62 -33.29
CA SER A 217 7.26 -19.58 -33.90
C SER A 217 7.31 -19.79 -35.41
N PRO A 218 7.08 -18.74 -36.23
CA PRO A 218 7.21 -18.86 -37.69
C PRO A 218 8.67 -18.93 -38.14
N TYR A 219 9.60 -18.80 -37.19
CA TYR A 219 11.03 -18.80 -37.47
C TYR A 219 11.77 -19.79 -36.59
N GLU A 220 12.97 -20.17 -37.03
CA GLU A 220 13.95 -20.85 -36.19
C GLU A 220 15.20 -19.96 -36.10
N LEU A 221 15.69 -19.76 -34.87
CA LEU A 221 16.84 -18.91 -34.62
C LEU A 221 18.11 -19.75 -34.62
N HIS A 222 19.14 -19.27 -35.33
CA HIS A 222 20.45 -19.92 -35.37
C HIS A 222 21.49 -18.97 -34.79
N VAL A 223 22.33 -19.49 -33.89
CA VAL A 223 23.30 -18.70 -33.15
C VAL A 223 24.69 -19.29 -33.36
N ARG A 224 25.70 -18.41 -33.40
CA ARG A 224 27.10 -18.80 -33.52
C ARG A 224 27.95 -17.78 -32.78
N ARG A 225 28.83 -18.27 -31.88
CA ARG A 225 29.76 -17.42 -31.17
C ARG A 225 31.13 -17.48 -31.84
N VAL A 226 31.75 -16.32 -32.02
CA VAL A 226 33.12 -16.21 -32.51
C VAL A 226 33.94 -15.58 -31.38
N ASP A 227 35.08 -16.21 -31.06
CA ASP A 227 35.92 -15.76 -29.95
C ASP A 227 36.94 -14.74 -30.45
N VAL A 228 36.44 -13.71 -31.14
CA VAL A 228 37.23 -12.52 -31.44
C VAL A 228 36.30 -11.32 -31.25
N LEU A 229 36.90 -10.16 -30.96
CA LEU A 229 36.15 -8.91 -30.94
C LEU A 229 36.96 -7.86 -31.69
N PRO A 230 36.71 -7.67 -33.00
CA PRO A 230 37.36 -6.59 -33.75
C PRO A 230 36.78 -5.24 -33.39
N ASP A 231 37.48 -4.18 -33.80
CA ASP A 231 36.97 -2.82 -33.61
C ASP A 231 35.60 -2.72 -34.27
N ALA A 232 34.65 -2.12 -33.55
CA ALA A 232 33.24 -2.11 -33.95
C ALA A 232 33.07 -1.35 -35.27
N GLU A 233 33.86 -0.29 -35.46
CA GLU A 233 33.80 0.49 -36.68
C GLU A 233 34.34 -0.33 -37.85
N GLU A 234 35.36 -1.16 -37.58
CA GLU A 234 35.91 -2.07 -38.58
C GLU A 234 34.85 -3.11 -38.98
N VAL A 235 33.99 -3.51 -38.03
CA VAL A 235 32.90 -4.44 -38.31
C VAL A 235 31.89 -3.76 -39.26
N ARG A 236 31.49 -2.53 -38.93
CA ARG A 236 30.58 -1.76 -39.76
C ARG A 236 31.12 -1.68 -41.18
N ARG A 237 32.39 -1.28 -41.32
CA ARG A 237 33.00 -1.09 -42.62
C ARG A 237 33.29 -2.43 -43.29
N GLY A 238 33.67 -3.43 -42.48
CA GLY A 238 34.14 -4.71 -42.99
C GLY A 238 33.03 -5.70 -43.33
N CYS A 239 31.94 -5.68 -42.56
CA CYS A 239 30.90 -6.71 -42.68
C CYS A 239 29.66 -6.20 -43.40
N LEU A 240 29.35 -4.90 -43.29
CA LEU A 240 28.15 -4.34 -43.89
C LEU A 240 28.53 -3.61 -45.18
N PRO A 241 27.59 -3.50 -46.15
CA PRO A 241 27.96 -3.13 -47.52
C PRO A 241 28.39 -1.68 -47.69
N GLY A 242 27.79 -0.77 -46.91
CA GLY A 242 28.08 0.65 -47.01
C GLY A 242 26.95 1.42 -47.70
N GLU A 243 26.58 0.98 -48.91
CA GLU A 243 25.37 1.46 -49.55
C GLU A 243 24.27 0.42 -49.34
N GLY A 244 23.04 0.90 -49.12
CA GLY A 244 21.93 0.06 -48.73
C GLY A 244 21.56 0.29 -47.27
N THR A 245 20.48 -0.36 -46.84
CA THR A 245 19.89 -0.12 -45.53
C THR A 245 20.67 -0.91 -44.47
N THR A 246 21.22 -0.18 -43.49
CA THR A 246 22.00 -0.80 -42.42
C THR A 246 21.66 -0.16 -41.08
N PHE A 247 21.96 -0.89 -40.00
CA PHE A 247 21.87 -0.35 -38.64
C PHE A 247 23.17 -0.65 -37.90
N TRP A 248 23.50 0.26 -36.98
CA TRP A 248 24.60 0.09 -36.06
C TRP A 248 24.19 0.69 -34.73
N LEU A 249 23.83 -0.19 -33.79
CA LEU A 249 23.58 0.22 -32.41
C LEU A 249 24.91 0.15 -31.67
N ASP A 250 25.40 1.33 -31.28
CA ASP A 250 26.80 1.56 -30.99
C ASP A 250 26.97 1.96 -29.53
N SER A 251 27.45 1.01 -28.71
CA SER A 251 27.97 1.32 -27.39
C SER A 251 29.38 1.89 -27.54
N SER A 252 29.46 3.17 -27.94
CA SER A 252 30.72 3.84 -28.15
C SER A 252 31.42 4.10 -26.82
N SER A 253 30.60 4.22 -25.76
CA SER A 253 31.07 4.15 -24.39
C SER A 253 30.65 2.82 -23.78
N VAL A 254 31.63 2.07 -23.28
CA VAL A 254 31.40 0.81 -22.60
C VAL A 254 31.76 1.01 -21.12
N LEU A 255 30.79 0.75 -20.23
CA LEU A 255 30.99 0.85 -18.80
C LEU A 255 30.11 -0.19 -18.11
N GLU A 256 30.75 -1.05 -17.30
CA GLU A 256 30.04 -2.13 -16.64
C GLU A 256 28.79 -1.58 -15.96
N GLY A 257 27.64 -2.23 -16.22
CA GLY A 257 26.37 -1.86 -15.64
C GLY A 257 25.60 -0.84 -16.49
N ALA A 258 26.31 -0.16 -17.41
CA ALA A 258 25.73 0.93 -18.19
C ALA A 258 25.53 0.53 -19.64
N SER A 259 26.52 -0.17 -20.22
CA SER A 259 26.46 -0.60 -21.61
C SER A 259 27.51 -1.68 -21.86
N ARG A 260 27.18 -2.64 -22.73
CA ARG A 260 27.99 -3.84 -22.91
C ARG A 260 28.01 -4.32 -24.36
N PHE A 261 26.93 -4.10 -25.12
CA PHE A 261 26.74 -4.74 -26.41
C PHE A 261 26.61 -3.72 -27.54
N SER A 262 27.01 -4.13 -28.74
CA SER A 262 26.69 -3.42 -29.98
C SER A 262 26.03 -4.39 -30.95
N PHE A 263 25.17 -3.85 -31.83
CA PHE A 263 24.40 -4.64 -32.77
C PHE A 263 24.50 -4.02 -34.16
N LEU A 264 24.79 -4.85 -35.16
CA LEU A 264 24.96 -4.41 -36.54
C LEU A 264 24.25 -5.36 -37.49
N GLY A 265 23.78 -4.83 -38.63
CA GLY A 265 23.12 -5.65 -39.62
C GLY A 265 22.63 -4.82 -40.81
N ASP A 266 22.13 -5.53 -41.84
CA ASP A 266 21.69 -4.90 -43.08
C ASP A 266 20.42 -5.62 -43.56
N ASP A 267 19.94 -5.24 -44.75
CA ASP A 267 18.65 -5.71 -45.25
C ASP A 267 18.82 -6.78 -46.32
N ARG A 268 20.01 -7.37 -46.43
CA ARG A 268 20.34 -8.24 -47.55
C ARG A 268 19.76 -9.64 -47.34
N GLY A 269 19.37 -9.98 -46.11
CA GLY A 269 18.84 -11.29 -45.79
C GLY A 269 17.54 -11.60 -46.54
N PRO A 270 17.15 -12.88 -46.68
CA PRO A 270 15.93 -13.25 -47.41
C PRO A 270 14.62 -12.97 -46.67
N LEU A 271 14.69 -12.82 -45.34
CA LEU A 271 13.49 -12.62 -44.52
C LEU A 271 13.44 -11.20 -43.96
N ALA A 272 14.39 -10.34 -44.35
CA ALA A 272 14.44 -8.97 -43.88
C ALA A 272 13.30 -8.17 -44.50
N GLU A 273 12.83 -7.16 -43.77
CA GLU A 273 11.79 -6.25 -44.26
C GLU A 273 12.13 -4.83 -43.82
N TYR A 274 11.52 -3.84 -44.48
CA TYR A 274 11.66 -2.45 -44.09
C TYR A 274 10.28 -1.81 -43.95
N LEU A 275 10.01 -1.30 -42.73
CA LEU A 275 8.74 -0.70 -42.36
C LEU A 275 8.87 0.81 -42.35
N THR A 276 7.83 1.51 -42.81
CA THR A 276 7.70 2.94 -42.56
C THR A 276 6.25 3.25 -42.18
N TYR A 277 6.04 4.44 -41.60
CA TYR A 277 4.72 4.88 -41.18
C TYR A 277 4.55 6.37 -41.41
N ARG A 278 3.34 6.76 -41.85
CA ARG A 278 2.93 8.15 -41.93
C ARG A 278 1.64 8.31 -41.14
N VAL A 279 1.63 9.24 -40.16
CA VAL A 279 0.45 9.47 -39.35
C VAL A 279 -0.56 10.32 -40.15
N ALA A 280 -0.06 11.11 -41.10
CA ALA A 280 -0.90 11.96 -41.94
C ALA A 280 -2.01 11.14 -42.60
N ASP A 281 -1.62 10.05 -43.28
CA ASP A 281 -2.57 9.15 -43.92
C ASP A 281 -2.93 8.01 -42.97
N GLY A 282 -2.10 7.79 -41.94
CA GLY A 282 -2.26 6.67 -41.03
C GLY A 282 -1.98 5.34 -41.73
N VAL A 283 -0.98 5.35 -42.62
CA VAL A 283 -0.67 4.18 -43.45
C VAL A 283 0.70 3.65 -43.05
N VAL A 284 0.77 2.32 -42.88
CA VAL A 284 2.04 1.62 -42.73
C VAL A 284 2.40 0.99 -44.08
N SER A 285 3.67 1.15 -44.47
CA SER A 285 4.21 0.54 -45.68
C SER A 285 5.34 -0.42 -45.29
N VAL A 286 5.25 -1.66 -45.76
CA VAL A 286 6.23 -2.69 -45.43
C VAL A 286 6.83 -3.22 -46.74
N ARG A 287 8.15 -3.14 -46.87
CA ARG A 287 8.87 -3.63 -48.03
C ARG A 287 9.46 -5.01 -47.72
N GLY A 288 9.15 -5.99 -48.57
CA GLY A 288 9.65 -7.34 -48.39
C GLY A 288 10.99 -7.54 -49.10
N SER A 289 11.55 -8.75 -48.96
CA SER A 289 12.83 -9.10 -49.56
C SER A 289 12.69 -9.23 -51.08
N ASP A 290 11.50 -9.65 -51.53
CA ASP A 290 11.21 -9.86 -52.94
C ASP A 290 11.06 -8.53 -53.68
N GLY A 291 10.87 -7.43 -52.92
CA GLY A 291 10.76 -6.10 -53.49
C GLY A 291 9.36 -5.50 -53.35
N THR A 292 8.39 -6.35 -53.02
CA THR A 292 6.99 -5.94 -52.93
C THR A 292 6.77 -5.19 -51.63
N THR A 293 5.87 -4.19 -51.67
CA THR A 293 5.58 -3.36 -50.51
C THR A 293 4.07 -3.41 -50.22
N THR A 294 3.71 -3.97 -49.06
CA THR A 294 2.33 -3.98 -48.59
C THR A 294 2.03 -2.64 -47.93
N ARG A 295 0.77 -2.19 -48.06
CA ARG A 295 0.34 -0.91 -47.54
C ARG A 295 -0.95 -1.11 -46.73
N THR A 296 -1.02 -0.53 -45.52
CA THR A 296 -2.18 -0.69 -44.65
C THR A 296 -2.46 0.60 -43.88
N ARG A 297 -3.73 1.00 -43.85
CA ARG A 297 -4.20 2.13 -43.07
C ARG A 297 -4.55 1.67 -41.66
N ARG A 298 -3.71 2.02 -40.67
CA ARG A 298 -3.93 1.71 -39.27
C ARG A 298 -2.90 2.44 -38.40
N PRO A 299 -3.01 2.39 -37.05
CA PRO A 299 -1.95 2.86 -36.15
C PRO A 299 -0.76 1.92 -36.03
N PHE A 300 0.43 2.50 -35.84
CA PHE A 300 1.68 1.75 -35.88
C PHE A 300 1.79 0.82 -34.68
N PHE A 301 1.41 1.29 -33.49
CA PHE A 301 1.63 0.54 -32.27
C PHE A 301 0.80 -0.75 -32.26
N ASN A 302 -0.43 -0.69 -32.82
CA ASN A 302 -1.24 -1.88 -32.97
C ASN A 302 -0.58 -2.83 -33.98
N TYR A 303 -0.10 -2.27 -35.09
CA TYR A 303 0.60 -3.04 -36.10
C TYR A 303 1.82 -3.74 -35.48
N LEU A 304 2.61 -2.97 -34.71
CA LEU A 304 3.83 -3.47 -34.10
C LEU A 304 3.50 -4.60 -33.13
N GLU A 305 2.49 -4.37 -32.29
CA GLU A 305 2.03 -5.33 -31.29
C GLU A 305 1.66 -6.64 -31.96
N GLU A 306 0.91 -6.56 -33.07
CA GLU A 306 0.43 -7.73 -33.79
C GLU A 306 1.62 -8.52 -34.32
N GLN A 307 2.53 -7.83 -35.01
CA GLN A 307 3.68 -8.46 -35.64
C GLN A 307 4.56 -9.16 -34.60
N LEU A 308 4.76 -8.52 -33.44
CA LEU A 308 5.63 -9.04 -32.40
C LEU A 308 5.02 -10.29 -31.77
N GLU A 309 3.70 -10.30 -31.61
CA GLU A 309 2.98 -11.46 -31.08
C GLU A 309 3.03 -12.59 -32.11
N ARG A 310 2.72 -12.24 -33.36
CA ARG A 310 2.70 -13.17 -34.47
C ARG A 310 4.06 -13.83 -34.64
N ARG A 311 5.13 -13.02 -34.57
CA ARG A 311 6.49 -13.47 -34.88
C ARG A 311 7.27 -13.80 -33.61
N ARG A 312 6.57 -14.17 -32.53
CA ARG A 312 7.21 -14.54 -31.28
C ARG A 312 8.30 -15.57 -31.53
N VAL A 313 9.46 -15.37 -30.89
CA VAL A 313 10.52 -16.36 -30.83
C VAL A 313 11.11 -16.30 -29.42
N PRO A 314 11.30 -17.45 -28.72
CA PRO A 314 11.82 -17.43 -27.35
C PRO A 314 13.29 -17.04 -27.31
N VAL A 315 13.78 -16.68 -26.12
CA VAL A 315 15.15 -16.21 -25.97
C VAL A 315 16.08 -17.43 -25.93
N ALA A 316 17.19 -17.33 -26.67
CA ALA A 316 18.21 -18.37 -26.67
C ALA A 316 18.96 -18.31 -25.34
N PRO A 317 19.16 -19.47 -24.66
CA PRO A 317 19.70 -19.48 -23.30
C PRO A 317 21.18 -19.14 -23.15
N GLU A 318 21.97 -19.38 -24.22
CA GLU A 318 23.41 -19.19 -24.17
C GLU A 318 23.80 -17.81 -24.72
N LEU A 319 22.81 -16.94 -24.94
CA LEU A 319 23.05 -15.54 -25.28
C LEU A 319 22.98 -14.71 -24.01
N PRO A 320 23.98 -13.84 -23.72
CA PRO A 320 23.95 -12.97 -22.55
C PRO A 320 23.13 -11.69 -22.71
N PHE A 321 22.29 -11.62 -23.75
CA PHE A 321 21.40 -10.49 -23.98
C PHE A 321 20.08 -11.02 -24.56
N GLU A 322 19.05 -10.16 -24.59
CA GLU A 322 17.70 -10.60 -24.88
C GLU A 322 17.24 -10.16 -26.27
N PHE A 323 18.09 -9.42 -27.01
CA PHE A 323 17.83 -9.16 -28.41
C PHE A 323 18.14 -10.41 -29.22
N ASN A 324 17.10 -11.15 -29.60
CA ASN A 324 17.23 -12.35 -30.41
C ASN A 324 16.65 -12.05 -31.79
N LEU A 325 17.10 -10.92 -32.37
CA LEU A 325 16.60 -10.39 -33.63
C LEU A 325 15.20 -9.83 -33.44
N GLY A 326 14.72 -9.11 -34.46
CA GLY A 326 13.50 -8.34 -34.38
C GLY A 326 13.61 -7.02 -35.14
N TYR A 327 12.96 -5.98 -34.61
CA TYR A 327 12.88 -4.68 -35.28
C TYR A 327 13.91 -3.73 -34.69
N VAL A 328 14.63 -3.02 -35.57
CA VAL A 328 15.58 -1.99 -35.18
C VAL A 328 15.26 -0.71 -35.94
N GLY A 329 15.05 0.40 -35.22
CA GLY A 329 14.69 1.65 -35.87
C GLY A 329 14.25 2.72 -34.87
N TYR A 330 13.39 3.64 -35.33
CA TYR A 330 13.01 4.79 -34.54
C TYR A 330 11.50 5.02 -34.58
N LEU A 331 11.01 5.66 -33.51
CA LEU A 331 9.65 6.16 -33.41
C LEU A 331 9.70 7.69 -33.36
N GLY A 332 9.06 8.34 -34.33
CA GLY A 332 9.07 9.79 -34.41
C GLY A 332 8.12 10.42 -33.40
N TYR A 333 8.44 11.66 -32.99
CA TYR A 333 7.68 12.39 -31.98
C TYR A 333 6.20 12.49 -32.36
N GLU A 334 5.90 12.60 -33.66
CA GLU A 334 4.56 12.87 -34.15
C GLU A 334 3.64 11.66 -33.96
N LEU A 335 4.20 10.50 -33.57
CA LEU A 335 3.40 9.35 -33.20
C LEU A 335 2.60 9.61 -31.92
N LYS A 336 2.84 10.76 -31.28
CA LYS A 336 2.05 11.19 -30.13
C LYS A 336 0.58 11.27 -30.49
N ALA A 337 0.28 11.53 -31.78
CA ALA A 337 -1.07 11.64 -32.28
C ALA A 337 -1.90 10.37 -32.01
N GLU A 338 -1.22 9.22 -31.87
CA GLU A 338 -1.92 7.97 -31.56
C GLU A 338 -1.51 7.44 -30.17
N THR A 339 -1.03 8.34 -29.29
CA THR A 339 -0.86 8.03 -27.88
C THR A 339 -1.77 8.96 -27.08
N THR A 340 -1.22 10.09 -26.59
CA THR A 340 -1.98 11.04 -25.80
C THR A 340 -1.85 12.47 -26.35
N GLY A 341 -1.33 12.60 -27.58
CA GLY A 341 -1.08 13.90 -28.18
C GLY A 341 -2.02 14.17 -29.36
N ASP A 342 -1.84 15.33 -30.00
CA ASP A 342 -2.65 15.71 -31.15
C ASP A 342 -1.79 15.65 -32.42
N PRO A 343 -2.38 15.31 -33.59
CA PRO A 343 -1.72 15.46 -34.87
C PRO A 343 -1.73 16.91 -35.34
N ALA A 344 -0.83 17.72 -34.75
CA ALA A 344 -0.79 19.16 -35.00
C ALA A 344 0.17 19.48 -36.14
N HIS A 345 1.23 18.68 -36.28
CA HIS A 345 2.27 18.95 -37.27
C HIS A 345 2.67 17.64 -37.96
N ARG A 346 2.94 17.73 -39.26
CA ARG A 346 3.40 16.59 -40.04
C ARG A 346 4.93 16.66 -40.18
N SER A 347 5.59 15.53 -39.87
CA SER A 347 7.03 15.42 -39.99
C SER A 347 7.43 15.32 -41.47
N PRO A 348 8.62 15.83 -41.86
CA PRO A 348 9.16 15.61 -43.20
C PRO A 348 9.81 14.24 -43.38
N HIS A 349 9.85 13.45 -42.30
CA HIS A 349 10.43 12.11 -42.33
C HIS A 349 9.35 11.10 -41.95
N PRO A 350 9.56 9.79 -42.21
CA PRO A 350 8.65 8.74 -41.71
C PRO A 350 8.48 8.86 -40.20
N ASP A 351 7.23 8.74 -39.73
CA ASP A 351 6.90 8.89 -38.32
C ASP A 351 7.37 7.65 -37.56
N ALA A 352 7.53 6.53 -38.27
CA ALA A 352 8.25 5.38 -37.76
C ALA A 352 9.03 4.75 -38.90
N ALA A 353 10.19 4.16 -38.58
CA ALA A 353 11.04 3.51 -39.56
C ALA A 353 11.83 2.41 -38.87
N PHE A 354 11.66 1.16 -39.36
CA PHE A 354 12.26 0.00 -38.73
C PHE A 354 12.71 -0.99 -39.79
N LEU A 355 13.86 -1.61 -39.54
CA LEU A 355 14.28 -2.79 -40.26
C LEU A 355 13.93 -4.01 -39.42
N PHE A 356 13.17 -4.95 -40.02
CA PHE A 356 13.06 -6.28 -39.46
C PHE A 356 14.34 -7.04 -39.79
N ALA A 357 15.22 -7.16 -38.79
CA ALA A 357 16.53 -7.76 -38.97
C ALA A 357 16.43 -9.28 -38.78
N ASP A 358 16.68 -10.03 -39.85
CA ASP A 358 16.69 -11.48 -39.80
C ASP A 358 18.12 -11.99 -39.62
N ARG A 359 19.11 -11.08 -39.73
CA ARG A 359 20.51 -11.41 -39.58
C ARG A 359 21.22 -10.25 -38.88
N ALA A 360 21.99 -10.55 -37.82
CA ALA A 360 22.61 -9.50 -37.03
C ALA A 360 23.93 -9.98 -36.40
N ILE A 361 24.82 -9.02 -36.15
CA ILE A 361 26.10 -9.23 -35.50
C ILE A 361 26.06 -8.55 -34.14
N ALA A 362 26.28 -9.31 -33.06
CA ALA A 362 26.32 -8.77 -31.72
C ALA A 362 27.76 -8.79 -31.20
N LEU A 363 28.23 -7.63 -30.71
CA LEU A 363 29.54 -7.51 -30.10
C LEU A 363 29.36 -7.52 -28.58
N ASP A 364 30.08 -8.41 -27.90
CA ASP A 364 30.10 -8.44 -26.45
C ASP A 364 31.40 -7.78 -25.98
N HIS A 365 31.32 -6.50 -25.64
CA HIS A 365 32.48 -5.69 -25.29
C HIS A 365 33.07 -6.16 -23.95
N GLN A 366 32.24 -6.78 -23.10
CA GLN A 366 32.70 -7.24 -21.80
C GLN A 366 33.60 -8.47 -21.95
N GLU A 367 33.18 -9.41 -22.81
CA GLU A 367 33.78 -10.74 -22.85
C GLU A 367 34.71 -10.92 -24.05
N GLY A 368 34.73 -9.97 -24.98
CA GLY A 368 35.65 -10.02 -26.10
C GLY A 368 35.31 -11.13 -27.10
N CYS A 369 34.01 -11.26 -27.42
CA CYS A 369 33.55 -12.19 -28.43
C CYS A 369 32.37 -11.59 -29.21
N CYS A 370 32.02 -12.22 -30.33
CA CYS A 370 30.87 -11.84 -31.12
C CYS A 370 29.83 -12.95 -31.08
N TYR A 371 28.56 -12.57 -31.25
CA TYR A 371 27.48 -13.51 -31.49
C TYR A 371 26.84 -13.18 -32.84
N LEU A 372 26.59 -14.22 -33.65
CA LEU A 372 25.97 -14.06 -34.95
C LEU A 372 24.58 -14.70 -34.91
N LEU A 373 23.56 -13.90 -35.27
CA LEU A 373 22.17 -14.32 -35.18
C LEU A 373 21.57 -14.40 -36.58
N ALA A 374 20.87 -15.49 -36.87
CA ALA A 374 20.28 -15.69 -38.19
C ALA A 374 18.96 -16.44 -38.07
N LEU A 375 17.95 -15.96 -38.82
CA LEU A 375 16.61 -16.52 -38.82
C LEU A 375 16.40 -17.36 -40.07
N ASP A 376 15.97 -18.61 -39.86
CA ASP A 376 15.38 -19.45 -40.91
C ASP A 376 13.88 -19.55 -40.65
N ARG A 377 13.11 -19.79 -41.71
CA ARG A 377 11.72 -20.21 -41.56
C ARG A 377 11.72 -21.59 -40.93
N ARG A 378 10.71 -21.86 -40.08
CA ARG A 378 10.70 -23.00 -39.19
C ARG A 378 11.02 -24.30 -39.93
N GLY A 379 10.63 -24.41 -41.21
CA GLY A 379 10.78 -25.66 -41.95
C GLY A 379 11.83 -25.61 -43.06
N HIS A 380 12.57 -24.49 -43.18
CA HIS A 380 13.37 -24.25 -44.37
C HIS A 380 14.83 -23.96 -44.01
N ASP A 381 15.73 -24.28 -44.95
CA ASP A 381 17.08 -23.75 -44.94
C ASP A 381 17.10 -22.51 -45.85
N ASP A 382 17.16 -21.33 -45.22
CA ASP A 382 17.16 -20.06 -45.94
C ASP A 382 18.56 -19.45 -45.92
N GLY A 383 19.58 -20.31 -45.80
CA GLY A 383 20.97 -19.89 -45.89
C GLY A 383 21.48 -19.19 -44.63
N ALA A 384 20.73 -19.35 -43.52
CA ALA A 384 21.10 -18.73 -42.25
C ALA A 384 22.42 -19.33 -41.74
N ARG A 385 22.50 -20.67 -41.74
CA ARG A 385 23.69 -21.40 -41.33
C ARG A 385 24.89 -20.98 -42.19
N ALA A 386 24.66 -20.80 -43.50
CA ALA A 386 25.70 -20.43 -44.44
C ALA A 386 26.20 -19.01 -44.14
N TRP A 387 25.28 -18.12 -43.73
CA TRP A 387 25.61 -16.75 -43.41
C TRP A 387 26.47 -16.69 -42.15
N LEU A 388 26.16 -17.55 -41.16
CA LEU A 388 26.90 -17.59 -39.90
C LEU A 388 28.35 -17.95 -40.17
N ARG A 389 28.55 -18.93 -41.06
CA ARG A 389 29.87 -19.43 -41.40
C ARG A 389 30.68 -18.35 -42.12
N GLU A 390 30.06 -17.72 -43.13
CA GLU A 390 30.70 -16.71 -43.95
C GLU A 390 31.07 -15.49 -43.11
N THR A 391 30.11 -15.00 -42.32
CA THR A 391 30.28 -13.81 -41.50
C THR A 391 31.35 -14.03 -40.45
N ALA A 392 31.41 -15.25 -39.90
CA ALA A 392 32.40 -15.60 -38.88
C ALA A 392 33.81 -15.56 -39.47
N GLU A 393 33.94 -15.96 -40.74
CA GLU A 393 35.22 -15.94 -41.42
C GLU A 393 35.65 -14.50 -41.64
N THR A 394 34.71 -13.63 -42.03
CA THR A 394 34.99 -12.22 -42.25
C THR A 394 35.47 -11.57 -40.96
N LEU A 395 34.79 -11.86 -39.84
CA LEU A 395 35.05 -11.20 -38.57
C LEU A 395 36.45 -11.51 -38.05
N THR A 396 36.89 -12.78 -38.21
CA THR A 396 38.18 -13.19 -37.68
C THR A 396 39.31 -12.47 -38.41
N GLY A 397 39.07 -12.11 -39.68
CA GLY A 397 40.06 -11.39 -40.48
C GLY A 397 40.14 -9.90 -40.15
N LEU A 398 39.13 -9.37 -39.45
CA LEU A 398 39.07 -7.97 -39.07
C LEU A 398 39.71 -7.75 -37.70
N ALA A 399 39.92 -8.84 -36.95
CA ALA A 399 40.44 -8.75 -35.60
C ALA A 399 41.93 -8.45 -35.63
N VAL A 400 42.27 -7.20 -35.31
CA VAL A 400 43.66 -6.74 -35.17
C VAL A 400 43.76 -5.93 -33.88
N ARG A 401 44.90 -5.28 -33.67
CA ARG A 401 45.18 -4.60 -32.40
C ARG A 401 44.29 -3.35 -32.29
N ALA A 402 43.81 -3.08 -31.06
CA ALA A 402 42.83 -2.04 -30.80
C ALA A 402 43.47 -0.66 -30.95
N PRO A 403 42.79 0.30 -31.63
CA PRO A 403 43.26 1.70 -31.67
C PRO A 403 42.94 2.44 -30.35
N PRO A 406 41.63 6.75 -27.09
CA PRO A 406 41.45 7.97 -27.91
C PRO A 406 41.41 9.24 -27.06
N THR A 407 41.77 10.37 -27.67
CA THR A 407 41.79 11.66 -27.00
C THR A 407 40.37 12.22 -26.93
N PRO A 408 39.82 12.55 -25.74
CA PRO A 408 38.57 13.30 -25.66
C PRO A 408 38.74 14.70 -26.24
N ALA A 409 37.74 15.17 -27.00
CA ALA A 409 37.78 16.48 -27.64
C ALA A 409 37.36 17.53 -26.62
N MET A 410 38.28 18.45 -26.27
CA MET A 410 37.94 19.56 -25.40
C MET A 410 37.40 20.72 -26.26
N VAL A 411 36.10 20.71 -26.50
CA VAL A 411 35.43 21.84 -27.15
C VAL A 411 34.09 22.10 -26.45
N PHE A 412 33.96 21.60 -25.21
CA PHE A 412 32.70 21.58 -24.50
C PHE A 412 32.73 22.47 -23.25
N GLY A 413 33.82 23.22 -23.06
CA GLY A 413 33.88 24.23 -22.01
C GLY A 413 32.87 25.34 -22.25
N ILE A 414 32.38 25.94 -21.16
CA ILE A 414 31.14 26.72 -21.18
C ILE A 414 31.18 27.73 -22.33
N PRO A 415 31.99 28.81 -22.27
CA PRO A 415 31.83 29.95 -23.17
C PRO A 415 31.80 29.53 -24.64
N GLU A 416 32.81 28.76 -25.06
CA GLU A 416 33.04 28.44 -26.46
C GLU A 416 32.00 27.44 -26.96
N ALA A 417 31.52 26.57 -26.06
CA ALA A 417 30.51 25.56 -26.40
C ALA A 417 29.21 26.23 -26.83
N ALA A 418 28.98 27.47 -26.38
CA ALA A 418 27.78 28.21 -26.71
C ALA A 418 28.07 29.25 -27.79
N ALA A 419 28.83 28.84 -28.82
CA ALA A 419 29.22 29.73 -29.91
C ALA A 419 28.01 29.99 -30.80
N GLY A 420 27.43 28.91 -31.33
CA GLY A 420 26.30 29.01 -32.23
C GLY A 420 25.94 27.64 -32.81
N PHE A 421 25.22 27.65 -33.94
CA PHE A 421 24.75 26.43 -34.57
C PHE A 421 25.61 26.09 -35.79
N GLY A 422 26.71 26.81 -35.96
CA GLY A 422 27.65 26.60 -37.06
C GLY A 422 27.63 27.76 -38.04
N PRO A 423 28.46 27.73 -39.11
CA PRO A 423 28.51 28.82 -40.07
C PRO A 423 27.30 28.88 -41.00
N LEU A 424 26.83 27.71 -41.44
CA LEU A 424 25.85 27.60 -42.51
C LEU A 424 24.48 27.22 -41.93
N ALA A 425 24.31 27.34 -40.62
CA ALA A 425 23.11 26.84 -39.96
C ALA A 425 22.12 27.98 -39.71
N ARG A 426 20.82 27.64 -39.67
CA ARG A 426 19.81 28.53 -39.12
C ARG A 426 18.78 27.69 -38.37
N ALA A 427 18.37 28.21 -37.20
CA ALA A 427 17.37 27.57 -36.36
C ALA A 427 15.98 27.95 -36.86
N ARG A 428 14.97 27.16 -36.47
CA ARG A 428 13.58 27.51 -36.75
C ARG A 428 13.28 28.85 -36.08
N HIS A 429 13.64 28.95 -34.78
CA HIS A 429 13.54 30.19 -34.03
C HIS A 429 14.94 30.73 -33.76
N ASP A 430 15.22 31.93 -34.26
CA ASP A 430 16.43 32.67 -33.92
C ASP A 430 16.37 33.02 -32.43
N LYS A 431 17.42 33.67 -31.92
CA LYS A 431 17.53 33.97 -30.50
C LYS A 431 16.27 34.71 -30.03
N ASP A 432 15.98 35.86 -30.65
CA ASP A 432 14.87 36.70 -30.23
C ASP A 432 13.55 35.92 -30.28
N ALA A 433 13.39 35.07 -31.30
CA ALA A 433 12.21 34.23 -31.43
C ALA A 433 12.14 33.21 -30.30
N TYR A 434 13.28 32.58 -29.98
CA TYR A 434 13.31 31.53 -28.97
C TYR A 434 13.09 32.13 -27.58
N LEU A 435 13.70 33.29 -27.33
CA LEU A 435 13.56 34.00 -26.07
C LEU A 435 12.09 34.30 -25.78
N LYS A 436 11.31 34.62 -26.83
CA LYS A 436 9.91 34.96 -26.64
C LYS A 436 9.09 33.72 -26.28
N ARG A 437 9.45 32.57 -26.87
CA ARG A 437 8.73 31.33 -26.61
C ARG A 437 9.05 30.82 -25.21
N ILE A 438 10.21 31.20 -24.66
CA ILE A 438 10.53 30.93 -23.27
C ILE A 438 9.63 31.78 -22.38
N ASP A 439 9.57 33.08 -22.68
CA ASP A 439 8.70 34.00 -21.96
C ASP A 439 7.27 33.50 -21.99
N GLU A 440 6.81 33.05 -23.15
CA GLU A 440 5.48 32.45 -23.27
C GLU A 440 5.37 31.28 -22.29
N CYS A 441 6.31 30.32 -22.38
CA CYS A 441 6.32 29.18 -21.49
C CYS A 441 6.11 29.62 -20.04
N LEU A 442 6.87 30.64 -19.61
CA LEU A 442 6.81 31.14 -18.26
C LEU A 442 5.42 31.70 -17.94
N LYS A 443 4.77 32.35 -18.91
CA LYS A 443 3.47 32.96 -18.70
C LYS A 443 2.43 31.87 -18.41
N GLU A 444 2.44 30.79 -19.19
CA GLU A 444 1.52 29.68 -18.98
C GLU A 444 1.81 29.00 -17.65
N ILE A 445 3.08 28.98 -17.24
CA ILE A 445 3.49 28.40 -15.97
C ILE A 445 2.92 29.23 -14.82
N ARG A 446 2.91 30.56 -14.98
CA ARG A 446 2.31 31.45 -14.01
C ARG A 446 0.79 31.25 -13.97
N ASN A 447 0.19 31.03 -15.15
CA ASN A 447 -1.25 30.81 -15.24
C ASN A 447 -1.60 29.35 -14.91
N GLY A 448 -0.62 28.62 -14.38
CA GLY A 448 -0.82 27.25 -13.92
C GLY A 448 -1.36 26.34 -15.01
N GLU A 449 -0.88 26.53 -16.25
CA GLU A 449 -1.24 25.68 -17.38
C GLU A 449 -0.15 24.63 -17.64
N SER A 450 1.00 24.79 -16.98
CA SER A 450 2.01 23.75 -16.93
C SER A 450 2.92 23.98 -15.72
N TYR A 451 3.57 22.89 -15.27
CA TYR A 451 4.55 22.95 -14.20
C TYR A 451 5.96 22.98 -14.76
N GLU A 452 6.14 22.35 -15.94
CA GLU A 452 7.44 22.26 -16.58
C GLU A 452 7.24 21.98 -18.07
N ILE A 453 7.91 22.77 -18.92
CA ILE A 453 7.79 22.63 -20.37
C ILE A 453 9.17 22.38 -20.96
N CYS A 454 9.31 21.29 -21.72
CA CYS A 454 10.53 21.02 -22.46
C CYS A 454 10.41 21.67 -23.84
N LEU A 455 10.80 22.96 -23.90
CA LEU A 455 10.80 23.72 -25.14
C LEU A 455 12.05 23.34 -25.94
N THR A 456 11.86 23.12 -27.26
CA THR A 456 12.94 22.69 -28.12
C THR A 456 12.95 23.51 -29.41
N ASN A 457 14.12 23.55 -30.05
CA ASN A 457 14.32 24.20 -31.34
C ASN A 457 14.70 23.13 -32.35
N MET A 458 14.80 23.52 -33.63
CA MET A 458 15.32 22.64 -34.67
C MET A 458 16.27 23.44 -35.55
N VAL A 459 17.46 22.88 -35.81
CA VAL A 459 18.47 23.54 -36.61
C VAL A 459 18.67 22.76 -37.90
N THR A 460 18.73 23.49 -39.02
CA THR A 460 19.04 22.92 -40.32
C THR A 460 20.31 23.57 -40.86
N ALA A 461 21.20 22.74 -41.42
CA ALA A 461 22.46 23.20 -41.97
C ALA A 461 22.82 22.36 -43.19
N PRO A 462 23.12 23.00 -44.35
CA PRO A 462 23.67 22.27 -45.50
C PRO A 462 24.98 21.56 -45.19
N THR A 463 25.11 20.34 -45.72
CA THR A 463 26.34 19.57 -45.64
C THR A 463 26.42 18.62 -46.84
N GLU A 464 27.65 18.36 -47.31
CA GLU A 464 27.89 17.38 -48.34
C GLU A 464 28.40 16.07 -47.70
N ALA A 465 28.48 16.03 -46.37
CA ALA A 465 29.06 14.89 -45.66
C ALA A 465 28.19 13.65 -45.83
N THR A 466 28.83 12.49 -46.03
CA THR A 466 28.12 11.22 -46.05
C THR A 466 28.03 10.71 -44.62
N ALA A 467 27.10 9.77 -44.40
CA ALA A 467 26.65 9.38 -43.07
C ALA A 467 27.78 8.76 -42.25
N LEU A 468 28.49 7.78 -42.82
CA LEU A 468 29.44 6.98 -42.06
C LEU A 468 30.66 7.81 -41.64
N PRO A 469 31.33 8.57 -42.54
CA PRO A 469 32.42 9.45 -42.11
C PRO A 469 31.98 10.48 -41.06
N LEU A 470 30.77 11.03 -41.22
CA LEU A 470 30.24 11.98 -40.25
C LEU A 470 30.01 11.27 -38.91
N TYR A 471 29.43 10.07 -38.96
CA TYR A 471 29.15 9.33 -37.74
C TYR A 471 30.45 8.94 -37.04
N SER A 472 31.48 8.61 -37.82
CA SER A 472 32.78 8.26 -37.29
C SER A 472 33.37 9.41 -36.48
N ALA A 473 33.15 10.66 -36.94
CA ALA A 473 33.61 11.84 -36.24
C ALA A 473 32.78 12.05 -34.96
N LEU A 474 31.46 11.84 -35.07
CA LEU A 474 30.54 12.10 -33.96
C LEU A 474 30.83 11.15 -32.80
N ARG A 475 31.05 9.85 -33.08
CA ARG A 475 31.21 8.87 -32.03
C ARG A 475 32.54 9.09 -31.30
N ALA A 476 33.54 9.60 -32.02
CA ALA A 476 34.82 9.95 -31.43
C ALA A 476 34.66 11.13 -30.47
N ILE A 477 33.81 12.09 -30.86
CA ILE A 477 33.62 13.32 -30.11
C ILE A 477 32.85 13.04 -28.82
N SER A 478 31.84 12.14 -28.89
CA SER A 478 30.89 11.97 -27.80
C SER A 478 30.50 10.50 -27.61
N PRO A 479 31.40 9.66 -27.05
CA PRO A 479 31.07 8.26 -26.77
C PRO A 479 29.94 8.13 -25.75
N VAL A 480 28.95 7.28 -26.06
CA VAL A 480 27.75 7.17 -25.22
C VAL A 480 27.29 5.70 -25.19
N PRO A 481 26.44 5.32 -24.21
CA PRO A 481 25.85 3.99 -24.19
C PRO A 481 24.83 3.70 -25.29
N TYR A 482 24.19 4.74 -25.83
CA TYR A 482 23.08 4.56 -26.77
C TYR A 482 23.34 5.28 -28.09
N GLY A 483 24.58 5.17 -28.61
CA GLY A 483 24.89 5.67 -29.95
C GLY A 483 24.21 4.83 -31.03
N ALA A 484 23.92 5.44 -32.19
CA ALA A 484 23.31 4.69 -33.28
C ALA A 484 23.57 5.38 -34.62
N LEU A 485 23.91 4.56 -35.62
CA LEU A 485 23.88 4.96 -37.01
C LEU A 485 22.84 4.13 -37.76
N LEU A 486 21.71 4.76 -38.11
CA LEU A 486 20.72 4.16 -38.97
C LEU A 486 20.88 4.75 -40.37
N GLU A 487 21.11 3.88 -41.36
CA GLU A 487 21.17 4.30 -42.75
C GLU A 487 19.99 3.69 -43.48
N PHE A 488 18.92 4.49 -43.62
CA PHE A 488 17.67 4.06 -44.21
C PHE A 488 17.52 4.71 -45.57
N PRO A 489 16.60 4.23 -46.44
CA PRO A 489 16.37 4.86 -47.76
C PRO A 489 16.07 6.35 -47.72
N GLU A 490 15.23 6.78 -46.76
CA GLU A 490 14.72 8.14 -46.73
C GLU A 490 15.64 9.08 -45.94
N LEU A 491 16.38 8.54 -44.96
CA LEU A 491 17.23 9.37 -44.12
C LEU A 491 18.30 8.54 -43.42
N SER A 492 19.32 9.23 -42.91
CA SER A 492 20.28 8.66 -41.98
C SER A 492 20.10 9.34 -40.61
N VAL A 493 20.23 8.55 -39.55
CA VAL A 493 20.10 9.05 -38.19
C VAL A 493 21.42 8.77 -37.46
N LEU A 494 22.09 9.85 -37.02
CA LEU A 494 23.38 9.79 -36.35
C LEU A 494 23.19 10.23 -34.90
N SER A 495 22.98 9.26 -34.00
CA SER A 495 22.64 9.55 -32.62
C SER A 495 23.85 9.41 -31.72
N ALA A 496 24.01 10.39 -30.81
CA ALA A 496 24.95 10.28 -29.70
C ALA A 496 24.19 10.43 -28.39
N SER A 497 23.06 9.70 -28.29
CA SER A 497 22.18 9.78 -27.14
C SER A 497 22.79 9.00 -25.97
N PRO A 498 22.75 9.56 -24.74
CA PRO A 498 23.04 8.79 -23.52
C PRO A 498 21.83 8.25 -22.76
N GLU A 499 20.62 8.56 -23.24
CA GLU A 499 19.41 8.47 -22.43
C GLU A 499 18.66 7.17 -22.68
N ARG A 500 18.31 6.47 -21.59
CA ARG A 500 17.48 5.28 -21.64
C ARG A 500 16.02 5.66 -21.45
N PHE A 501 15.22 5.44 -22.50
CA PHE A 501 13.78 5.69 -22.47
C PHE A 501 13.08 4.53 -21.76
N LEU A 502 13.17 3.34 -22.35
CA LEU A 502 12.54 2.13 -21.84
C LEU A 502 13.44 0.93 -22.11
N THR A 503 13.81 0.21 -21.04
CA THR A 503 14.39 -1.11 -21.17
C THR A 503 13.43 -2.13 -20.57
N ILE A 504 12.85 -2.97 -21.43
CA ILE A 504 11.83 -3.93 -21.06
C ILE A 504 12.38 -5.33 -21.26
N GLY A 505 12.33 -6.15 -20.21
CA GLY A 505 12.76 -7.54 -20.29
C GLY A 505 11.70 -8.41 -20.96
N ALA A 506 12.11 -9.63 -21.35
CA ALA A 506 11.18 -10.64 -21.82
C ALA A 506 10.17 -10.97 -20.73
N ASP A 507 10.59 -10.85 -19.46
CA ASP A 507 9.80 -11.25 -18.31
C ASP A 507 8.77 -10.18 -17.95
N GLY A 508 8.91 -8.98 -18.52
CA GLY A 508 7.94 -7.91 -18.31
C GLY A 508 8.41 -6.88 -17.29
N GLY A 509 9.68 -6.98 -16.86
CA GLY A 509 10.32 -5.94 -16.07
C GLY A 509 10.60 -4.70 -16.93
N VAL A 510 10.33 -3.52 -16.37
CA VAL A 510 10.41 -2.26 -17.10
C VAL A 510 11.34 -1.32 -16.34
N GLU A 511 12.20 -0.62 -17.08
CA GLU A 511 13.05 0.43 -16.51
C GLU A 511 13.05 1.64 -17.43
N SER A 512 12.92 2.82 -16.83
CA SER A 512 13.11 4.09 -17.50
C SER A 512 14.10 4.94 -16.71
N LYS A 513 14.97 5.68 -17.41
CA LYS A 513 15.95 6.53 -16.75
C LYS A 513 15.86 7.94 -17.32
N PRO A 514 14.79 8.71 -17.00
CA PRO A 514 14.66 10.08 -17.49
C PRO A 514 15.81 10.98 -17.05
N ILE A 515 16.36 11.72 -18.02
CA ILE A 515 17.35 12.75 -17.76
C ILE A 515 16.64 14.08 -17.73
N LYS A 516 16.93 14.88 -16.69
CA LYS A 516 16.45 16.24 -16.63
C LYS A 516 17.24 17.00 -15.57
N GLY A 517 17.83 18.12 -15.98
CA GLY A 517 18.88 18.79 -15.23
C GLY A 517 20.22 18.66 -15.94
N THR A 518 20.67 19.76 -16.55
CA THR A 518 21.84 19.78 -17.41
C THR A 518 22.81 20.83 -16.90
N ARG A 519 24.11 20.51 -16.92
CA ARG A 519 25.16 21.50 -16.74
C ARG A 519 26.23 21.31 -17.81
N PRO A 520 26.76 22.41 -18.40
CA PRO A 520 27.89 22.31 -19.32
C PRO A 520 29.17 21.84 -18.61
N ARG A 521 30.16 21.44 -19.41
CA ARG A 521 31.46 21.09 -18.89
C ARG A 521 32.20 22.38 -18.53
N GLY A 522 33.09 22.29 -17.53
CA GLY A 522 33.93 23.42 -17.17
C GLY A 522 35.11 23.56 -18.14
N GLY A 523 35.41 24.81 -18.53
CA GLY A 523 36.58 25.12 -19.33
C GLY A 523 37.88 24.75 -18.62
N THR A 524 37.82 24.75 -17.27
CA THR A 524 38.87 24.21 -16.43
C THR A 524 38.30 22.99 -15.69
N ALA A 525 39.20 22.12 -15.20
CA ALA A 525 38.79 20.89 -14.52
C ALA A 525 38.15 21.24 -13.18
N GLU A 526 38.59 22.31 -12.54
CA GLU A 526 38.08 22.74 -11.24
C GLU A 526 36.65 23.25 -11.40
N GLU A 527 36.41 24.10 -12.41
CA GLU A 527 35.08 24.61 -12.70
C GLU A 527 34.16 23.46 -13.11
N ASP A 528 34.73 22.42 -13.72
CA ASP A 528 33.98 21.26 -14.15
C ASP A 528 33.41 20.51 -12.94
N GLU A 529 34.25 20.37 -11.89
CA GLU A 529 33.89 19.64 -10.68
C GLU A 529 32.97 20.49 -9.82
N ARG A 530 33.00 21.81 -10.04
CA ARG A 530 32.10 22.76 -9.40
C ARG A 530 30.70 22.60 -9.99
N LEU A 531 30.62 22.63 -11.33
CA LEU A 531 29.37 22.51 -12.06
C LEU A 531 28.70 21.15 -11.80
N ARG A 532 29.51 20.12 -11.57
CA ARG A 532 29.02 18.78 -11.33
C ARG A 532 28.32 18.70 -9.98
N ALA A 533 28.97 19.24 -8.93
CA ALA A 533 28.41 19.21 -7.59
C ALA A 533 27.21 20.15 -7.47
N ASP A 534 27.21 21.21 -8.29
CA ASP A 534 26.09 22.13 -8.38
C ASP A 534 24.84 21.40 -8.89
N LEU A 535 25.02 20.52 -9.87
CA LEU A 535 23.89 19.84 -10.50
C LEU A 535 23.23 18.86 -9.53
N ALA A 536 24.06 18.17 -8.74
CA ALA A 536 23.58 17.16 -7.80
C ALA A 536 22.83 17.79 -6.63
N GLY A 537 23.07 19.09 -6.37
CA GLY A 537 22.60 19.74 -5.16
C GLY A 537 21.55 20.82 -5.39
N ARG A 538 21.49 21.40 -6.60
CA ARG A 538 20.66 22.57 -6.84
C ARG A 538 19.19 22.18 -6.71
N GLU A 539 18.45 23.00 -5.95
CA GLU A 539 17.04 22.79 -5.68
C GLU A 539 16.23 22.84 -6.98
N LYS A 540 16.62 23.75 -7.88
CA LYS A 540 15.91 23.97 -9.12
C LYS A 540 15.88 22.69 -9.96
N ASP A 541 17.07 22.11 -10.16
CA ASP A 541 17.23 20.97 -11.07
C ASP A 541 16.59 19.72 -10.46
N ARG A 542 16.64 19.59 -9.13
CA ARG A 542 16.01 18.47 -8.45
C ARG A 542 14.50 18.53 -8.67
N ALA A 543 13.91 19.73 -8.59
CA ALA A 543 12.49 19.91 -8.78
C ALA A 543 12.08 19.58 -10.22
N GLU A 544 12.89 20.02 -11.20
CA GLU A 544 12.67 19.68 -12.61
C GLU A 544 12.63 18.17 -12.78
N ASN A 545 13.66 17.49 -12.25
CA ASN A 545 13.82 16.05 -12.40
C ASN A 545 12.64 15.35 -11.72
N LEU A 546 12.33 15.75 -10.48
CA LEU A 546 11.31 15.09 -9.67
C LEU A 546 9.97 15.06 -10.40
N MET A 547 9.62 16.17 -11.07
CA MET A 547 8.31 16.28 -11.71
C MET A 547 8.23 15.35 -12.92
N ILE A 548 9.36 15.11 -13.58
CA ILE A 548 9.41 14.14 -14.67
C ILE A 548 9.30 12.73 -14.10
N VAL A 549 9.92 12.50 -12.94
CA VAL A 549 9.89 11.18 -12.31
C VAL A 549 8.44 10.82 -11.99
N ASP A 550 7.70 11.75 -11.39
CA ASP A 550 6.29 11.57 -11.10
C ASP A 550 5.50 11.32 -12.39
N LEU A 551 5.84 12.05 -13.45
CA LEU A 551 5.17 11.91 -14.73
C LEU A 551 5.40 10.50 -15.32
N VAL A 552 6.65 10.04 -15.28
CA VAL A 552 7.00 8.74 -15.84
C VAL A 552 6.40 7.63 -14.98
N ARG A 553 6.37 7.85 -13.66
CA ARG A 553 5.67 6.97 -12.75
C ARG A 553 4.20 6.85 -13.17
N ASN A 554 3.60 7.99 -13.53
CA ASN A 554 2.19 8.06 -13.90
C ASN A 554 1.95 7.28 -15.19
N ASP A 555 2.82 7.47 -16.19
CA ASP A 555 2.74 6.74 -17.45
C ASP A 555 2.76 5.24 -17.19
N LEU A 556 3.75 4.79 -16.42
CA LEU A 556 4.01 3.37 -16.23
C LEU A 556 2.91 2.72 -15.39
N ASN A 557 2.30 3.48 -14.47
CA ASN A 557 1.27 2.93 -13.60
C ASN A 557 0.03 2.53 -14.40
N SER A 558 -0.15 3.10 -15.59
CA SER A 558 -1.28 2.77 -16.43
C SER A 558 -1.11 1.40 -17.10
N VAL A 559 0.12 0.86 -17.11
CA VAL A 559 0.41 -0.40 -17.79
C VAL A 559 1.08 -1.40 -16.85
N CYS A 560 1.44 -0.99 -15.63
CA CYS A 560 2.15 -1.86 -14.71
C CYS A 560 1.21 -2.29 -13.58
N ALA A 561 1.56 -3.40 -12.93
CA ALA A 561 0.77 -3.92 -11.82
C ALA A 561 0.90 -2.99 -10.62
N ILE A 562 -0.17 -2.92 -9.81
CA ILE A 562 -0.24 -2.06 -8.65
C ILE A 562 0.82 -2.53 -7.65
N GLY A 563 1.67 -1.60 -7.21
CA GLY A 563 2.70 -1.88 -6.22
C GLY A 563 4.05 -2.24 -6.84
N SER A 564 4.09 -2.38 -8.17
CA SER A 564 5.30 -2.77 -8.87
C SER A 564 6.16 -1.56 -9.23
N VAL A 565 5.54 -0.37 -9.34
CA VAL A 565 6.24 0.83 -9.78
C VAL A 565 6.95 1.46 -8.58
N HIS A 566 8.26 1.68 -8.72
CA HIS A 566 9.08 2.26 -7.66
C HIS A 566 10.27 2.99 -8.29
N VAL A 567 11.00 3.74 -7.46
CA VAL A 567 12.13 4.55 -7.91
C VAL A 567 13.36 4.14 -7.11
N PRO A 568 14.22 3.22 -7.62
CA PRO A 568 15.39 2.77 -6.87
C PRO A 568 16.53 3.79 -6.79
N ARG A 569 16.50 4.81 -7.65
CA ARG A 569 17.54 5.83 -7.62
C ARG A 569 17.05 7.17 -8.16
N LEU A 570 17.45 8.23 -7.45
CA LEU A 570 16.95 9.58 -7.65
C LEU A 570 18.14 10.55 -7.70
N PHE A 571 18.22 11.38 -8.74
CA PHE A 571 19.15 12.49 -8.83
C PHE A 571 20.61 12.01 -8.88
N GLU A 572 20.89 11.11 -9.82
CA GLU A 572 22.24 10.62 -10.06
C GLU A 572 22.89 11.45 -11.17
N VAL A 573 24.06 12.01 -10.90
CA VAL A 573 24.79 12.79 -11.89
C VAL A 573 25.60 11.85 -12.78
N GLU A 574 25.32 11.88 -14.09
CA GLU A 574 26.13 11.20 -15.09
C GLU A 574 26.84 12.24 -15.95
N THR A 575 28.13 12.01 -16.19
CA THR A 575 28.97 12.93 -16.94
C THR A 575 29.31 12.32 -18.29
N TYR A 576 29.09 13.09 -19.36
CA TYR A 576 29.50 12.71 -20.70
C TYR A 576 30.35 13.83 -21.28
N ALA A 577 30.98 13.57 -22.43
CA ALA A 577 31.93 14.48 -23.03
C ALA A 577 31.33 15.88 -23.14
N PRO A 578 30.10 16.05 -23.68
CA PRO A 578 29.52 17.39 -23.84
C PRO A 578 28.88 18.03 -22.61
N VAL A 579 28.53 17.24 -21.58
CA VAL A 579 27.60 17.77 -20.58
C VAL A 579 27.54 16.86 -19.34
N HIS A 580 27.13 17.46 -18.21
CA HIS A 580 26.74 16.72 -17.02
C HIS A 580 25.22 16.64 -16.98
N GLN A 581 24.69 15.46 -16.61
CA GLN A 581 23.26 15.18 -16.67
C GLN A 581 22.77 14.60 -15.36
N LEU A 582 21.58 15.05 -14.93
CA LEU A 582 20.93 14.55 -13.71
C LEU A 582 19.92 13.48 -14.10
N VAL A 583 20.05 12.28 -13.50
CA VAL A 583 19.37 11.09 -13.98
C VAL A 583 18.70 10.37 -12.82
N SER A 584 17.43 9.98 -13.02
CA SER A 584 16.68 9.19 -12.06
C SER A 584 16.20 7.91 -12.73
N THR A 585 15.95 6.87 -11.92
CA THR A 585 15.60 5.55 -12.42
C THR A 585 14.23 5.15 -11.87
N ILE A 586 13.32 4.75 -12.78
CA ILE A 586 12.00 4.25 -12.42
C ILE A 586 11.86 2.82 -12.96
N ARG A 587 11.33 1.93 -12.12
CA ARG A 587 11.11 0.54 -12.50
C ARG A 587 9.64 0.18 -12.27
N GLY A 588 9.18 -0.81 -13.03
CA GLY A 588 7.84 -1.35 -12.92
C GLY A 588 7.75 -2.75 -13.52
N ARG A 589 6.53 -3.31 -13.52
CA ARG A 589 6.30 -4.64 -14.06
C ARG A 589 4.94 -4.66 -14.75
N LEU A 590 4.93 -5.10 -16.01
CA LEU A 590 3.75 -5.04 -16.85
C LEU A 590 2.61 -5.85 -16.24
N ARG A 591 1.38 -5.35 -16.44
CA ARG A 591 0.17 -6.09 -16.13
C ARG A 591 0.05 -7.26 -17.11
N PRO A 592 -0.62 -8.38 -16.73
CA PRO A 592 -0.96 -9.43 -17.68
C PRO A 592 -1.85 -8.87 -18.79
N GLY A 593 -1.55 -9.24 -20.04
CA GLY A 593 -2.31 -8.77 -21.20
C GLY A 593 -1.67 -7.56 -21.88
N THR A 594 -0.89 -6.80 -21.11
CA THR A 594 -0.20 -5.63 -21.62
C THR A 594 1.06 -6.07 -22.34
N SER A 595 1.16 -5.71 -23.63
CA SER A 595 2.30 -6.08 -24.46
C SER A 595 3.44 -5.10 -24.23
N THR A 596 4.62 -5.44 -24.76
CA THR A 596 5.77 -4.56 -24.76
C THR A 596 5.43 -3.30 -25.56
N ALA A 597 4.74 -3.48 -26.70
CA ALA A 597 4.34 -2.39 -27.56
C ALA A 597 3.36 -1.46 -26.83
N ALA A 598 2.44 -2.07 -26.07
CA ALA A 598 1.44 -1.32 -25.31
C ALA A 598 2.11 -0.44 -24.26
N CYS A 599 3.15 -0.99 -23.61
CA CYS A 599 3.91 -0.25 -22.62
C CYS A 599 4.51 1.01 -23.24
N VAL A 600 5.13 0.85 -24.42
CA VAL A 600 5.79 1.95 -25.11
C VAL A 600 4.79 3.03 -25.48
N ARG A 601 3.62 2.63 -26.00
CA ARG A 601 2.57 3.57 -26.37
C ARG A 601 2.16 4.43 -25.18
N ALA A 602 2.07 3.82 -23.99
CA ALA A 602 1.61 4.51 -22.80
C ALA A 602 2.64 5.54 -22.33
N ALA A 603 3.93 5.24 -22.56
CA ALA A 603 5.02 6.08 -22.08
C ALA A 603 5.53 7.03 -23.17
N PHE A 604 5.05 6.86 -24.41
CA PHE A 604 5.55 7.64 -25.54
C PHE A 604 4.65 8.85 -25.79
N PRO A 605 5.19 10.05 -26.11
CA PRO A 605 6.63 10.32 -26.09
C PRO A 605 7.17 10.41 -24.66
N GLY A 606 8.49 10.26 -24.51
CA GLY A 606 9.13 10.30 -23.20
C GLY A 606 8.84 11.60 -22.46
N GLY A 607 8.43 11.47 -21.20
CA GLY A 607 8.13 12.60 -20.34
C GLY A 607 9.31 13.56 -20.19
N SER A 608 10.53 13.02 -20.28
CA SER A 608 11.75 13.82 -20.19
C SER A 608 11.83 14.84 -21.34
N MET A 609 11.07 14.61 -22.41
CA MET A 609 11.14 15.45 -23.60
C MET A 609 9.90 16.32 -23.76
N THR A 610 8.93 16.20 -22.83
CA THR A 610 7.66 16.91 -22.94
C THR A 610 7.55 17.96 -21.84
N GLY A 611 7.64 17.49 -20.58
CA GLY A 611 7.32 18.30 -19.43
C GLY A 611 6.02 17.83 -18.78
N ALA A 612 5.63 18.46 -17.66
CA ALA A 612 4.53 17.96 -16.84
C ALA A 612 3.48 19.06 -16.64
N PRO A 613 2.16 18.73 -16.69
CA PRO A 613 1.68 17.40 -17.04
C PRO A 613 1.78 17.18 -18.55
N LYS A 614 1.80 15.91 -18.98
CA LYS A 614 2.23 15.58 -20.33
C LYS A 614 1.22 16.11 -21.36
N LYS A 615 -0.04 15.70 -21.24
CA LYS A 615 -1.01 15.90 -22.31
C LYS A 615 -1.20 17.40 -22.61
N ARG A 616 -1.34 18.20 -21.54
CA ARG A 616 -1.55 19.63 -21.67
C ARG A 616 -0.29 20.29 -22.21
N THR A 617 0.88 19.88 -21.70
CA THR A 617 2.15 20.46 -22.09
C THR A 617 2.44 20.16 -23.55
N MET A 618 1.99 18.99 -24.04
CA MET A 618 2.20 18.59 -25.42
C MET A 618 1.28 19.39 -26.36
N GLU A 619 0.20 19.95 -25.81
CA GLU A 619 -0.64 20.89 -26.57
C GLU A 619 0.05 22.24 -26.65
N ILE A 620 0.75 22.62 -25.57
CA ILE A 620 1.43 23.91 -25.49
C ILE A 620 2.60 23.92 -26.48
N ILE A 621 3.38 22.83 -26.52
CA ILE A 621 4.56 22.76 -27.38
C ILE A 621 4.13 22.82 -28.84
N ASP A 622 2.94 22.31 -29.17
CA ASP A 622 2.41 22.38 -30.52
C ASP A 622 2.26 23.84 -30.96
N ARG A 623 1.74 24.69 -30.07
CA ARG A 623 1.48 26.08 -30.40
C ARG A 623 2.80 26.82 -30.60
N LEU A 624 3.73 26.62 -29.66
CA LEU A 624 4.90 27.48 -29.52
C LEU A 624 5.97 27.11 -30.54
N GLU A 625 6.17 25.81 -30.79
CA GLU A 625 7.26 25.35 -31.65
C GLU A 625 6.90 25.52 -33.12
N GLU A 626 5.60 25.44 -33.44
CA GLU A 626 5.09 25.77 -34.77
C GLU A 626 5.68 24.85 -35.83
N GLY A 627 5.79 23.56 -35.52
CA GLY A 627 6.36 22.60 -36.45
C GLY A 627 6.67 21.26 -35.80
N PRO A 628 7.03 20.22 -36.59
CA PRO A 628 7.31 18.90 -36.06
C PRO A 628 8.71 18.79 -35.45
N ARG A 629 8.90 17.76 -34.62
CA ARG A 629 10.22 17.42 -34.12
C ARG A 629 10.83 16.33 -35.00
N GLY A 630 9.98 15.44 -35.52
CA GLY A 630 10.41 14.35 -36.38
C GLY A 630 11.05 13.21 -35.59
N VAL A 631 12.28 12.85 -35.95
CA VAL A 631 12.98 11.77 -35.30
C VAL A 631 13.44 12.25 -33.92
N TYR A 632 13.84 13.53 -33.86
CA TYR A 632 14.25 14.17 -32.61
C TYR A 632 13.11 14.10 -31.60
N SER A 633 13.46 13.80 -30.34
CA SER A 633 12.52 13.78 -29.23
C SER A 633 11.66 12.51 -29.26
N GLY A 634 11.95 11.62 -30.21
CA GLY A 634 11.31 10.32 -30.28
C GLY A 634 12.10 9.25 -29.54
N ALA A 635 12.03 8.00 -30.03
CA ALA A 635 12.73 6.88 -29.42
C ALA A 635 13.42 6.05 -30.49
N LEU A 636 14.60 5.52 -30.16
CA LEU A 636 15.39 4.72 -31.09
C LEU A 636 15.90 3.48 -30.36
N GLY A 637 15.74 2.31 -30.99
CA GLY A 637 16.24 1.07 -30.41
C GLY A 637 15.64 -0.17 -31.08
N TRP A 638 15.57 -1.27 -30.30
CA TRP A 638 15.12 -2.56 -30.84
C TRP A 638 13.94 -3.11 -30.05
N PHE A 639 13.03 -3.76 -30.79
CA PHE A 639 12.05 -4.67 -30.23
C PHE A 639 12.43 -6.09 -30.62
N ALA A 640 12.69 -6.94 -29.63
CA ALA A 640 13.12 -8.30 -29.86
C ALA A 640 11.91 -9.21 -30.07
N LEU A 641 12.15 -10.39 -30.65
CA LEU A 641 11.11 -11.38 -30.86
C LEU A 641 10.76 -12.08 -29.54
N SER A 642 11.64 -11.95 -28.55
CA SER A 642 11.41 -12.52 -27.23
C SER A 642 10.41 -11.67 -26.43
N GLY A 643 10.10 -10.47 -26.92
CA GLY A 643 9.20 -9.56 -26.23
C GLY A 643 9.94 -8.48 -25.46
N ALA A 644 11.27 -8.60 -25.39
CA ALA A 644 12.13 -7.60 -24.77
C ALA A 644 12.28 -6.41 -25.70
N ALA A 645 12.70 -5.27 -25.13
CA ALA A 645 12.98 -4.06 -25.89
C ALA A 645 14.04 -3.24 -25.17
N ASP A 646 14.68 -2.33 -25.92
CA ASP A 646 15.64 -1.39 -25.37
C ASP A 646 15.63 -0.15 -26.24
N LEU A 647 15.15 0.97 -25.68
CA LEU A 647 14.90 2.18 -26.44
C LEU A 647 15.63 3.36 -25.77
N SER A 648 16.19 4.23 -26.62
CA SER A 648 16.81 5.47 -26.18
C SER A 648 15.90 6.64 -26.55
N ILE A 649 16.05 7.76 -25.84
CA ILE A 649 15.49 9.02 -26.29
C ILE A 649 16.39 9.58 -27.38
N VAL A 650 15.78 10.08 -28.46
CA VAL A 650 16.53 10.70 -29.53
C VAL A 650 16.85 12.14 -29.12
N ILE A 651 18.04 12.29 -28.53
CA ILE A 651 18.65 13.59 -28.30
C ILE A 651 20.08 13.51 -28.82
N ARG A 652 20.71 14.68 -29.00
N ARG A 652 20.71 14.68 -28.98
CA ARG A 652 22.09 14.78 -29.44
CA ARG A 652 22.10 14.77 -29.42
C ARG A 652 22.27 14.00 -30.74
C ARG A 652 22.27 13.99 -30.73
N THR A 653 21.39 14.29 -31.71
CA THR A 653 21.28 13.50 -32.93
C THR A 653 21.26 14.39 -34.17
N ILE A 654 21.99 13.96 -35.20
CA ILE A 654 21.90 14.55 -36.53
C ILE A 654 21.03 13.65 -37.39
N VAL A 655 20.04 14.25 -38.06
CA VAL A 655 19.29 13.60 -39.11
C VAL A 655 19.82 14.12 -40.45
N LEU A 656 20.24 13.19 -41.31
CA LEU A 656 20.89 13.55 -42.56
C LEU A 656 19.99 13.14 -43.72
N ALA A 657 19.63 14.11 -44.56
CA ALA A 657 18.76 13.87 -45.70
C ALA A 657 18.85 15.03 -46.68
N ASP A 658 18.99 14.70 -47.97
CA ASP A 658 18.83 15.64 -49.07
C ASP A 658 19.81 16.80 -48.94
N GLY A 659 21.05 16.48 -48.57
CA GLY A 659 22.15 17.43 -48.58
C GLY A 659 22.11 18.43 -47.42
N GLN A 660 21.42 18.08 -46.34
CA GLN A 660 21.40 18.93 -45.16
C GLN A 660 21.28 18.09 -43.89
N ALA A 661 21.80 18.64 -42.79
CA ALA A 661 21.78 18.01 -41.49
C ALA A 661 20.78 18.75 -40.59
N GLU A 662 19.89 18.00 -39.95
CA GLU A 662 18.94 18.54 -38.98
C GLU A 662 19.28 18.01 -37.60
N PHE A 663 19.28 18.90 -36.61
CA PHE A 663 19.44 18.48 -35.23
C PHE A 663 18.57 19.33 -34.32
N GLY A 664 17.92 18.65 -33.36
CA GLY A 664 17.13 19.31 -32.35
C GLY A 664 17.93 19.55 -31.07
N VAL A 665 17.53 20.58 -30.33
CA VAL A 665 18.10 20.91 -29.03
C VAL A 665 17.01 21.58 -28.22
N GLY A 666 17.03 21.40 -26.89
CA GLY A 666 16.00 21.95 -26.04
C GLY A 666 16.42 22.01 -24.57
N GLY A 667 15.44 22.31 -23.72
CA GLY A 667 15.66 22.43 -22.28
C GLY A 667 14.33 22.59 -21.54
N ALA A 668 14.34 22.26 -20.25
CA ALA A 668 13.16 22.41 -19.42
C ALA A 668 13.00 23.88 -19.03
N ILE A 669 11.77 24.38 -19.15
CA ILE A 669 11.40 25.70 -18.65
C ILE A 669 10.58 25.52 -17.38
N VAL A 670 10.99 26.18 -16.29
CA VAL A 670 10.28 26.16 -15.02
C VAL A 670 10.16 27.58 -14.50
N SER A 671 9.47 27.73 -13.36
CA SER A 671 9.25 29.00 -12.70
C SER A 671 10.48 29.91 -12.72
N LEU A 672 11.65 29.36 -12.35
CA LEU A 672 12.84 30.16 -12.09
C LEU A 672 13.82 30.13 -13.27
N SER A 673 13.37 29.65 -14.44
CA SER A 673 14.24 29.57 -15.61
C SER A 673 14.61 30.98 -16.10
N ASP A 674 15.92 31.25 -16.15
CA ASP A 674 16.45 32.46 -16.76
C ASP A 674 16.48 32.28 -18.27
N GLN A 675 16.03 33.30 -19.01
CA GLN A 675 15.80 33.18 -20.45
C GLN A 675 17.13 33.03 -21.18
N GLU A 676 18.10 33.88 -20.83
CA GLU A 676 19.40 33.90 -21.48
C GLU A 676 20.10 32.57 -21.26
N GLU A 677 19.96 32.03 -20.05
CA GLU A 677 20.61 30.78 -19.66
C GLU A 677 19.98 29.60 -20.39
N GLU A 678 18.64 29.60 -20.50
CA GLU A 678 17.94 28.50 -21.15
C GLU A 678 18.22 28.51 -22.65
N PHE A 679 18.51 29.69 -23.22
CA PHE A 679 18.92 29.77 -24.62
C PHE A 679 20.33 29.19 -24.79
N THR A 680 21.24 29.61 -23.91
CA THR A 680 22.62 29.13 -23.93
C THR A 680 22.67 27.61 -23.82
N GLU A 681 21.76 27.06 -23.00
CA GLU A 681 21.69 25.62 -22.79
C GLU A 681 21.50 24.90 -24.13
N THR A 682 20.60 25.42 -24.98
CA THR A 682 20.24 24.77 -26.23
C THR A 682 21.41 24.81 -27.22
N VAL A 683 22.24 25.87 -27.14
CA VAL A 683 23.38 26.00 -28.02
C VAL A 683 24.48 25.05 -27.55
N VAL A 684 24.67 24.97 -26.23
CA VAL A 684 25.65 24.08 -25.63
C VAL A 684 25.37 22.65 -26.07
N LYS A 685 24.09 22.27 -26.10
CA LYS A 685 23.69 20.91 -26.40
C LYS A 685 23.90 20.57 -27.88
N ALA A 686 24.01 21.59 -28.73
CA ALA A 686 24.23 21.40 -30.16
C ALA A 686 25.70 21.14 -30.48
N ARG A 687 26.59 21.32 -29.49
CA ARG A 687 28.01 21.48 -29.72
C ARG A 687 28.63 20.23 -30.38
N ALA A 688 28.32 19.05 -29.82
CA ALA A 688 28.83 17.79 -30.36
C ALA A 688 28.48 17.67 -31.84
N MET A 689 27.22 17.97 -32.19
CA MET A 689 26.72 17.85 -33.55
C MET A 689 27.39 18.91 -34.44
N VAL A 690 27.44 20.14 -33.95
CA VAL A 690 28.06 21.26 -34.67
C VAL A 690 29.53 20.92 -34.96
N THR A 691 30.21 20.33 -33.96
CA THR A 691 31.63 19.99 -34.10
C THR A 691 31.82 18.93 -35.18
N ALA A 692 31.06 17.82 -35.09
CA ALA A 692 31.16 16.74 -36.07
C ALA A 692 30.99 17.28 -37.49
N LEU A 693 30.05 18.22 -37.67
CA LEU A 693 29.72 18.75 -38.99
C LEU A 693 30.83 19.67 -39.50
N ASP A 694 31.57 20.32 -38.57
CA ASP A 694 32.73 21.11 -38.95
C ASP A 694 33.88 20.15 -39.28
N ARG B 15 -17.67 -6.43 2.69
CA ARG B 15 -17.81 -5.33 1.69
C ARG B 15 -16.60 -4.40 1.77
N HIS B 16 -16.61 -3.38 0.89
CA HIS B 16 -15.57 -2.37 0.85
C HIS B 16 -16.15 -1.08 0.27
N MET B 17 -15.42 0.03 0.47
CA MET B 17 -15.78 1.33 -0.08
C MET B 17 -15.55 1.31 -1.59
N ARG B 18 -16.50 1.88 -2.36
CA ARG B 18 -16.29 2.14 -3.78
C ARG B 18 -15.78 3.57 -3.93
N THR B 19 -14.52 3.69 -4.35
CA THR B 19 -13.87 4.99 -4.45
C THR B 19 -13.90 5.46 -5.89
N LEU B 20 -14.33 6.71 -6.09
CA LEU B 20 -14.37 7.33 -7.40
C LEU B 20 -13.21 8.31 -7.53
N LEU B 21 -12.37 8.11 -8.54
CA LEU B 21 -11.21 8.96 -8.78
C LEU B 21 -11.45 9.77 -10.06
N ILE B 22 -11.68 11.08 -9.89
CA ILE B 22 -11.92 11.97 -11.01
C ILE B 22 -10.59 12.30 -11.67
N ASP B 23 -10.59 12.28 -13.02
CA ASP B 23 -9.38 12.36 -13.81
C ASP B 23 -9.33 13.70 -14.54
N ASN B 24 -8.20 14.40 -14.45
CA ASN B 24 -7.97 15.64 -15.17
C ASN B 24 -6.75 15.50 -16.08
N TYR B 25 -6.99 15.04 -17.32
CA TYR B 25 -5.98 14.90 -18.36
C TYR B 25 -4.91 13.88 -17.99
N ASP B 26 -5.25 12.93 -17.10
CA ASP B 26 -4.33 11.91 -16.62
C ASP B 26 -3.00 12.55 -16.24
N SER B 27 -3.06 13.64 -15.47
CA SER B 27 -1.86 14.33 -15.04
C SER B 27 -1.15 13.52 -13.96
N PHE B 28 -1.90 13.11 -12.93
CA PHE B 28 -1.34 12.35 -11.81
C PHE B 28 -2.25 11.19 -11.41
N THR B 29 -3.23 10.87 -12.27
CA THR B 29 -4.35 10.05 -11.85
C THR B 29 -3.89 8.65 -11.48
N HIS B 30 -2.90 8.12 -12.22
CA HIS B 30 -2.50 6.73 -12.08
C HIS B 30 -1.54 6.53 -10.91
N ASN B 31 -0.87 7.60 -10.48
CA ASN B 31 -0.05 7.56 -9.28
C ASN B 31 -0.95 7.50 -8.05
N LEU B 32 -2.04 8.27 -8.09
CA LEU B 32 -3.07 8.22 -7.05
C LEU B 32 -3.73 6.85 -7.04
N PHE B 33 -3.93 6.28 -8.24
CA PHE B 33 -4.47 4.94 -8.41
C PHE B 33 -3.65 3.94 -7.60
N GLN B 34 -2.33 3.95 -7.81
CA GLN B 34 -1.43 3.01 -7.17
C GLN B 34 -1.55 3.10 -5.64
N TYR B 35 -1.49 4.32 -5.11
CA TYR B 35 -1.38 4.53 -3.68
C TYR B 35 -2.67 4.13 -2.97
N ILE B 36 -3.82 4.45 -3.58
CA ILE B 36 -5.11 4.06 -3.03
C ILE B 36 -5.19 2.53 -2.97
N GLY B 37 -4.75 1.87 -4.05
CA GLY B 37 -4.80 0.42 -4.15
C GLY B 37 -3.95 -0.27 -3.09
N GLU B 38 -2.72 0.24 -2.88
CA GLU B 38 -1.80 -0.33 -1.90
C GLU B 38 -2.28 -0.06 -0.48
N ALA B 39 -2.82 1.14 -0.26
CA ALA B 39 -3.20 1.59 1.07
C ALA B 39 -4.44 0.85 1.56
N THR B 40 -5.41 0.64 0.64
CA THR B 40 -6.73 0.17 1.00
C THR B 40 -6.97 -1.27 0.52
N GLY B 41 -6.15 -1.73 -0.43
CA GLY B 41 -6.32 -3.07 -1.01
C GLY B 41 -7.46 -3.12 -2.03
N GLN B 42 -7.85 -1.94 -2.54
CA GLN B 42 -8.96 -1.82 -3.47
C GLN B 42 -8.68 -0.68 -4.44
N PRO B 43 -8.56 -0.93 -5.76
CA PRO B 43 -8.31 0.14 -6.73
C PRO B 43 -9.56 0.96 -6.97
N PRO B 44 -9.44 2.30 -7.13
CA PRO B 44 -10.59 3.16 -7.40
C PRO B 44 -11.05 3.06 -8.85
N VAL B 45 -12.27 3.57 -9.10
CA VAL B 45 -12.81 3.66 -10.45
C VAL B 45 -12.46 5.05 -10.99
N VAL B 46 -11.82 5.09 -12.16
CA VAL B 46 -11.34 6.33 -12.76
C VAL B 46 -12.41 6.85 -13.72
N VAL B 47 -12.69 8.17 -13.65
CA VAL B 47 -13.68 8.82 -14.49
C VAL B 47 -13.20 10.23 -14.80
N PRO B 48 -13.32 10.71 -16.06
CA PRO B 48 -12.86 12.06 -16.43
C PRO B 48 -13.72 13.18 -15.81
N ASN B 49 -13.14 14.39 -15.75
CA ASN B 49 -13.79 15.54 -15.15
C ASN B 49 -14.87 16.09 -16.09
N ASP B 50 -14.95 15.55 -17.31
CA ASP B 50 -15.96 15.91 -18.30
C ASP B 50 -17.17 15.00 -18.22
N ALA B 51 -17.12 13.96 -17.37
CA ALA B 51 -18.17 12.95 -17.33
C ALA B 51 -19.49 13.59 -16.90
N ASP B 52 -20.60 12.91 -17.25
CA ASP B 52 -21.92 13.34 -16.87
C ASP B 52 -22.25 12.73 -15.50
N TRP B 53 -22.31 13.59 -14.47
CA TRP B 53 -22.43 13.16 -13.10
C TRP B 53 -23.85 12.66 -12.81
N SER B 54 -24.84 13.17 -13.56
CA SER B 54 -26.22 12.72 -13.41
C SER B 54 -26.39 11.32 -13.98
N ARG B 55 -25.78 11.06 -15.15
CA ARG B 55 -25.80 9.76 -15.79
C ARG B 55 -24.99 8.76 -14.95
N LEU B 56 -23.82 9.21 -14.47
CA LEU B 56 -22.99 8.40 -13.60
C LEU B 56 -23.76 8.08 -12.33
N PRO B 57 -23.77 6.81 -11.87
CA PRO B 57 -24.36 6.47 -10.57
C PRO B 57 -23.44 6.88 -9.42
N VAL B 58 -23.57 8.14 -8.98
CA VAL B 58 -22.78 8.64 -7.86
C VAL B 58 -23.08 7.79 -6.63
N GLU B 59 -24.30 7.22 -6.60
CA GLU B 59 -24.66 6.14 -5.70
C GLU B 59 -23.67 4.98 -5.86
N ASP B 60 -23.45 4.24 -4.76
CA ASP B 60 -22.51 3.13 -4.72
C ASP B 60 -21.12 3.68 -4.40
N PHE B 61 -20.70 4.75 -5.10
CA PHE B 61 -19.46 5.44 -4.80
C PHE B 61 -19.58 6.13 -3.44
N ASP B 62 -18.71 5.71 -2.50
CA ASP B 62 -18.78 6.13 -1.11
C ASP B 62 -17.72 7.20 -0.82
N ALA B 63 -16.80 7.42 -1.77
CA ALA B 63 -15.74 8.39 -1.58
C ALA B 63 -15.27 8.91 -2.95
N ILE B 64 -14.93 10.21 -2.99
CA ILE B 64 -14.51 10.86 -4.22
C ILE B 64 -13.14 11.49 -4.00
N VAL B 65 -12.22 11.24 -4.95
CA VAL B 65 -10.91 11.86 -4.96
C VAL B 65 -10.79 12.69 -6.24
N VAL B 66 -10.45 13.98 -6.10
CA VAL B 66 -10.38 14.89 -7.24
C VAL B 66 -8.91 15.17 -7.55
N SER B 67 -8.41 14.56 -8.63
CA SER B 67 -7.05 14.76 -9.09
C SER B 67 -6.88 16.16 -9.67
N PRO B 68 -5.68 16.77 -9.57
CA PRO B 68 -5.45 18.10 -10.14
C PRO B 68 -5.09 18.09 -11.63
N GLY B 69 -5.09 19.28 -12.24
CA GLY B 69 -4.61 19.47 -13.59
C GLY B 69 -3.17 19.99 -13.59
N PRO B 70 -2.81 20.98 -14.44
CA PRO B 70 -3.71 21.60 -15.41
C PRO B 70 -4.02 20.74 -16.63
N GLY B 71 -5.28 20.83 -17.10
CA GLY B 71 -5.71 20.22 -18.34
C GLY B 71 -6.31 21.26 -19.29
N SER B 72 -7.35 20.86 -20.02
CA SER B 72 -8.03 21.72 -20.96
C SER B 72 -8.70 22.88 -20.23
N PRO B 73 -8.58 24.13 -20.72
CA PRO B 73 -9.40 25.24 -20.23
C PRO B 73 -10.91 24.95 -20.30
N ASP B 74 -11.33 24.24 -21.35
CA ASP B 74 -12.73 23.92 -21.59
C ASP B 74 -13.24 22.93 -20.54
N ARG B 75 -12.50 21.84 -20.34
CA ARG B 75 -12.94 20.76 -19.46
C ARG B 75 -12.99 21.23 -18.00
N GLU B 76 -12.05 22.11 -17.63
CA GLU B 76 -12.01 22.70 -16.30
C GLU B 76 -13.23 23.59 -16.08
N ARG B 77 -13.62 24.32 -17.14
CA ARG B 77 -14.79 25.19 -17.09
C ARG B 77 -16.07 24.35 -16.97
N ASP B 78 -16.10 23.21 -17.65
CA ASP B 78 -17.26 22.31 -17.62
C ASP B 78 -17.45 21.74 -16.23
N PHE B 79 -16.35 21.39 -15.55
CA PHE B 79 -16.41 20.86 -14.19
C PHE B 79 -17.02 21.91 -13.26
N GLY B 80 -16.65 23.18 -13.48
CA GLY B 80 -17.14 24.29 -12.67
C GLY B 80 -18.64 24.52 -12.80
N ILE B 81 -19.13 24.40 -14.05
CA ILE B 81 -20.56 24.52 -14.35
C ILE B 81 -21.33 23.46 -13.56
N SER B 82 -20.75 22.25 -13.45
CA SER B 82 -21.41 21.13 -12.80
C SER B 82 -20.71 20.77 -11.48
N ARG B 83 -20.24 21.80 -10.75
CA ARG B 83 -19.52 21.59 -9.51
C ARG B 83 -20.43 20.99 -8.45
N ARG B 84 -21.72 21.37 -8.47
CA ARG B 84 -22.65 21.10 -7.39
C ARG B 84 -23.02 19.61 -7.34
N ALA B 85 -22.72 18.89 -8.43
CA ALA B 85 -22.88 17.44 -8.48
C ALA B 85 -21.98 16.77 -7.46
N ILE B 86 -20.80 17.36 -7.20
CA ILE B 86 -19.82 16.77 -6.29
C ILE B 86 -19.87 17.45 -4.92
N THR B 87 -20.01 18.79 -4.91
CA THR B 87 -19.88 19.57 -3.68
C THR B 87 -21.12 19.37 -2.80
N ASP B 88 -22.29 19.17 -3.42
CA ASP B 88 -23.53 18.97 -2.69
C ASP B 88 -24.07 17.56 -2.93
N SER B 89 -23.17 16.56 -2.86
CA SER B 89 -23.54 15.16 -3.09
C SER B 89 -23.65 14.40 -1.77
N GLY B 90 -22.94 14.86 -0.74
CA GLY B 90 -23.02 14.26 0.58
C GLY B 90 -21.95 13.21 0.83
N LEU B 91 -21.16 12.86 -0.20
CA LEU B 91 -20.11 11.86 -0.07
C LEU B 91 -18.82 12.53 0.39
N PRO B 92 -17.96 11.81 1.14
CA PRO B 92 -16.59 12.26 1.41
C PRO B 92 -15.83 12.58 0.12
N VAL B 93 -15.16 13.74 0.11
CA VAL B 93 -14.36 14.17 -1.03
C VAL B 93 -12.97 14.56 -0.54
N LEU B 94 -11.96 14.28 -1.36
CA LEU B 94 -10.60 14.75 -1.12
C LEU B 94 -10.09 15.43 -2.39
N GLY B 95 -9.81 16.74 -2.28
CA GLY B 95 -9.21 17.50 -3.37
C GLY B 95 -7.69 17.55 -3.24
N VAL B 96 -6.99 17.14 -4.30
CA VAL B 96 -5.55 16.97 -4.27
C VAL B 96 -4.88 18.12 -5.03
N LEU B 98 -5.32 21.47 -5.82
CA LEU B 98 -6.05 22.11 -6.90
C LEU B 98 -5.58 23.56 -7.05
N GLY B 99 -5.85 24.14 -8.22
CA GLY B 99 -5.42 25.49 -8.54
C GLY B 99 -6.45 26.54 -8.12
N HIS B 100 -6.28 27.77 -8.62
CA HIS B 100 -7.10 28.90 -8.20
C HIS B 100 -8.57 28.63 -8.49
N GLN B 101 -8.84 28.00 -9.64
CA GLN B 101 -10.21 27.74 -10.08
C GLN B 101 -10.74 26.49 -9.39
N GLY B 102 -9.91 25.43 -9.34
CA GLY B 102 -10.27 24.18 -8.68
C GLY B 102 -10.68 24.39 -7.23
N ILE B 103 -10.06 25.38 -6.57
CA ILE B 103 -10.32 25.70 -5.17
C ILE B 103 -11.62 26.50 -5.07
N ALA B 104 -11.82 27.45 -6.00
CA ALA B 104 -13.01 28.27 -6.02
C ALA B 104 -14.26 27.43 -6.23
N GLN B 105 -14.13 26.34 -7.00
CA GLN B 105 -15.25 25.48 -7.35
C GLN B 105 -15.62 24.60 -6.16
N LEU B 106 -14.63 23.89 -5.61
CA LEU B 106 -14.90 22.82 -4.65
C LEU B 106 -15.01 23.38 -3.22
N PHE B 107 -14.26 24.45 -2.93
CA PHE B 107 -14.16 24.99 -1.58
C PHE B 107 -14.73 26.40 -1.51
N GLY B 108 -14.37 27.24 -2.49
CA GLY B 108 -14.89 28.60 -2.58
C GLY B 108 -14.14 29.57 -1.68
N GLY B 109 -12.80 29.56 -1.81
CA GLY B 109 -11.93 30.43 -1.03
C GLY B 109 -11.00 31.25 -1.91
N THR B 110 -10.21 32.12 -1.28
CA THR B 110 -9.28 32.99 -1.99
C THR B 110 -7.86 32.44 -1.82
N VAL B 111 -7.06 32.56 -2.90
CA VAL B 111 -5.78 31.88 -2.99
C VAL B 111 -4.79 32.80 -3.70
N GLY B 112 -3.62 33.00 -3.08
CA GLY B 112 -2.57 33.85 -3.63
C GLY B 112 -1.27 33.08 -3.87
N LEU B 113 -0.21 33.83 -4.21
CA LEU B 113 1.10 33.27 -4.46
C LEU B 113 1.84 33.10 -3.13
N ALA B 114 2.61 32.02 -3.01
CA ALA B 114 3.26 31.66 -1.75
C ALA B 114 4.61 32.37 -1.63
N PRO B 115 5.11 32.62 -0.39
CA PRO B 115 6.42 33.24 -0.21
C PRO B 115 7.59 32.48 -0.84
N GLU B 116 7.48 31.14 -0.87
CA GLU B 116 8.41 30.27 -1.59
C GLU B 116 7.66 29.60 -2.74
N PRO B 117 7.47 30.29 -3.89
CA PRO B 117 6.53 29.85 -4.92
C PRO B 117 7.07 28.89 -5.98
N MET B 118 7.82 27.86 -5.55
CA MET B 118 8.39 26.90 -6.47
C MET B 118 7.38 25.78 -6.75
N HIS B 119 7.35 25.35 -8.02
CA HIS B 119 6.62 24.16 -8.43
C HIS B 119 7.49 22.95 -8.17
N GLY B 120 6.90 21.90 -7.59
CA GLY B 120 7.64 20.73 -7.15
C GLY B 120 8.50 21.02 -5.93
N ARG B 121 8.13 22.06 -5.17
CA ARG B 121 8.84 22.44 -3.96
C ARG B 121 8.64 21.36 -2.91
N VAL B 122 9.71 21.03 -2.19
CA VAL B 122 9.67 20.10 -1.07
C VAL B 122 9.42 20.91 0.20
N SER B 123 8.23 20.75 0.81
CA SER B 123 7.84 21.50 1.99
C SER B 123 7.80 20.60 3.22
N GLU B 124 8.02 21.21 4.39
CA GLU B 124 7.76 20.56 5.67
C GLU B 124 6.39 20.99 6.16
N VAL B 125 5.54 20.01 6.50
CA VAL B 125 4.14 20.26 6.82
C VAL B 125 3.88 19.92 8.28
N ARG B 126 3.46 20.92 9.06
CA ARG B 126 3.02 20.72 10.44
C ARG B 126 1.50 20.76 10.49
N HIS B 127 0.92 19.95 11.38
CA HIS B 127 -0.50 19.66 11.34
C HIS B 127 -1.01 19.27 12.73
N THR B 128 -2.35 19.15 12.83
CA THR B 128 -3.05 18.91 14.09
C THR B 128 -3.22 17.41 14.34
N GLY B 129 -2.88 16.59 13.34
CA GLY B 129 -2.99 15.15 13.45
C GLY B 129 -4.43 14.65 13.29
N GLU B 130 -5.25 15.44 12.59
CA GLU B 130 -6.68 15.19 12.48
C GLU B 130 -7.03 14.68 11.09
N ASP B 131 -8.05 13.80 11.04
CA ASP B 131 -8.69 13.36 9.81
C ASP B 131 -7.65 12.71 8.90
N VAL B 132 -7.27 13.37 7.80
CA VAL B 132 -6.39 12.76 6.80
C VAL B 132 -4.96 12.74 7.32
N PHE B 133 -4.68 13.54 8.37
CA PHE B 133 -3.33 13.65 8.93
C PHE B 133 -3.14 12.72 10.13
N ARG B 134 -4.10 11.82 10.39
CA ARG B 134 -4.04 10.95 11.56
C ARG B 134 -2.79 10.09 11.55
N GLY B 135 -2.02 10.13 12.66
CA GLY B 135 -0.92 9.23 12.88
C GLY B 135 0.34 9.61 12.11
N LEU B 136 0.29 10.73 11.38
CA LEU B 136 1.47 11.25 10.69
C LEU B 136 2.31 12.04 11.69
N PRO B 137 3.66 11.96 11.64
CA PRO B 137 4.51 12.86 12.41
C PRO B 137 4.36 14.30 11.89
N SER B 138 4.64 15.26 12.79
CA SER B 138 4.59 16.67 12.47
C SER B 138 5.92 17.30 12.90
N PRO B 139 6.78 17.78 11.98
CA PRO B 139 6.49 17.86 10.54
C PRO B 139 6.66 16.56 9.76
N PHE B 140 6.15 16.55 8.52
CA PHE B 140 6.47 15.52 7.54
C PHE B 140 6.69 16.19 6.18
N THR B 141 7.46 15.52 5.31
CA THR B 141 7.85 16.08 4.02
C THR B 141 6.75 15.81 2.99
N ALA B 142 6.45 16.82 2.16
CA ALA B 142 5.47 16.71 1.10
C ALA B 142 5.80 17.67 -0.03
N VAL B 143 5.50 17.25 -1.27
CA VAL B 143 5.83 18.02 -2.46
C VAL B 143 4.61 18.83 -2.88
N ARG B 144 4.83 20.14 -3.10
CA ARG B 144 3.78 21.05 -3.54
C ARG B 144 4.01 21.43 -5.00
N TYR B 145 2.98 21.22 -5.84
CA TYR B 145 3.06 21.52 -7.26
C TYR B 145 2.62 22.97 -7.52
N HIS B 146 1.35 23.28 -7.21
CA HIS B 146 0.83 24.62 -7.43
C HIS B 146 1.49 25.60 -6.45
N SER B 147 1.96 26.74 -6.98
CA SER B 147 2.53 27.81 -6.18
C SER B 147 1.42 28.72 -5.64
N LEU B 148 0.18 28.21 -5.65
CA LEU B 148 -0.99 28.91 -5.13
C LEU B 148 -1.32 28.35 -3.75
N ALA B 149 -1.58 29.25 -2.79
CA ALA B 149 -1.91 28.84 -1.43
C ALA B 149 -2.71 29.95 -0.73
N ALA B 150 -3.54 29.55 0.23
CA ALA B 150 -4.48 30.45 0.87
C ALA B 150 -3.94 30.92 2.21
N THR B 151 -4.50 32.06 2.67
CA THR B 151 -4.19 32.68 3.94
C THR B 151 -5.54 32.91 4.64
N ASP B 152 -6.27 33.93 4.17
CA ASP B 152 -7.68 34.12 4.51
C ASP B 152 -8.46 32.90 4.01
N LEU B 153 -9.17 32.25 4.93
CA LEU B 153 -10.12 31.20 4.62
C LEU B 153 -11.53 31.70 4.93
N PRO B 154 -12.55 31.35 4.11
CA PRO B 154 -13.94 31.59 4.50
C PRO B 154 -14.23 30.87 5.82
N ASP B 155 -15.20 31.40 6.58
CA ASP B 155 -15.46 30.94 7.94
C ASP B 155 -15.97 29.50 7.94
N GLU B 156 -16.35 28.99 6.76
CA GLU B 156 -16.88 27.64 6.64
C GLU B 156 -15.74 26.63 6.54
N LEU B 157 -14.53 27.11 6.25
CA LEU B 157 -13.35 26.27 6.06
C LEU B 157 -12.43 26.38 7.27
N GLU B 158 -11.90 25.23 7.71
CA GLU B 158 -11.01 25.15 8.85
C GLU B 158 -9.66 24.62 8.39
N PRO B 159 -8.52 25.26 8.77
CA PRO B 159 -7.19 24.74 8.42
C PRO B 159 -6.76 23.59 9.33
N LEU B 160 -6.06 22.61 8.74
CA LEU B 160 -5.63 21.40 9.44
C LEU B 160 -4.11 21.30 9.47
N ALA B 161 -3.42 22.06 8.61
CA ALA B 161 -1.99 21.90 8.41
C ALA B 161 -1.40 23.13 7.72
N TRP B 162 -0.10 23.36 7.93
CA TRP B 162 0.59 24.54 7.41
C TRP B 162 1.99 24.17 6.95
N SER B 163 2.53 24.99 6.03
CA SER B 163 3.85 24.77 5.48
C SER B 163 4.90 25.46 6.34
N ASP B 164 6.18 25.25 5.98
CA ASP B 164 7.29 25.95 6.62
C ASP B 164 7.35 27.40 6.13
N ASP B 165 6.67 27.72 5.02
CA ASP B 165 6.62 29.09 4.53
C ASP B 165 5.26 29.71 4.83
N GLY B 166 4.56 29.17 5.84
CA GLY B 166 3.44 29.84 6.48
C GLY B 166 2.20 29.97 5.59
N VAL B 167 1.78 28.87 4.97
CA VAL B 167 0.54 28.84 4.20
C VAL B 167 -0.18 27.52 4.50
N VAL B 168 -1.47 27.47 4.12
CA VAL B 168 -2.34 26.37 4.50
C VAL B 168 -2.06 25.18 3.58
N MET B 169 -1.73 24.03 4.18
CA MET B 169 -1.39 22.82 3.45
C MET B 169 -2.54 21.81 3.53
N GLY B 170 -3.49 22.02 4.44
CA GLY B 170 -4.66 21.17 4.57
C GLY B 170 -5.84 21.93 5.16
N LEU B 171 -7.06 21.54 4.76
CA LEU B 171 -8.27 22.17 5.26
C LEU B 171 -9.43 21.19 5.22
N ARG B 172 -10.54 21.57 5.89
CA ARG B 172 -11.79 20.84 5.80
C ARG B 172 -12.96 21.82 5.92
N HIS B 173 -14.09 21.45 5.31
CA HIS B 173 -15.35 22.14 5.50
C HIS B 173 -15.93 21.68 6.84
N ARG B 174 -16.50 22.61 7.61
CA ARG B 174 -16.84 22.36 9.00
C ARG B 174 -18.05 21.43 9.13
N GLU B 175 -18.84 21.32 8.06
CA GLU B 175 -20.11 20.60 8.10
C GLU B 175 -20.05 19.39 7.16
N LYS B 176 -19.73 19.66 5.89
CA LYS B 176 -19.75 18.64 4.84
C LYS B 176 -18.43 17.87 4.89
N PRO B 177 -18.43 16.56 4.54
CA PRO B 177 -17.20 15.77 4.56
C PRO B 177 -16.31 16.03 3.36
N LEU B 178 -15.82 17.27 3.24
CA LEU B 178 -14.88 17.65 2.19
C LEU B 178 -13.52 17.92 2.82
N TRP B 179 -12.45 17.49 2.14
CA TRP B 179 -11.09 17.70 2.59
C TRP B 179 -10.23 18.21 1.44
N GLY B 180 -9.24 19.04 1.77
CA GLY B 180 -8.28 19.53 0.80
C GLY B 180 -6.85 19.38 1.31
N VAL B 181 -5.96 18.89 0.44
CA VAL B 181 -4.54 18.89 0.70
C VAL B 181 -3.88 19.73 -0.39
N GLN B 182 -3.01 20.67 0.00
CA GLN B 182 -2.31 21.53 -0.95
C GLN B 182 -0.92 20.95 -1.20
N PHE B 183 -0.85 19.63 -1.37
CA PHE B 183 0.35 18.92 -1.76
C PHE B 183 -0.06 17.64 -2.49
N HIS B 184 0.92 16.96 -3.10
CA HIS B 184 0.68 15.67 -3.71
C HIS B 184 1.15 14.56 -2.77
N PRO B 185 0.23 13.82 -2.12
CA PRO B 185 0.60 12.67 -1.29
C PRO B 185 1.40 11.61 -2.04
N GLU B 186 1.10 11.44 -3.34
CA GLU B 186 1.57 10.32 -4.13
C GLU B 186 2.86 10.67 -4.89
N SER B 187 3.37 11.89 -4.71
CA SER B 187 4.64 12.27 -5.31
C SER B 187 5.78 11.50 -4.65
N ILE B 188 6.82 11.22 -5.45
CA ILE B 188 7.96 10.45 -5.00
C ILE B 188 8.68 11.18 -3.86
N GLY B 189 8.64 12.51 -3.87
CA GLY B 189 9.30 13.32 -2.86
C GLY B 189 8.47 13.53 -1.59
N SER B 190 7.26 12.96 -1.55
CA SER B 190 6.39 13.05 -0.38
C SER B 190 6.55 11.80 0.49
N ASP B 191 6.29 11.96 1.80
CA ASP B 191 6.24 10.87 2.75
C ASP B 191 4.79 10.66 3.22
N PHE B 192 4.49 9.44 3.65
CA PHE B 192 3.23 9.09 4.29
C PHE B 192 2.05 9.27 3.35
N GLY B 193 2.29 9.12 2.04
CA GLY B 193 1.24 9.25 1.04
C GLY B 193 0.16 8.18 1.20
N ARG B 194 0.60 6.92 1.37
CA ARG B 194 -0.30 5.79 1.51
C ARG B 194 -1.15 5.94 2.77
N GLU B 195 -0.56 6.48 3.85
CA GLU B 195 -1.28 6.65 5.10
C GLU B 195 -2.38 7.70 4.95
N ILE B 196 -2.13 8.74 4.14
CA ILE B 196 -3.10 9.81 3.94
C ILE B 196 -4.32 9.27 3.19
N MET B 197 -4.10 8.32 2.26
CA MET B 197 -5.18 7.78 1.45
C MET B 197 -5.98 6.77 2.27
N ALA B 198 -5.29 6.03 3.15
CA ALA B 198 -5.94 5.10 4.05
C ALA B 198 -6.81 5.85 5.05
N ASN B 199 -6.29 6.98 5.56
CA ASN B 199 -7.05 7.84 6.47
C ASN B 199 -8.34 8.29 5.79
N PHE B 200 -8.25 8.73 4.54
CA PHE B 200 -9.42 9.23 3.82
C PHE B 200 -10.44 8.11 3.64
N ARG B 201 -9.94 6.88 3.44
CA ARG B 201 -10.79 5.70 3.34
C ARG B 201 -11.52 5.48 4.66
N ASP B 202 -10.80 5.66 5.78
CA ASP B 202 -11.34 5.45 7.11
C ASP B 202 -12.42 6.50 7.41
N LEU B 203 -12.20 7.73 6.96
CA LEU B 203 -13.19 8.79 7.10
C LEU B 203 -14.46 8.41 6.34
N ALA B 204 -14.29 7.81 5.16
CA ALA B 204 -15.41 7.42 4.32
C ALA B 204 -16.24 6.34 5.01
N LEU B 205 -15.57 5.41 5.72
CA LEU B 205 -16.26 4.35 6.43
C LEU B 205 -17.10 4.93 7.56
N ALA B 206 -16.53 5.88 8.31
CA ALA B 206 -17.21 6.53 9.42
C ALA B 206 -18.48 7.23 8.93
N HIS B 207 -18.35 8.03 7.87
CA HIS B 207 -19.47 8.79 7.34
C HIS B 207 -20.58 7.84 6.87
N HIS B 208 -20.19 6.73 6.23
CA HIS B 208 -21.14 5.74 5.74
C HIS B 208 -21.87 5.07 6.91
N ARG B 209 -21.16 4.87 8.03
CA ARG B 209 -21.72 4.22 9.20
C ARG B 209 -22.68 5.17 9.92
N ALA B 210 -22.39 6.48 9.85
CA ALA B 210 -23.22 7.49 10.50
C ALA B 210 -24.53 7.70 9.72
N ARG B 211 -24.52 7.36 8.43
CA ARG B 211 -25.71 7.33 7.61
C ARG B 211 -26.78 6.49 8.30
N ARG B 212 -27.83 7.15 8.79
CA ARG B 212 -28.88 6.48 9.57
C ARG B 212 -29.88 5.86 8.61
N HIS B 213 -30.81 6.67 8.09
CA HIS B 213 -31.93 6.19 7.29
C HIS B 213 -32.68 5.16 8.13
N GLY B 214 -32.87 3.93 7.61
CA GLY B 214 -33.39 2.82 8.40
C GLY B 214 -34.77 3.12 8.99
N ALA B 215 -34.96 2.79 10.27
CA ALA B 215 -36.21 2.99 10.98
C ALA B 215 -36.06 4.13 11.99
N ASP B 216 -37.19 4.79 12.30
CA ASP B 216 -37.24 5.82 13.33
C ASP B 216 -36.82 5.21 14.66
N SER B 217 -36.00 5.94 15.43
CA SER B 217 -35.56 5.49 16.74
C SER B 217 -36.78 5.37 17.66
N PRO B 218 -36.98 4.22 18.32
CA PRO B 218 -38.12 4.05 19.24
C PRO B 218 -37.99 4.77 20.58
N TYR B 219 -36.81 5.38 20.85
CA TYR B 219 -36.56 6.01 22.13
C TYR B 219 -36.16 7.47 21.97
N GLU B 220 -36.21 8.21 23.09
CA GLU B 220 -35.86 9.61 23.16
C GLU B 220 -34.93 9.81 24.36
N LEU B 221 -33.62 9.90 24.09
CA LEU B 221 -32.61 9.98 25.13
C LEU B 221 -32.57 11.40 25.72
N HIS B 222 -32.65 11.48 27.05
CA HIS B 222 -32.54 12.75 27.75
C HIS B 222 -31.31 12.72 28.65
N VAL B 223 -30.62 13.87 28.71
CA VAL B 223 -29.30 13.98 29.32
C VAL B 223 -29.31 15.17 30.28
N ARG B 224 -28.73 14.96 31.46
CA ARG B 224 -28.45 16.04 32.40
C ARG B 224 -27.09 15.81 33.05
N ARG B 225 -26.28 16.87 33.08
CA ARG B 225 -25.00 16.84 33.77
C ARG B 225 -25.19 17.44 35.17
N VAL B 226 -24.44 16.90 36.14
CA VAL B 226 -24.47 17.38 37.51
C VAL B 226 -23.04 17.61 37.97
N ASP B 227 -22.71 18.85 38.33
CA ASP B 227 -21.33 19.25 38.63
C ASP B 227 -20.98 18.88 40.06
N VAL B 228 -21.11 17.57 40.37
CA VAL B 228 -20.68 17.00 41.63
C VAL B 228 -20.18 15.58 41.34
N LEU B 229 -19.28 15.09 42.18
CA LEU B 229 -18.78 13.72 42.06
C LEU B 229 -18.66 13.10 43.44
N PRO B 230 -19.69 12.33 43.89
CA PRO B 230 -19.62 11.58 45.13
C PRO B 230 -18.82 10.30 44.98
N ASP B 231 -18.55 9.66 46.12
CA ASP B 231 -17.89 8.36 46.15
C ASP B 231 -18.77 7.36 45.42
N ALA B 232 -18.15 6.55 44.55
CA ALA B 232 -18.87 5.66 43.65
C ALA B 232 -19.63 4.58 44.41
N GLU B 233 -19.04 4.09 45.52
CA GLU B 233 -19.70 3.09 46.36
C GLU B 233 -20.90 3.73 47.05
N GLU B 234 -20.79 5.01 47.39
CA GLU B 234 -21.88 5.76 47.99
C GLU B 234 -23.01 5.97 46.98
N VAL B 235 -22.66 6.10 45.70
CA VAL B 235 -23.65 6.16 44.62
C VAL B 235 -24.34 4.81 44.51
N ARG B 236 -23.58 3.72 44.66
CA ARG B 236 -24.14 2.38 44.68
C ARG B 236 -25.19 2.27 45.79
N ARG B 237 -24.83 2.71 47.00
CA ARG B 237 -25.69 2.55 48.17
C ARG B 237 -26.82 3.57 48.14
N GLY B 238 -26.55 4.77 47.61
CA GLY B 238 -27.46 5.90 47.72
C GLY B 238 -28.54 5.92 46.65
N CYS B 239 -28.18 5.51 45.43
CA CYS B 239 -29.05 5.66 44.27
C CYS B 239 -29.64 4.32 43.81
N LEU B 240 -28.95 3.22 44.09
CA LEU B 240 -29.38 1.89 43.64
C LEU B 240 -29.99 1.12 44.81
N PRO B 241 -30.81 0.08 44.56
CA PRO B 241 -31.48 -0.66 45.62
C PRO B 241 -30.57 -1.70 46.28
N GLY B 242 -30.84 -1.97 47.57
CA GLY B 242 -30.07 -2.94 48.33
C GLY B 242 -30.20 -4.35 47.75
N GLU B 243 -31.40 -4.68 47.25
CA GLU B 243 -31.64 -5.93 46.54
C GLU B 243 -32.41 -5.60 45.27
N GLY B 244 -32.29 -6.48 44.27
CA GLY B 244 -32.73 -6.21 42.91
C GLY B 244 -31.56 -6.25 41.94
N THR B 245 -31.84 -6.19 40.63
CA THR B 245 -30.81 -6.45 39.63
C THR B 245 -30.16 -5.12 39.23
N THR B 246 -28.87 -5.00 39.53
CA THR B 246 -28.13 -3.75 39.36
C THR B 246 -26.87 -4.01 38.54
N PHE B 247 -26.20 -2.91 38.16
CA PHE B 247 -24.87 -2.99 37.56
C PHE B 247 -24.04 -1.82 38.07
N TRP B 248 -22.73 -2.08 38.20
CA TRP B 248 -21.76 -1.06 38.55
C TRP B 248 -20.48 -1.33 37.76
N LEU B 249 -20.31 -0.60 36.65
CA LEU B 249 -19.06 -0.63 35.91
C LEU B 249 -18.12 0.37 36.56
N ASP B 250 -17.01 -0.16 37.09
CA ASP B 250 -16.22 0.50 38.12
C ASP B 250 -14.80 0.74 37.62
N SER B 251 -14.49 1.99 37.27
CA SER B 251 -13.12 2.42 37.08
C SER B 251 -12.50 2.68 38.45
N SER B 252 -12.19 1.59 39.16
CA SER B 252 -11.62 1.66 40.50
C SER B 252 -10.21 2.23 40.44
N SER B 253 -9.55 2.03 39.29
CA SER B 253 -8.35 2.77 38.93
C SER B 253 -8.70 3.78 37.83
N VAL B 254 -8.22 5.02 38.01
CA VAL B 254 -8.43 6.09 37.03
C VAL B 254 -7.07 6.60 36.58
N LEU B 255 -6.77 6.40 35.28
CA LEU B 255 -5.53 6.84 34.66
C LEU B 255 -5.87 7.60 33.38
N GLU B 256 -5.24 8.77 33.18
CA GLU B 256 -5.49 9.56 32.00
C GLU B 256 -5.16 8.72 30.76
N GLY B 257 -6.13 8.62 29.84
CA GLY B 257 -5.95 7.88 28.61
C GLY B 257 -6.32 6.40 28.73
N ALA B 258 -6.56 5.93 29.95
CA ALA B 258 -6.73 4.50 30.22
C ALA B 258 -8.13 4.20 30.73
N SER B 259 -8.55 4.91 31.79
CA SER B 259 -9.86 4.73 32.37
C SER B 259 -10.34 6.04 32.99
N ARG B 260 -11.62 6.38 32.79
CA ARG B 260 -12.12 7.71 33.12
C ARG B 260 -13.52 7.67 33.74
N PHE B 261 -14.36 6.69 33.36
CA PHE B 261 -15.77 6.74 33.69
C PHE B 261 -16.21 5.52 34.50
N SER B 262 -17.28 5.70 35.29
CA SER B 262 -18.01 4.61 35.92
C SER B 262 -19.49 4.72 35.58
N PHE B 263 -20.19 3.57 35.57
CA PHE B 263 -21.58 3.50 35.17
C PHE B 263 -22.37 2.63 36.15
N LEU B 264 -23.52 3.14 36.60
CA LEU B 264 -24.39 2.44 37.55
C LEU B 264 -25.85 2.59 37.11
N GLY B 265 -26.65 1.55 37.34
CA GLY B 265 -28.07 1.56 37.02
C GLY B 265 -28.78 0.29 37.50
N ASP B 266 -30.11 0.27 37.36
CA ASP B 266 -30.94 -0.83 37.85
C ASP B 266 -32.13 -1.03 36.91
N ASP B 267 -32.96 -2.04 37.22
CA ASP B 267 -34.04 -2.48 36.33
C ASP B 267 -35.37 -1.86 36.74
N ARG B 268 -35.35 -0.83 37.59
CA ARG B 268 -36.56 -0.25 38.16
C ARG B 268 -37.30 0.59 37.12
N GLY B 269 -36.58 1.10 36.11
CA GLY B 269 -37.17 1.92 35.07
C GLY B 269 -38.22 1.16 34.27
N PRO B 270 -39.19 1.86 33.63
CA PRO B 270 -40.29 1.22 32.91
C PRO B 270 -39.86 0.48 31.64
N LEU B 271 -38.84 1.00 30.96
CA LEU B 271 -38.40 0.47 29.67
C LEU B 271 -37.22 -0.49 29.84
N ALA B 272 -36.83 -0.76 31.09
CA ALA B 272 -35.74 -1.68 31.37
C ALA B 272 -36.18 -3.13 31.10
N GLU B 273 -35.21 -3.97 30.74
CA GLU B 273 -35.43 -5.40 30.56
C GLU B 273 -34.25 -6.16 31.14
N TYR B 274 -34.50 -7.37 31.66
CA TYR B 274 -33.45 -8.32 31.95
C TYR B 274 -33.52 -9.45 30.93
N LEU B 275 -32.35 -9.92 30.50
CA LEU B 275 -32.23 -10.76 29.33
C LEU B 275 -31.17 -11.83 29.59
N THR B 276 -31.46 -13.08 29.20
CA THR B 276 -30.58 -14.20 29.46
C THR B 276 -30.62 -15.19 28.30
N TYR B 277 -29.57 -16.01 28.19
CA TYR B 277 -29.44 -16.98 27.12
C TYR B 277 -28.92 -18.30 27.69
N ARG B 278 -29.33 -19.42 27.09
CA ARG B 278 -28.75 -20.73 27.37
C ARG B 278 -28.31 -21.35 26.04
N VAL B 279 -27.13 -21.99 26.06
CA VAL B 279 -26.53 -22.59 24.89
C VAL B 279 -27.25 -23.90 24.56
N ALA B 280 -27.60 -24.66 25.59
CA ALA B 280 -28.29 -25.94 25.42
C ALA B 280 -29.63 -25.74 24.71
N ASP B 281 -30.39 -24.73 25.15
CA ASP B 281 -31.70 -24.43 24.59
C ASP B 281 -31.54 -23.69 23.27
N GLY B 282 -30.80 -22.57 23.32
CA GLY B 282 -30.72 -21.64 22.21
C GLY B 282 -31.86 -20.63 22.22
N VAL B 283 -32.30 -20.26 23.43
CA VAL B 283 -33.47 -19.40 23.62
C VAL B 283 -33.05 -18.16 24.41
N VAL B 284 -33.57 -17.01 23.97
CA VAL B 284 -33.42 -15.75 24.70
C VAL B 284 -34.62 -15.60 25.62
N SER B 285 -34.38 -15.17 26.86
CA SER B 285 -35.45 -14.88 27.80
C SER B 285 -35.40 -13.40 28.17
N VAL B 286 -36.49 -12.67 27.87
CA VAL B 286 -36.55 -11.23 28.10
C VAL B 286 -37.65 -10.94 29.13
N ARG B 287 -37.23 -10.59 30.34
CA ARG B 287 -38.14 -10.14 31.39
C ARG B 287 -38.32 -8.64 31.27
N GLY B 288 -39.54 -8.21 30.93
CA GLY B 288 -39.88 -6.80 30.89
C GLY B 288 -40.24 -6.26 32.27
N SER B 289 -40.68 -5.00 32.31
CA SER B 289 -41.06 -4.33 33.54
C SER B 289 -42.36 -4.90 34.11
N ASP B 290 -43.16 -5.55 33.24
CA ASP B 290 -44.42 -6.16 33.65
C ASP B 290 -44.17 -7.24 34.70
N GLY B 291 -43.00 -7.91 34.61
CA GLY B 291 -42.73 -9.13 35.34
C GLY B 291 -42.78 -10.35 34.42
N THR B 292 -43.45 -10.16 33.28
CA THR B 292 -43.61 -11.19 32.26
C THR B 292 -42.28 -11.43 31.56
N THR B 293 -41.92 -12.71 31.40
CA THR B 293 -40.71 -13.12 30.70
C THR B 293 -41.11 -13.75 29.36
N THR B 294 -40.45 -13.32 28.28
CA THR B 294 -40.74 -13.81 26.94
C THR B 294 -39.56 -14.62 26.43
N ARG B 295 -39.85 -15.74 25.77
CA ARG B 295 -38.83 -16.68 25.32
C ARG B 295 -38.89 -16.83 23.80
N THR B 296 -38.08 -16.03 23.09
CA THR B 296 -37.93 -16.15 21.65
C THR B 296 -36.69 -16.99 21.34
N ARG B 297 -36.72 -17.71 20.22
CA ARG B 297 -35.63 -18.59 19.83
C ARG B 297 -34.91 -18.04 18.61
N ARG B 298 -33.70 -17.52 18.83
CA ARG B 298 -32.75 -17.25 17.78
C ARG B 298 -31.37 -17.09 18.40
N PRO B 299 -30.26 -17.33 17.66
CA PRO B 299 -28.91 -17.27 18.25
C PRO B 299 -28.65 -15.92 18.89
N PHE B 300 -27.81 -15.90 19.93
CA PHE B 300 -27.74 -14.75 20.82
C PHE B 300 -27.16 -13.53 20.09
N PHE B 301 -25.96 -13.70 19.51
CA PHE B 301 -25.31 -12.64 18.77
C PHE B 301 -26.23 -12.12 17.66
N ASN B 302 -27.10 -13.01 17.17
CA ASN B 302 -28.02 -12.69 16.09
C ASN B 302 -29.17 -11.84 16.62
N TYR B 303 -29.72 -12.25 17.78
CA TYR B 303 -30.77 -11.49 18.45
C TYR B 303 -30.26 -10.11 18.83
N LEU B 304 -29.05 -10.08 19.41
CA LEU B 304 -28.45 -8.85 19.91
C LEU B 304 -28.30 -7.84 18.78
N GLU B 305 -27.81 -8.29 17.63
CA GLU B 305 -27.60 -7.43 16.48
C GLU B 305 -28.91 -6.75 16.08
N GLU B 306 -29.97 -7.56 15.98
CA GLU B 306 -31.25 -7.08 15.49
C GLU B 306 -31.80 -6.02 16.44
N GLN B 307 -31.68 -6.27 17.75
CA GLN B 307 -32.20 -5.36 18.76
C GLN B 307 -31.39 -4.07 18.79
N LEU B 308 -30.07 -4.18 18.65
CA LEU B 308 -29.19 -3.02 18.60
C LEU B 308 -29.50 -2.17 17.36
N GLU B 309 -29.88 -2.84 16.27
CA GLU B 309 -30.24 -2.16 15.03
C GLU B 309 -31.63 -1.53 15.17
N ARG B 310 -32.54 -2.24 15.87
CA ARG B 310 -33.90 -1.79 16.04
C ARG B 310 -33.94 -0.59 16.98
N ARG B 311 -33.14 -0.65 18.05
CA ARG B 311 -33.21 0.32 19.15
C ARG B 311 -32.16 1.41 18.98
N ARG B 312 -31.72 1.65 17.74
CA ARG B 312 -30.60 2.53 17.46
C ARG B 312 -30.95 3.95 17.92
N VAL B 313 -30.04 4.58 18.66
CA VAL B 313 -30.20 5.96 19.12
C VAL B 313 -28.89 6.70 18.82
N PRO B 314 -28.93 7.93 18.26
CA PRO B 314 -27.70 8.66 17.95
C PRO B 314 -26.93 8.99 19.23
N VAL B 315 -25.60 9.02 19.13
CA VAL B 315 -24.77 9.42 20.25
C VAL B 315 -25.03 10.90 20.51
N ALA B 316 -25.05 11.30 21.80
CA ALA B 316 -25.19 12.69 22.17
C ALA B 316 -23.82 13.33 22.30
N PRO B 317 -23.37 14.17 21.32
CA PRO B 317 -22.00 14.69 21.33
C PRO B 317 -21.58 15.56 22.53
N GLU B 318 -22.54 15.89 23.43
CA GLU B 318 -22.24 16.64 24.64
C GLU B 318 -21.62 15.70 25.68
N LEU B 319 -21.93 14.40 25.59
CA LEU B 319 -21.35 13.38 26.44
C LEU B 319 -19.90 13.16 26.00
N PRO B 320 -18.91 13.15 26.93
CA PRO B 320 -17.54 12.80 26.57
C PRO B 320 -17.28 11.30 26.46
N PHE B 321 -18.34 10.48 26.61
CA PHE B 321 -18.25 9.04 26.48
C PHE B 321 -19.29 8.55 25.46
N GLU B 322 -19.15 7.28 25.06
CA GLU B 322 -19.93 6.75 23.94
C GLU B 322 -21.15 5.96 24.42
N PHE B 323 -21.11 5.40 25.64
CA PHE B 323 -22.24 4.67 26.18
C PHE B 323 -23.43 5.61 26.35
N ASN B 324 -24.42 5.51 25.45
CA ASN B 324 -25.61 6.34 25.49
C ASN B 324 -26.80 5.48 25.88
N LEU B 325 -26.60 4.63 26.90
CA LEU B 325 -27.55 3.59 27.30
C LEU B 325 -27.55 2.46 26.29
N GLY B 326 -28.10 1.31 26.72
CA GLY B 326 -28.03 0.07 25.97
C GLY B 326 -28.00 -1.14 26.91
N TYR B 327 -27.30 -2.20 26.49
CA TYR B 327 -27.22 -3.44 27.26
C TYR B 327 -25.92 -3.48 28.05
N VAL B 328 -26.02 -3.91 29.32
CA VAL B 328 -24.89 -4.07 30.22
C VAL B 328 -24.93 -5.49 30.80
N GLY B 329 -23.83 -6.23 30.68
CA GLY B 329 -23.80 -7.61 31.12
C GLY B 329 -22.53 -8.35 30.68
N TYR B 330 -22.65 -9.68 30.55
CA TYR B 330 -21.51 -10.53 30.24
C TYR B 330 -21.86 -11.51 29.13
N LEU B 331 -20.80 -11.95 28.42
CA LEU B 331 -20.86 -13.06 27.47
C LEU B 331 -20.06 -14.22 28.05
N GLY B 332 -20.71 -15.37 28.24
CA GLY B 332 -20.04 -16.54 28.81
C GLY B 332 -19.19 -17.26 27.77
N TYR B 333 -18.16 -17.97 28.26
CA TYR B 333 -17.20 -18.67 27.40
C TYR B 333 -17.89 -19.68 26.50
N GLU B 334 -19.00 -20.27 26.98
CA GLU B 334 -19.68 -21.35 26.29
C GLU B 334 -20.45 -20.84 25.07
N LEU B 335 -20.56 -19.51 24.91
CA LEU B 335 -21.14 -18.93 23.70
C LEU B 335 -20.23 -19.21 22.50
N LYS B 336 -19.03 -19.75 22.75
CA LYS B 336 -18.15 -20.23 21.71
C LYS B 336 -18.88 -21.18 20.76
N ALA B 337 -19.85 -21.92 21.30
CA ALA B 337 -20.65 -22.85 20.51
C ALA B 337 -21.30 -22.14 19.31
N GLU B 338 -21.46 -20.81 19.40
CA GLU B 338 -22.06 -20.02 18.33
C GLU B 338 -21.04 -19.12 17.64
N THR B 339 -19.74 -19.38 17.85
CA THR B 339 -18.69 -18.62 17.16
C THR B 339 -17.87 -19.59 16.33
N THR B 340 -16.79 -20.14 16.90
CA THR B 340 -15.95 -21.10 16.21
C THR B 340 -15.67 -22.32 17.09
N GLY B 341 -16.33 -22.40 18.26
CA GLY B 341 -16.06 -23.43 19.24
C GLY B 341 -17.07 -24.57 19.17
N ASP B 342 -17.00 -25.48 20.15
CA ASP B 342 -17.93 -26.59 20.27
C ASP B 342 -18.75 -26.42 21.56
N PRO B 343 -19.99 -26.98 21.60
CA PRO B 343 -20.75 -27.08 22.84
C PRO B 343 -20.42 -28.35 23.62
N ALA B 344 -19.23 -28.38 24.23
CA ALA B 344 -18.73 -29.55 24.93
C ALA B 344 -19.30 -29.62 26.35
N HIS B 345 -19.39 -28.47 27.03
CA HIS B 345 -19.76 -28.43 28.42
C HIS B 345 -20.79 -27.34 28.69
N ARG B 346 -21.81 -27.67 29.49
CA ARG B 346 -22.86 -26.73 29.84
C ARG B 346 -22.52 -26.01 31.14
N SER B 347 -22.63 -24.67 31.11
CA SER B 347 -22.31 -23.83 32.25
C SER B 347 -23.39 -23.95 33.31
N PRO B 348 -23.05 -23.84 34.62
CA PRO B 348 -24.06 -23.76 35.68
C PRO B 348 -24.77 -22.41 35.73
N HIS B 349 -24.19 -21.42 35.05
CA HIS B 349 -24.74 -20.07 35.01
C HIS B 349 -25.22 -19.77 33.60
N PRO B 350 -26.07 -18.72 33.41
CA PRO B 350 -26.48 -18.30 32.07
C PRO B 350 -25.27 -18.07 31.16
N ASP B 351 -25.47 -18.35 29.86
CA ASP B 351 -24.39 -18.23 28.89
C ASP B 351 -24.21 -16.78 28.48
N ALA B 352 -25.29 -15.99 28.60
CA ALA B 352 -25.21 -14.54 28.56
C ALA B 352 -26.26 -13.97 29.51
N ALA B 353 -26.03 -12.74 29.97
CA ALA B 353 -26.97 -12.04 30.83
C ALA B 353 -26.73 -10.54 30.72
N PHE B 354 -27.76 -9.78 30.31
CA PHE B 354 -27.64 -8.34 30.16
C PHE B 354 -28.86 -7.64 30.75
N LEU B 355 -28.61 -6.50 31.40
CA LEU B 355 -29.65 -5.56 31.78
C LEU B 355 -29.76 -4.52 30.67
N PHE B 356 -30.94 -4.41 30.05
CA PHE B 356 -31.20 -3.30 29.13
C PHE B 356 -31.50 -2.06 29.94
N ALA B 357 -30.53 -1.14 30.02
CA ALA B 357 -30.60 0.01 30.91
C ALA B 357 -31.28 1.18 30.21
N ASP B 358 -32.43 1.60 30.74
CA ASP B 358 -33.13 2.79 30.26
C ASP B 358 -32.75 4.00 31.11
N ARG B 359 -32.05 3.76 32.23
CA ARG B 359 -31.62 4.83 33.13
C ARG B 359 -30.25 4.46 33.67
N ALA B 360 -29.33 5.43 33.69
CA ALA B 360 -27.96 5.17 34.11
C ALA B 360 -27.31 6.44 34.67
N ILE B 361 -26.46 6.24 35.68
CA ILE B 361 -25.62 7.28 36.26
C ILE B 361 -24.21 7.08 35.72
N ALA B 362 -23.63 8.14 35.14
CA ALA B 362 -22.26 8.11 34.66
C ALA B 362 -21.40 9.05 35.51
N LEU B 363 -20.28 8.53 36.02
CA LEU B 363 -19.31 9.31 36.78
C LEU B 363 -18.14 9.66 35.88
N ASP B 364 -17.81 10.96 35.82
CA ASP B 364 -16.64 11.44 35.11
C ASP B 364 -15.55 11.76 36.12
N HIS B 365 -14.67 10.79 36.36
CA HIS B 365 -13.65 10.89 37.38
C HIS B 365 -12.59 11.93 37.00
N GLN B 366 -12.48 12.23 35.69
CA GLN B 366 -11.52 13.22 35.24
C GLN B 366 -12.02 14.62 35.59
N GLU B 367 -13.23 14.96 35.13
CA GLU B 367 -13.75 16.32 35.21
C GLU B 367 -14.52 16.55 36.50
N GLY B 368 -14.78 15.50 37.28
CA GLY B 368 -15.36 15.64 38.60
C GLY B 368 -16.85 15.97 38.55
N CYS B 369 -17.57 15.42 37.57
CA CYS B 369 -18.99 15.64 37.41
C CYS B 369 -19.70 14.32 37.10
N CYS B 370 -21.05 14.37 37.12
CA CYS B 370 -21.88 13.23 36.80
C CYS B 370 -22.71 13.54 35.55
N TYR B 371 -23.07 12.49 34.80
CA TYR B 371 -24.00 12.59 33.69
C TYR B 371 -25.13 11.58 33.90
N LEU B 372 -26.38 12.02 33.71
CA LEU B 372 -27.55 11.18 33.92
C LEU B 372 -28.24 10.94 32.57
N LEU B 373 -28.43 9.66 32.23
CA LEU B 373 -29.06 9.28 30.98
C LEU B 373 -30.40 8.61 31.27
N ALA B 374 -31.42 8.91 30.46
CA ALA B 374 -32.74 8.31 30.62
C ALA B 374 -33.46 8.26 29.27
N LEU B 375 -34.25 7.20 29.07
CA LEU B 375 -35.02 7.02 27.84
C LEU B 375 -36.50 7.25 28.13
N ASP B 376 -37.15 7.99 27.21
CA ASP B 376 -38.60 7.91 27.02
C ASP B 376 -38.85 7.21 25.68
N ARG B 377 -40.05 6.66 25.51
CA ARG B 377 -40.49 6.22 24.19
C ARG B 377 -40.77 7.46 23.35
N ARG B 378 -40.55 7.35 22.04
CA ARG B 378 -40.72 8.47 21.12
C ARG B 378 -42.18 8.91 21.14
N GLY B 379 -42.40 10.18 21.52
CA GLY B 379 -43.73 10.77 21.58
C GLY B 379 -44.42 10.56 22.93
N HIS B 380 -43.70 9.96 23.90
CA HIS B 380 -44.26 9.64 25.20
C HIS B 380 -43.43 10.27 26.32
N ASP B 381 -44.07 10.48 27.47
CA ASP B 381 -43.39 10.89 28.68
C ASP B 381 -43.50 9.74 29.69
N ASP B 382 -42.38 9.06 29.92
CA ASP B 382 -42.31 7.92 30.82
C ASP B 382 -41.57 8.32 32.09
N GLY B 383 -41.47 9.63 32.35
CA GLY B 383 -40.87 10.15 33.58
C GLY B 383 -39.34 10.11 33.55
N ALA B 384 -38.76 10.21 32.35
CA ALA B 384 -37.32 10.26 32.20
C ALA B 384 -36.78 11.53 32.84
N ARG B 385 -37.39 12.67 32.45
CA ARG B 385 -36.96 13.97 32.93
C ARG B 385 -37.17 14.09 34.44
N ALA B 386 -38.23 13.45 34.95
CA ALA B 386 -38.50 13.43 36.38
C ALA B 386 -37.39 12.69 37.12
N TRP B 387 -36.94 11.58 36.54
CA TRP B 387 -35.87 10.76 37.11
C TRP B 387 -34.55 11.54 37.10
N LEU B 388 -34.24 12.19 35.98
CA LEU B 388 -33.04 13.00 35.84
C LEU B 388 -32.98 14.04 36.95
N ARG B 389 -34.08 14.79 37.13
CA ARG B 389 -34.17 15.86 38.11
C ARG B 389 -34.03 15.29 39.52
N GLU B 390 -34.68 14.15 39.77
CA GLU B 390 -34.73 13.53 41.08
C GLU B 390 -33.35 12.99 41.45
N THR B 391 -32.75 12.22 40.54
CA THR B 391 -31.47 11.55 40.78
C THR B 391 -30.35 12.59 40.93
N ALA B 392 -30.48 13.71 40.21
CA ALA B 392 -29.52 14.80 40.32
C ALA B 392 -29.50 15.36 41.74
N GLU B 393 -30.70 15.46 42.34
CA GLU B 393 -30.85 15.95 43.70
C GLU B 393 -30.20 15.00 44.70
N THR B 394 -30.40 13.69 44.50
CA THR B 394 -29.81 12.67 45.35
C THR B 394 -28.29 12.78 45.32
N LEU B 395 -27.72 12.85 44.11
CA LEU B 395 -26.28 12.88 43.91
C LEU B 395 -25.68 14.13 44.56
N THR B 396 -26.42 15.25 44.50
CA THR B 396 -25.97 16.51 45.09
C THR B 396 -25.83 16.37 46.61
N GLY B 397 -26.85 15.80 47.25
CA GLY B 397 -26.82 15.54 48.68
C GLY B 397 -25.78 14.50 49.06
N LEU B 398 -25.57 13.52 48.17
CA LEU B 398 -24.67 12.40 48.40
C LEU B 398 -23.22 12.90 48.44
N ALA B 399 -22.91 13.87 47.59
CA ALA B 399 -21.57 14.42 47.47
C ALA B 399 -21.16 15.16 48.74
N VAL B 400 -22.15 15.64 49.51
CA VAL B 400 -21.88 16.37 50.74
C VAL B 400 -21.53 15.38 51.86
N ARG B 401 -22.22 14.23 51.89
CA ARG B 401 -21.99 13.23 52.94
C ARG B 401 -20.66 12.52 52.69
N ALA B 402 -20.35 12.31 51.40
CA ALA B 402 -19.21 11.49 51.01
C ALA B 402 -18.70 11.92 49.63
N PRO B 403 -17.85 12.98 49.55
CA PRO B 403 -17.19 13.33 48.28
C PRO B 403 -16.18 12.26 47.89
N ALA B 404 -15.70 12.33 46.63
CA ALA B 404 -14.78 11.34 46.11
C ALA B 404 -13.35 11.66 46.56
N GLY B 420 -2.78 -20.94 49.74
CA GLY B 420 -2.78 -21.00 48.26
C GLY B 420 -4.08 -20.47 47.66
N PHE B 421 -5.08 -21.35 47.53
CA PHE B 421 -6.39 -21.00 47.02
C PHE B 421 -7.34 -20.62 48.15
N GLY B 422 -6.87 -20.76 49.40
CA GLY B 422 -7.66 -20.43 50.57
C GLY B 422 -7.96 -21.67 51.39
N PRO B 423 -8.39 -21.52 52.67
CA PRO B 423 -8.44 -22.65 53.60
C PRO B 423 -9.54 -23.67 53.30
N LEU B 424 -10.64 -23.22 52.67
CA LEU B 424 -11.77 -24.10 52.35
C LEU B 424 -12.04 -24.12 50.85
N ALA B 425 -11.06 -23.72 50.03
CA ALA B 425 -11.22 -23.69 48.59
C ALA B 425 -11.02 -25.09 48.01
N ARG B 426 -11.54 -25.31 46.79
CA ARG B 426 -11.53 -26.62 46.17
C ARG B 426 -11.37 -26.45 44.66
N ALA B 427 -10.18 -26.77 44.14
CA ALA B 427 -9.90 -26.67 42.72
C ALA B 427 -10.54 -27.85 41.99
N ARG B 428 -11.04 -27.59 40.78
CA ARG B 428 -11.57 -28.63 39.92
C ARG B 428 -10.46 -29.67 39.67
N HIS B 429 -9.29 -29.17 39.27
CA HIS B 429 -8.10 -29.99 39.14
C HIS B 429 -7.13 -29.64 40.27
N ASP B 430 -6.74 -30.66 41.05
CA ASP B 430 -5.74 -30.49 42.08
C ASP B 430 -4.37 -30.37 41.41
N LYS B 431 -3.32 -30.17 42.21
CA LYS B 431 -1.99 -29.92 41.68
C LYS B 431 -1.57 -31.06 40.76
N ASP B 432 -1.68 -32.31 41.24
CA ASP B 432 -1.25 -33.48 40.49
C ASP B 432 -2.01 -33.56 39.16
N ALA B 433 -3.32 -33.31 39.19
CA ALA B 433 -4.16 -33.40 38.00
C ALA B 433 -3.82 -32.27 37.02
N TYR B 434 -3.47 -31.09 37.55
CA TYR B 434 -3.19 -29.93 36.73
C TYR B 434 -1.85 -30.10 36.01
N LEU B 435 -0.86 -30.69 36.70
CA LEU B 435 0.46 -30.94 36.11
C LEU B 435 0.34 -31.92 34.95
N LYS B 436 -0.50 -32.95 35.11
CA LYS B 436 -0.73 -33.93 34.06
C LYS B 436 -1.42 -33.30 32.86
N ARG B 437 -2.22 -32.26 33.11
CA ARG B 437 -2.98 -31.58 32.08
C ARG B 437 -2.06 -30.62 31.32
N ILE B 438 -1.04 -30.11 32.01
CA ILE B 438 0.00 -29.29 31.40
C ILE B 438 0.88 -30.18 30.53
N ASP B 439 1.19 -31.39 31.02
CA ASP B 439 1.97 -32.36 30.27
C ASP B 439 1.26 -32.63 28.95
N GLU B 440 -0.05 -32.91 29.03
CA GLU B 440 -0.88 -33.13 27.85
C GLU B 440 -0.75 -31.94 26.89
N CYS B 441 -0.78 -30.72 27.44
CA CYS B 441 -0.63 -29.50 26.66
C CYS B 441 0.75 -29.45 25.99
N LEU B 442 1.79 -29.94 26.70
CA LEU B 442 3.15 -29.89 26.18
C LEU B 442 3.35 -30.95 25.10
N LYS B 443 2.59 -32.05 25.17
CA LYS B 443 2.60 -33.06 24.11
C LYS B 443 1.88 -32.51 22.87
N GLU B 444 0.77 -31.81 23.11
CA GLU B 444 -0.04 -31.22 22.07
C GLU B 444 0.82 -30.29 21.22
N ILE B 445 1.63 -29.47 21.90
CA ILE B 445 2.48 -28.47 21.27
C ILE B 445 3.69 -29.16 20.64
N ARG B 446 4.11 -30.31 21.20
CA ARG B 446 5.15 -31.12 20.59
C ARG B 446 4.68 -31.64 19.22
N ASN B 447 3.41 -32.02 19.14
CA ASN B 447 2.86 -32.62 17.93
C ASN B 447 2.40 -31.53 16.95
N GLY B 448 2.47 -30.26 17.38
CA GLY B 448 2.20 -29.13 16.50
C GLY B 448 0.71 -28.79 16.43
N GLU B 449 -0.09 -29.40 17.32
CA GLU B 449 -1.54 -29.23 17.33
C GLU B 449 -1.92 -27.87 17.91
N SER B 450 -1.00 -27.27 18.66
CA SER B 450 -1.17 -25.91 19.16
C SER B 450 0.20 -25.24 19.29
N TYR B 451 0.22 -23.91 19.18
CA TYR B 451 1.42 -23.13 19.39
C TYR B 451 1.44 -22.55 20.80
N GLU B 452 0.25 -22.41 21.40
CA GLU B 452 0.11 -21.89 22.75
C GLU B 452 -1.29 -22.25 23.27
N ILE B 453 -1.35 -22.89 24.46
CA ILE B 453 -2.61 -23.25 25.07
C ILE B 453 -2.77 -22.46 26.37
N CYS B 454 -3.93 -21.83 26.53
CA CYS B 454 -4.27 -21.14 27.77
C CYS B 454 -5.03 -22.10 28.69
N LEU B 455 -4.27 -22.91 29.44
CA LEU B 455 -4.85 -23.87 30.35
C LEU B 455 -5.35 -23.13 31.60
N THR B 456 -6.63 -23.32 31.93
CA THR B 456 -7.25 -22.65 33.06
C THR B 456 -7.87 -23.68 33.99
N ASN B 457 -7.97 -23.32 35.28
CA ASN B 457 -8.60 -24.13 36.31
C ASN B 457 -9.81 -23.35 36.84
N MET B 458 -10.60 -24.00 37.70
CA MET B 458 -11.76 -23.38 38.31
C MET B 458 -11.81 -23.76 39.79
N VAL B 459 -11.80 -22.73 40.66
CA VAL B 459 -11.73 -22.91 42.11
C VAL B 459 -13.06 -22.48 42.72
N THR B 460 -13.58 -23.32 43.63
CA THR B 460 -14.84 -23.05 44.32
C THR B 460 -14.61 -23.05 45.82
N ALA B 461 -15.20 -22.07 46.51
CA ALA B 461 -15.12 -21.97 47.96
C ALA B 461 -16.45 -21.49 48.52
N PRO B 462 -16.90 -22.05 49.67
CA PRO B 462 -18.10 -21.55 50.35
C PRO B 462 -17.81 -20.27 51.12
N THR B 463 -18.73 -19.31 51.06
CA THR B 463 -18.55 -18.03 51.73
C THR B 463 -19.88 -17.57 52.31
N GLU B 464 -19.82 -16.82 53.41
CA GLU B 464 -21.00 -16.22 54.01
C GLU B 464 -21.10 -14.75 53.61
N ALA B 465 -20.20 -14.29 52.74
CA ALA B 465 -20.16 -12.90 52.30
C ALA B 465 -21.26 -12.65 51.28
N THR B 466 -21.77 -11.41 51.28
CA THR B 466 -22.72 -10.94 50.27
C THR B 466 -21.97 -10.07 49.26
N ALA B 467 -22.64 -9.77 48.14
CA ALA B 467 -22.00 -9.25 46.94
C ALA B 467 -21.28 -7.93 47.22
N LEU B 468 -22.00 -6.93 47.74
CA LEU B 468 -21.48 -5.57 47.80
C LEU B 468 -20.30 -5.49 48.77
N PRO B 469 -20.40 -5.98 50.04
CA PRO B 469 -19.27 -5.97 50.96
C PRO B 469 -18.02 -6.69 50.42
N LEU B 470 -18.23 -7.82 49.73
CA LEU B 470 -17.13 -8.61 49.20
C LEU B 470 -16.49 -7.88 48.01
N TYR B 471 -17.29 -7.13 47.24
CA TYR B 471 -16.77 -6.34 46.14
C TYR B 471 -16.03 -5.11 46.67
N SER B 472 -16.54 -4.54 47.77
CA SER B 472 -15.88 -3.43 48.42
C SER B 472 -14.46 -3.83 48.81
N ALA B 473 -14.33 -5.05 49.35
CA ALA B 473 -13.03 -5.61 49.71
C ALA B 473 -12.15 -5.76 48.47
N LEU B 474 -12.72 -6.32 47.40
CA LEU B 474 -11.98 -6.67 46.19
C LEU B 474 -11.42 -5.41 45.52
N ARG B 475 -12.25 -4.37 45.38
CA ARG B 475 -11.87 -3.18 44.64
C ARG B 475 -10.78 -2.42 45.39
N ALA B 476 -10.80 -2.48 46.73
CA ALA B 476 -9.75 -1.90 47.55
C ALA B 476 -8.43 -2.62 47.31
N ILE B 477 -8.48 -3.96 47.23
CA ILE B 477 -7.30 -4.80 47.05
C ILE B 477 -6.70 -4.56 45.66
N SER B 478 -7.56 -4.40 44.64
CA SER B 478 -7.11 -4.42 43.25
C SER B 478 -7.84 -3.37 42.41
N PRO B 479 -7.48 -2.07 42.55
CA PRO B 479 -7.98 -1.04 41.64
C PRO B 479 -7.59 -1.34 40.19
N VAL B 480 -8.58 -1.36 39.29
CA VAL B 480 -8.36 -1.71 37.90
C VAL B 480 -9.22 -0.82 37.00
N PRO B 481 -8.88 -0.71 35.69
CA PRO B 481 -9.72 0.04 34.74
C PRO B 481 -11.08 -0.59 34.41
N TYR B 482 -11.20 -1.92 34.57
CA TYR B 482 -12.38 -2.64 34.11
C TYR B 482 -13.03 -3.43 35.25
N GLY B 483 -13.06 -2.85 36.46
CA GLY B 483 -13.76 -3.47 37.57
C GLY B 483 -15.27 -3.46 37.35
N ALA B 484 -15.98 -4.43 37.96
CA ALA B 484 -17.41 -4.51 37.74
C ALA B 484 -18.10 -5.32 38.84
N LEU B 485 -19.27 -4.83 39.28
CA LEU B 485 -20.16 -5.60 40.12
C LEU B 485 -21.52 -5.72 39.43
N LEU B 486 -21.82 -6.92 38.93
CA LEU B 486 -23.13 -7.26 38.40
C LEU B 486 -23.88 -8.05 39.47
N GLU B 487 -25.05 -7.55 39.89
CA GLU B 487 -25.91 -8.26 40.83
C GLU B 487 -27.18 -8.68 40.09
N PHE B 488 -27.19 -9.93 39.61
CA PHE B 488 -28.30 -10.44 38.81
C PHE B 488 -29.08 -11.45 39.64
N PRO B 489 -30.29 -11.86 39.22
CA PRO B 489 -31.08 -12.86 39.95
C PRO B 489 -30.36 -14.19 40.15
N GLU B 490 -29.69 -14.67 39.09
CA GLU B 490 -29.11 -16.01 39.07
C GLU B 490 -27.72 -16.00 39.72
N LEU B 491 -27.01 -14.86 39.70
CA LEU B 491 -25.64 -14.81 40.18
C LEU B 491 -25.19 -13.37 40.41
N SER B 492 -24.04 -13.22 41.06
CA SER B 492 -23.35 -11.94 41.15
C SER B 492 -21.91 -12.09 40.65
N VAL B 493 -21.50 -11.16 39.78
CA VAL B 493 -20.18 -11.17 39.18
C VAL B 493 -19.36 -10.03 39.77
N LEU B 494 -18.20 -10.38 40.36
CA LEU B 494 -17.33 -9.43 41.03
C LEU B 494 -15.97 -9.42 40.32
N SER B 495 -15.83 -8.52 39.33
CA SER B 495 -14.67 -8.51 38.44
C SER B 495 -13.66 -7.46 38.86
N ALA B 496 -12.39 -7.87 38.90
CA ALA B 496 -11.27 -6.94 39.02
C ALA B 496 -10.36 -7.11 37.81
N SER B 497 -10.97 -7.13 36.62
CA SER B 497 -10.23 -7.31 35.37
C SER B 497 -9.53 -6.01 34.99
N PRO B 498 -8.24 -6.08 34.60
CA PRO B 498 -7.57 -4.95 33.95
C PRO B 498 -7.58 -4.98 32.41
N GLU B 499 -8.18 -6.02 31.81
CA GLU B 499 -7.93 -6.34 30.42
C GLU B 499 -9.08 -5.87 29.52
N ARG B 500 -8.71 -5.12 28.47
CA ARG B 500 -9.62 -4.67 27.44
C ARG B 500 -9.73 -5.73 26.34
N PHE B 501 -10.95 -6.25 26.14
CA PHE B 501 -11.22 -7.19 25.06
C PHE B 501 -11.42 -6.41 23.76
N LEU B 502 -12.51 -5.64 23.70
CA LEU B 502 -12.85 -4.84 22.53
C LEU B 502 -13.47 -3.52 22.97
N THR B 503 -12.83 -2.41 22.59
CA THR B 503 -13.47 -1.11 22.59
C THR B 503 -13.78 -0.75 21.14
N ILE B 504 -15.07 -0.62 20.84
CA ILE B 504 -15.52 -0.37 19.48
C ILE B 504 -16.21 0.99 19.46
N GLY B 505 -15.71 1.90 18.62
CA GLY B 505 -16.31 3.20 18.46
C GLY B 505 -17.65 3.12 17.74
N ALA B 506 -18.48 4.16 17.91
CA ALA B 506 -19.70 4.30 17.13
C ALA B 506 -19.36 4.52 15.66
N ASP B 507 -18.15 5.03 15.40
CA ASP B 507 -17.66 5.28 14.05
C ASP B 507 -17.13 4.00 13.42
N GLY B 508 -16.95 2.95 14.22
CA GLY B 508 -16.55 1.64 13.72
C GLY B 508 -15.06 1.37 13.89
N GLY B 509 -14.36 2.24 14.63
CA GLY B 509 -13.00 1.98 15.05
C GLY B 509 -12.95 0.93 16.15
N VAL B 510 -11.96 0.04 16.09
CA VAL B 510 -11.87 -1.09 17.00
C VAL B 510 -10.49 -1.11 17.65
N GLU B 511 -10.45 -1.41 18.95
CA GLU B 511 -9.20 -1.59 19.67
C GLU B 511 -9.30 -2.82 20.58
N SER B 512 -8.25 -3.63 20.58
CA SER B 512 -8.11 -4.76 21.50
C SER B 512 -6.72 -4.70 22.13
N LYS B 513 -6.65 -4.92 23.46
CA LYS B 513 -5.38 -4.89 24.17
C LYS B 513 -5.16 -6.25 24.86
N PRO B 514 -4.83 -7.32 24.10
CA PRO B 514 -4.57 -8.62 24.69
C PRO B 514 -3.41 -8.61 25.70
N ILE B 515 -3.66 -9.21 26.87
CA ILE B 515 -2.64 -9.41 27.90
C ILE B 515 -2.18 -10.86 27.82
N LYS B 516 -0.85 -11.05 27.88
CA LYS B 516 -0.27 -12.36 28.10
C LYS B 516 1.18 -12.17 28.52
N GLY B 517 1.57 -12.82 29.63
CA GLY B 517 2.82 -12.55 30.31
C GLY B 517 2.57 -11.88 31.65
N THR B 518 2.80 -12.63 32.74
CA THR B 518 2.41 -12.19 34.07
C THR B 518 3.59 -12.34 35.03
N ARG B 519 3.83 -11.30 35.84
CA ARG B 519 4.81 -11.35 36.92
C ARG B 519 4.15 -10.94 38.23
N PRO B 520 4.39 -11.69 39.32
CA PRO B 520 3.99 -11.26 40.66
C PRO B 520 4.68 -9.94 41.01
N ARG B 521 4.01 -9.12 41.83
CA ARG B 521 4.61 -7.91 42.34
C ARG B 521 5.76 -8.29 43.28
N GLY B 522 6.66 -7.35 43.53
CA GLY B 522 7.81 -7.58 44.39
C GLY B 522 7.56 -7.08 45.81
N GLY B 523 8.48 -7.41 46.72
CA GLY B 523 8.40 -6.96 48.10
C GLY B 523 8.78 -5.48 48.23
N THR B 524 9.90 -5.11 47.58
CA THR B 524 10.44 -3.76 47.65
C THR B 524 10.27 -3.08 46.30
N ALA B 525 10.60 -1.78 46.25
CA ALA B 525 10.52 -1.01 45.03
C ALA B 525 11.46 -1.59 43.97
N GLU B 526 12.70 -1.87 44.38
CA GLU B 526 13.74 -2.30 43.46
C GLU B 526 13.48 -3.71 42.97
N GLU B 527 12.81 -4.53 43.80
CA GLU B 527 12.39 -5.87 43.42
C GLU B 527 11.32 -5.77 42.32
N ASP B 528 10.42 -4.78 42.45
CA ASP B 528 9.39 -4.52 41.45
C ASP B 528 10.03 -4.22 40.10
N GLU B 529 10.94 -3.25 40.08
CA GLU B 529 11.60 -2.82 38.85
C GLU B 529 12.32 -3.99 38.19
N ARG B 530 12.78 -4.94 39.01
CA ARG B 530 13.45 -6.14 38.50
C ARG B 530 12.46 -7.04 37.76
N LEU B 531 11.28 -7.24 38.35
CA LEU B 531 10.25 -8.07 37.73
C LEU B 531 9.62 -7.34 36.54
N ARG B 532 9.58 -6.00 36.60
CA ARG B 532 9.14 -5.20 35.46
C ARG B 532 10.08 -5.46 34.28
N ALA B 533 11.39 -5.31 34.53
CA ALA B 533 12.40 -5.48 33.50
C ALA B 533 12.40 -6.91 32.96
N ASP B 534 12.15 -7.88 33.86
CA ASP B 534 12.17 -9.29 33.51
C ASP B 534 11.04 -9.59 32.53
N LEU B 535 9.81 -9.16 32.87
CA LEU B 535 8.63 -9.43 32.07
C LEU B 535 8.77 -8.87 30.66
N ALA B 536 9.34 -7.65 30.55
CA ALA B 536 9.42 -6.95 29.28
C ALA B 536 10.48 -7.58 28.38
N GLY B 537 11.50 -8.22 28.97
CA GLY B 537 12.68 -8.64 28.26
C GLY B 537 12.80 -10.15 28.06
N ARG B 538 11.95 -10.95 28.73
CA ARG B 538 12.05 -12.40 28.68
C ARG B 538 11.51 -12.91 27.35
N GLU B 539 12.35 -13.69 26.64
CA GLU B 539 12.01 -14.28 25.36
C GLU B 539 10.71 -15.08 25.47
N LYS B 540 10.61 -15.92 26.51
CA LYS B 540 9.47 -16.79 26.73
C LYS B 540 8.17 -15.99 26.67
N ASP B 541 8.08 -14.92 27.48
CA ASP B 541 6.87 -14.13 27.62
C ASP B 541 6.54 -13.41 26.31
N ARG B 542 7.56 -12.88 25.65
CA ARG B 542 7.38 -12.11 24.42
C ARG B 542 6.76 -12.99 23.34
N ALA B 543 7.17 -14.26 23.31
CA ALA B 543 6.66 -15.22 22.34
C ALA B 543 5.19 -15.53 22.63
N GLU B 544 4.86 -15.72 23.91
CA GLU B 544 3.49 -15.92 24.34
C GLU B 544 2.62 -14.78 23.82
N ASN B 545 3.03 -13.55 24.11
CA ASN B 545 2.28 -12.36 23.75
C ASN B 545 2.20 -12.25 22.23
N LEU B 546 3.34 -12.43 21.55
CA LEU B 546 3.45 -12.24 20.11
C LEU B 546 2.42 -13.10 19.38
N MET B 547 2.29 -14.37 19.78
CA MET B 547 1.43 -15.31 19.07
C MET B 547 -0.04 -14.92 19.23
N ILE B 548 -0.38 -14.35 20.39
CA ILE B 548 -1.75 -13.89 20.65
C ILE B 548 -2.04 -12.65 19.83
N VAL B 549 -1.05 -11.76 19.69
CA VAL B 549 -1.21 -10.56 18.88
C VAL B 549 -1.57 -10.98 17.46
N ASP B 550 -0.79 -11.93 16.90
CA ASP B 550 -1.04 -12.44 15.56
C ASP B 550 -2.44 -13.02 15.46
N LEU B 551 -2.89 -13.73 16.51
CA LEU B 551 -4.20 -14.35 16.52
C LEU B 551 -5.31 -13.29 16.52
N VAL B 552 -5.15 -12.26 17.36
CA VAL B 552 -6.15 -11.21 17.48
C VAL B 552 -6.20 -10.41 16.17
N ARG B 553 -5.03 -10.17 15.57
CA ARG B 553 -4.95 -9.50 14.28
C ARG B 553 -5.76 -10.25 13.23
N ASN B 554 -5.72 -11.59 13.30
CA ASN B 554 -6.40 -12.44 12.34
C ASN B 554 -7.92 -12.26 12.49
N ASP B 555 -8.38 -12.25 13.76
CA ASP B 555 -9.79 -12.10 14.05
C ASP B 555 -10.30 -10.74 13.57
N LEU B 556 -9.53 -9.69 13.84
CA LEU B 556 -9.92 -8.33 13.47
C LEU B 556 -9.94 -8.19 11.94
N ASN B 557 -8.99 -8.85 11.26
CA ASN B 557 -8.89 -8.77 9.81
C ASN B 557 -10.10 -9.40 9.13
N SER B 558 -10.75 -10.37 9.79
CA SER B 558 -11.92 -11.02 9.22
C SER B 558 -13.08 -10.03 9.09
N VAL B 559 -13.10 -8.98 9.94
CA VAL B 559 -14.22 -8.05 9.98
C VAL B 559 -13.77 -6.62 9.70
N CYS B 560 -12.46 -6.38 9.51
CA CYS B 560 -11.94 -5.04 9.33
C CYS B 560 -11.49 -4.82 7.89
N ALA B 561 -11.39 -3.54 7.50
CA ALA B 561 -10.99 -3.14 6.16
C ALA B 561 -9.49 -3.42 5.97
N ILE B 562 -9.13 -3.79 4.74
CA ILE B 562 -7.75 -4.05 4.39
C ILE B 562 -6.95 -2.76 4.61
N GLY B 563 -5.82 -2.89 5.32
CA GLY B 563 -4.95 -1.76 5.59
C GLY B 563 -5.25 -1.07 6.92
N SER B 564 -6.34 -1.49 7.60
CA SER B 564 -6.79 -0.82 8.80
C SER B 564 -6.17 -1.44 10.06
N VAL B 565 -5.89 -2.75 10.01
CA VAL B 565 -5.37 -3.44 11.19
C VAL B 565 -3.89 -3.09 11.36
N HIS B 566 -3.52 -2.62 12.56
CA HIS B 566 -2.13 -2.38 12.90
C HIS B 566 -1.92 -2.58 14.40
N VAL B 567 -0.66 -2.54 14.83
CA VAL B 567 -0.29 -2.73 16.22
C VAL B 567 0.46 -1.49 16.70
N PRO B 568 -0.23 -0.47 17.27
CA PRO B 568 0.45 0.74 17.74
C PRO B 568 1.45 0.55 18.88
N ARG B 569 1.23 -0.46 19.74
CA ARG B 569 2.12 -0.71 20.86
C ARG B 569 2.28 -2.22 21.06
N LEU B 570 3.51 -2.64 21.36
CA LEU B 570 3.86 -4.05 21.45
C LEU B 570 4.73 -4.28 22.70
N PHE B 571 4.30 -5.23 23.54
CA PHE B 571 5.06 -5.66 24.71
C PHE B 571 5.23 -4.52 25.70
N GLU B 572 4.11 -3.87 26.05
CA GLU B 572 4.10 -2.84 27.09
C GLU B 572 3.78 -3.47 28.43
N VAL B 573 4.53 -3.09 29.47
CA VAL B 573 4.28 -3.60 30.82
C VAL B 573 3.39 -2.59 31.55
N GLU B 574 2.24 -3.08 32.04
CA GLU B 574 1.36 -2.33 32.92
C GLU B 574 1.44 -2.93 34.31
N THR B 575 1.39 -2.08 35.35
CA THR B 575 1.49 -2.51 36.73
C THR B 575 0.16 -2.24 37.45
N TYR B 576 -0.30 -3.26 38.20
CA TYR B 576 -1.48 -3.14 39.05
C TYR B 576 -1.17 -3.79 40.40
N ALA B 577 -2.03 -3.52 41.39
CA ALA B 577 -1.79 -3.95 42.76
C ALA B 577 -1.38 -5.42 42.80
N PRO B 578 -2.11 -6.36 42.15
CA PRO B 578 -1.77 -7.78 42.22
C PRO B 578 -0.59 -8.27 41.38
N VAL B 579 -0.43 -7.72 40.16
CA VAL B 579 0.52 -8.27 39.21
C VAL B 579 1.01 -7.21 38.23
N HIS B 580 2.19 -7.48 37.65
CA HIS B 580 2.66 -6.85 36.42
C HIS B 580 2.17 -7.68 35.22
N GLN B 581 1.76 -7.00 34.14
CA GLN B 581 1.19 -7.65 32.98
C GLN B 581 1.85 -7.11 31.71
N LEU B 582 2.09 -8.00 30.73
CA LEU B 582 2.62 -7.60 29.44
C LEU B 582 1.46 -7.48 28.44
N VAL B 583 1.35 -6.29 27.82
CA VAL B 583 0.15 -5.90 27.11
C VAL B 583 0.54 -5.33 25.73
N SER B 584 -0.21 -5.73 24.70
CA SER B 584 -0.03 -5.23 23.34
C SER B 584 -1.36 -4.64 22.86
N THR B 585 -1.27 -3.61 22.01
CA THR B 585 -2.46 -2.91 21.51
C THR B 585 -2.63 -3.18 20.02
N ILE B 586 -3.86 -3.49 19.61
CA ILE B 586 -4.20 -3.77 18.22
C ILE B 586 -5.43 -2.95 17.87
N ARG B 587 -5.39 -2.30 16.71
CA ARG B 587 -6.50 -1.46 16.26
C ARG B 587 -6.90 -1.85 14.84
N GLY B 588 -8.13 -1.47 14.47
CA GLY B 588 -8.67 -1.72 13.14
C GLY B 588 -9.97 -0.96 12.93
N ARG B 589 -10.51 -1.02 11.71
CA ARG B 589 -11.77 -0.38 11.38
C ARG B 589 -12.67 -1.37 10.65
N LEU B 590 -13.94 -1.44 11.07
CA LEU B 590 -14.88 -2.44 10.59
C LEU B 590 -15.23 -2.20 9.13
N ARG B 591 -15.47 -3.30 8.40
CA ARG B 591 -15.92 -3.22 7.03
C ARG B 591 -17.31 -2.57 6.99
N PRO B 592 -17.74 -1.99 5.85
CA PRO B 592 -19.10 -1.47 5.73
C PRO B 592 -20.11 -2.61 5.81
N GLY B 593 -21.12 -2.45 6.68
CA GLY B 593 -22.19 -3.43 6.83
C GLY B 593 -21.93 -4.42 7.97
N THR B 594 -20.73 -4.37 8.56
CA THR B 594 -20.38 -5.21 9.70
C THR B 594 -20.80 -4.50 11.00
N SER B 595 -21.68 -5.14 11.76
CA SER B 595 -22.17 -4.57 13.01
C SER B 595 -21.15 -4.79 14.12
N THR B 596 -21.38 -4.13 15.26
CA THR B 596 -20.54 -4.27 16.43
C THR B 596 -20.65 -5.68 16.99
N ALA B 597 -21.88 -6.21 17.00
CA ALA B 597 -22.13 -7.56 17.48
C ALA B 597 -21.36 -8.58 16.65
N ALA B 598 -21.37 -8.39 15.33
CA ALA B 598 -20.68 -9.27 14.39
C ALA B 598 -19.17 -9.26 14.67
N CYS B 599 -18.62 -8.09 15.00
CA CYS B 599 -17.20 -7.97 15.33
C CYS B 599 -16.88 -8.77 16.59
N VAL B 600 -17.76 -8.67 17.60
CA VAL B 600 -17.54 -9.34 18.87
C VAL B 600 -17.62 -10.86 18.66
N ARG B 601 -18.58 -11.31 17.82
CA ARG B 601 -18.72 -12.73 17.53
C ARG B 601 -17.41 -13.29 16.97
N ALA B 602 -16.84 -12.60 15.97
CA ALA B 602 -15.66 -13.08 15.26
C ALA B 602 -14.45 -13.17 16.19
N ALA B 603 -14.42 -12.32 17.24
CA ALA B 603 -13.27 -12.22 18.12
C ALA B 603 -13.50 -12.98 19.44
N PHE B 604 -14.67 -13.61 19.59
CA PHE B 604 -15.04 -14.25 20.85
C PHE B 604 -14.95 -15.78 20.72
N PRO B 605 -14.41 -16.52 21.72
CA PRO B 605 -13.82 -15.94 22.92
C PRO B 605 -12.49 -15.26 22.64
N GLY B 606 -12.04 -14.40 23.57
CA GLY B 606 -10.79 -13.69 23.44
C GLY B 606 -9.62 -14.64 23.18
N GLY B 607 -8.78 -14.28 22.20
CA GLY B 607 -7.61 -15.06 21.86
C GLY B 607 -6.65 -15.21 23.04
N SER B 608 -6.53 -14.13 23.83
CA SER B 608 -5.69 -14.11 25.02
C SER B 608 -6.10 -15.19 26.03
N MET B 609 -7.32 -15.73 25.90
CA MET B 609 -7.86 -16.68 26.86
C MET B 609 -7.99 -18.08 26.25
N THR B 610 -7.62 -18.24 24.97
CA THR B 610 -7.72 -19.52 24.30
C THR B 610 -6.32 -20.01 23.92
N GLY B 611 -5.70 -19.34 22.95
CA GLY B 611 -4.43 -19.75 22.37
C GLY B 611 -4.51 -19.86 20.86
N ALA B 612 -3.40 -20.25 20.22
CA ALA B 612 -3.29 -20.26 18.77
C ALA B 612 -2.94 -21.65 18.27
N PRO B 613 -3.63 -22.17 17.23
CA PRO B 613 -4.81 -21.54 16.63
C PRO B 613 -6.04 -21.74 17.51
N LYS B 614 -6.95 -20.76 17.50
CA LYS B 614 -8.04 -20.68 18.47
C LYS B 614 -8.86 -21.96 18.44
N LYS B 615 -9.33 -22.36 17.25
CA LYS B 615 -10.31 -23.43 17.13
C LYS B 615 -9.75 -24.74 17.68
N ARG B 616 -8.57 -25.14 17.18
CA ARG B 616 -7.96 -26.40 17.59
C ARG B 616 -7.60 -26.34 19.07
N THR B 617 -7.14 -25.18 19.54
CA THR B 617 -6.74 -25.02 20.94
C THR B 617 -7.96 -25.08 21.85
N MET B 618 -9.14 -24.71 21.34
CA MET B 618 -10.38 -24.75 22.09
C MET B 618 -10.93 -26.17 22.18
N GLU B 619 -10.66 -26.98 21.14
CA GLU B 619 -10.97 -28.40 21.17
C GLU B 619 -10.18 -29.07 22.29
N ILE B 620 -8.91 -28.68 22.42
CA ILE B 620 -8.03 -29.24 23.43
C ILE B 620 -8.52 -28.80 24.81
N ILE B 621 -8.90 -27.52 24.92
CA ILE B 621 -9.47 -26.99 26.15
C ILE B 621 -10.68 -27.83 26.57
N ASP B 622 -11.60 -28.06 25.64
CA ASP B 622 -12.81 -28.83 25.89
C ASP B 622 -12.47 -30.16 26.56
N ARG B 623 -11.57 -30.92 25.94
CA ARG B 623 -11.25 -32.27 26.36
C ARG B 623 -10.66 -32.26 27.77
N LEU B 624 -9.70 -31.36 28.00
CA LEU B 624 -8.82 -31.44 29.15
C LEU B 624 -9.46 -30.85 30.40
N GLU B 625 -10.22 -29.76 30.26
CA GLU B 625 -10.72 -29.02 31.40
C GLU B 625 -11.88 -29.76 32.08
N GLU B 626 -12.54 -30.68 31.35
CA GLU B 626 -13.54 -31.57 31.92
C GLU B 626 -14.70 -30.81 32.53
N GLY B 627 -14.97 -29.59 32.05
CA GLY B 627 -16.02 -28.76 32.64
C GLY B 627 -16.11 -27.39 31.98
N PRO B 628 -17.19 -26.62 32.28
CA PRO B 628 -17.38 -25.29 31.69
C PRO B 628 -16.58 -24.20 32.39
N ARG B 629 -16.45 -23.03 31.74
CA ARG B 629 -15.79 -21.89 32.33
C ARG B 629 -16.83 -20.91 32.88
N GLY B 630 -17.99 -20.82 32.21
CA GLY B 630 -19.05 -19.92 32.62
C GLY B 630 -18.74 -18.49 32.21
N VAL B 631 -18.81 -17.56 33.18
CA VAL B 631 -18.59 -16.15 32.90
C VAL B 631 -17.10 -15.88 32.79
N TYR B 632 -16.28 -16.69 33.48
CA TYR B 632 -14.83 -16.61 33.40
C TYR B 632 -14.39 -16.85 31.96
N SER B 633 -13.35 -16.13 31.53
CA SER B 633 -12.78 -16.25 30.19
C SER B 633 -13.71 -15.63 29.15
N GLY B 634 -14.90 -15.16 29.58
CA GLY B 634 -15.83 -14.50 28.70
C GLY B 634 -15.54 -13.00 28.58
N ALA B 635 -16.55 -12.24 28.16
CA ALA B 635 -16.44 -10.79 28.07
C ALA B 635 -17.51 -10.13 28.93
N LEU B 636 -17.16 -8.98 29.53
CA LEU B 636 -18.07 -8.25 30.40
C LEU B 636 -17.99 -6.76 30.04
N GLY B 637 -19.14 -6.13 29.78
CA GLY B 637 -19.16 -4.71 29.46
C GLY B 637 -20.51 -4.26 28.92
N TRP B 638 -20.48 -3.28 28.00
CA TRP B 638 -21.70 -2.66 27.50
C TRP B 638 -21.73 -2.63 25.98
N PHE B 639 -22.95 -2.76 25.42
CA PHE B 639 -23.25 -2.46 24.04
C PHE B 639 -24.23 -1.29 23.98
N ALA B 640 -23.83 -0.20 23.33
CA ALA B 640 -24.62 1.03 23.33
C ALA B 640 -25.51 1.10 22.09
N LEU B 641 -26.49 2.01 22.14
CA LEU B 641 -27.48 2.20 21.08
C LEU B 641 -26.89 3.06 19.96
N SER B 642 -25.78 3.75 20.23
CA SER B 642 -25.05 4.50 19.22
C SER B 642 -24.35 3.56 18.25
N GLY B 643 -24.11 2.31 18.68
CA GLY B 643 -23.33 1.36 17.91
C GLY B 643 -22.00 1.05 18.59
N ALA B 644 -21.63 1.87 19.59
CA ALA B 644 -20.37 1.71 20.31
C ALA B 644 -20.47 0.52 21.26
N ALA B 645 -19.30 0.03 21.70
CA ALA B 645 -19.20 -1.03 22.68
C ALA B 645 -17.87 -0.92 23.42
N ASP B 646 -17.82 -1.48 24.63
CA ASP B 646 -16.62 -1.54 25.44
C ASP B 646 -16.71 -2.77 26.33
N LEU B 647 -15.80 -3.73 26.10
CA LEU B 647 -15.88 -5.05 26.73
C LEU B 647 -14.53 -5.41 27.35
N SER B 648 -14.57 -6.01 28.54
CA SER B 648 -13.38 -6.49 29.23
C SER B 648 -13.33 -8.02 29.12
N ILE B 649 -12.14 -8.59 29.39
CA ILE B 649 -11.99 -10.02 29.56
C ILE B 649 -12.21 -10.34 31.02
N VAL B 650 -12.99 -11.41 31.29
CA VAL B 650 -13.33 -11.80 32.65
C VAL B 650 -12.18 -12.63 33.23
N ILE B 651 -11.26 -11.92 33.88
CA ILE B 651 -10.20 -12.49 34.70
C ILE B 651 -10.23 -11.77 36.05
N ARG B 652 -9.59 -12.38 37.06
CA ARG B 652 -9.56 -11.85 38.41
C ARG B 652 -10.98 -11.54 38.87
N THR B 653 -11.86 -12.55 38.78
CA THR B 653 -13.29 -12.37 38.96
C THR B 653 -13.85 -13.46 39.88
N ILE B 654 -14.77 -13.04 40.77
CA ILE B 654 -15.52 -13.95 41.62
C ILE B 654 -16.96 -14.02 41.12
N VAL B 655 -17.45 -15.25 40.92
CA VAL B 655 -18.86 -15.48 40.65
C VAL B 655 -19.51 -15.92 41.97
N LEU B 656 -20.56 -15.22 42.38
CA LEU B 656 -21.19 -15.45 43.67
C LEU B 656 -22.60 -16.01 43.44
N ALA B 657 -22.85 -17.22 43.95
CA ALA B 657 -24.13 -17.88 43.75
C ALA B 657 -24.31 -19.01 44.76
N ASP B 658 -25.42 -18.97 45.50
CA ASP B 658 -25.84 -20.04 46.41
C ASP B 658 -24.82 -20.20 47.55
N GLY B 659 -24.24 -19.09 48.01
CA GLY B 659 -23.22 -19.12 49.04
C GLY B 659 -21.93 -19.80 48.58
N GLN B 660 -21.74 -19.91 47.25
CA GLN B 660 -20.54 -20.45 46.66
C GLN B 660 -19.80 -19.30 45.97
N ALA B 661 -18.46 -19.33 46.03
CA ALA B 661 -17.63 -18.35 45.34
C ALA B 661 -16.72 -19.06 44.34
N GLU B 662 -17.04 -18.91 43.05
CA GLU B 662 -16.25 -19.49 41.97
C GLU B 662 -15.31 -18.44 41.40
N PHE B 663 -14.04 -18.81 41.17
CA PHE B 663 -13.11 -17.97 40.42
C PHE B 663 -12.19 -18.85 39.58
N GLY B 664 -11.95 -18.41 38.33
CA GLY B 664 -11.08 -19.10 37.41
C GLY B 664 -9.70 -18.45 37.34
N VAL B 665 -8.67 -19.28 37.09
CA VAL B 665 -7.29 -18.83 36.97
C VAL B 665 -6.60 -19.72 35.93
N GLY B 666 -5.52 -19.20 35.33
CA GLY B 666 -4.80 -19.94 34.30
C GLY B 666 -3.48 -19.29 33.90
N GLY B 667 -2.92 -19.76 32.79
CA GLY B 667 -1.65 -19.28 32.26
C GLY B 667 -1.31 -19.91 30.91
N ALA B 668 -0.41 -19.26 30.17
CA ALA B 668 -0.03 -19.70 28.85
C ALA B 668 0.88 -20.92 28.94
N ILE B 669 0.53 -21.98 28.20
CA ILE B 669 1.40 -23.13 28.04
C ILE B 669 2.01 -23.08 26.63
N VAL B 670 3.35 -22.97 26.58
CA VAL B 670 4.12 -23.02 25.35
C VAL B 670 5.18 -24.10 25.52
N SER B 671 5.99 -24.34 24.48
CA SER B 671 6.94 -25.45 24.47
C SER B 671 8.02 -25.26 25.55
N LEU B 672 8.31 -24.01 25.91
CA LEU B 672 9.34 -23.68 26.88
C LEU B 672 8.81 -23.80 28.32
N SER B 673 7.52 -24.13 28.49
CA SER B 673 6.85 -24.00 29.77
C SER B 673 7.25 -25.12 30.72
N ASP B 674 7.71 -24.72 31.92
CA ASP B 674 7.83 -25.63 33.05
C ASP B 674 6.43 -25.81 33.67
N GLN B 675 6.15 -27.01 34.19
CA GLN B 675 4.84 -27.33 34.70
C GLN B 675 4.61 -26.60 36.03
N GLU B 676 5.54 -26.77 36.97
CA GLU B 676 5.39 -26.29 38.32
C GLU B 676 5.33 -24.76 38.37
N GLU B 677 6.06 -24.10 37.46
CA GLU B 677 6.04 -22.65 37.40
C GLU B 677 4.67 -22.17 36.93
N GLU B 678 4.05 -22.94 36.02
CA GLU B 678 2.78 -22.57 35.40
C GLU B 678 1.61 -22.88 36.34
N PHE B 679 1.80 -23.84 37.25
CA PHE B 679 0.81 -24.09 38.30
C PHE B 679 0.88 -22.98 39.33
N THR B 680 2.10 -22.64 39.75
CA THR B 680 2.34 -21.56 40.70
C THR B 680 1.76 -20.25 40.16
N GLU B 681 1.81 -20.08 38.84
CA GLU B 681 1.27 -18.90 38.18
C GLU B 681 -0.23 -18.80 38.44
N THR B 682 -0.93 -19.94 38.44
CA THR B 682 -2.37 -19.96 38.67
C THR B 682 -2.69 -19.57 40.11
N VAL B 683 -1.78 -19.90 41.04
CA VAL B 683 -1.94 -19.55 42.44
C VAL B 683 -1.75 -18.04 42.61
N VAL B 684 -0.76 -17.47 41.92
CA VAL B 684 -0.42 -16.06 42.04
C VAL B 684 -1.57 -15.20 41.51
N LYS B 685 -2.26 -15.68 40.46
CA LYS B 685 -3.32 -14.90 39.84
C LYS B 685 -4.57 -14.92 40.72
N ALA B 686 -4.55 -15.70 41.82
CA ALA B 686 -5.69 -15.86 42.70
C ALA B 686 -5.59 -14.95 43.92
N ARG B 687 -4.41 -14.38 44.18
CA ARG B 687 -4.18 -13.53 45.36
C ARG B 687 -5.40 -12.64 45.66
N ALA B 688 -5.81 -11.84 44.66
CA ALA B 688 -6.84 -10.84 44.83
C ALA B 688 -8.14 -11.48 45.31
N MET B 689 -8.60 -12.50 44.59
CA MET B 689 -9.88 -13.15 44.86
C MET B 689 -9.87 -13.84 46.22
N VAL B 690 -8.72 -14.45 46.55
CA VAL B 690 -8.58 -15.21 47.78
C VAL B 690 -8.47 -14.26 48.98
N THR B 691 -7.74 -13.15 48.80
CA THR B 691 -7.59 -12.16 49.85
C THR B 691 -8.94 -11.52 50.19
N ALA B 692 -9.77 -11.31 49.17
CA ALA B 692 -11.06 -10.65 49.34
C ALA B 692 -12.06 -11.58 50.03
N LEU B 693 -12.06 -12.86 49.62
CA LEU B 693 -12.89 -13.88 50.24
C LEU B 693 -12.46 -14.09 51.70
N ASP B 694 -11.19 -13.78 52.00
CA ASP B 694 -10.70 -13.70 53.36
C ASP B 694 -10.68 -12.23 53.78
#